data_8KI9
#
_entry.id   8KI9
#
_cell.length_a   1.00
_cell.length_b   1.00
_cell.length_c   1.00
_cell.angle_alpha   90.00
_cell.angle_beta   90.00
_cell.angle_gamma   90.00
#
_symmetry.space_group_name_H-M   'P 1'
#
_entity_poly.entity_id   1
_entity_poly.type   'polypeptide(L)'
_entity_poly.pdbx_seq_one_letter_code
;VFFSHWTSKYKERNPTEIAYSEDIERIIDSLVTDEITKEEIIHFLFGNFCFHIETMNDQHIADKFKGYQSSCINLKIEPK
VDLADLKDHLIQKQQIWESLYGKHLEKIMLRIREKKKKEKEIPDITTAFNQNAAEYEEKYPNCFTNDLSETKTNFSMTWS
PSFEKIELSSEVDYNNAIINKFRESFKSSSRVIYNSPYSTNKARDITNLVRLCLTELSCLTRNKNEFCMKETGRENKTIY
FKGLAVMNIHMKKLIRHDNEDSLSWCERIKDSLFVLHNGDIREEGKITSVYNNYAKNPECLYIQDSVLKTELETCKKINK
LCNDLAIYHYSEDMMQFSKGLMVADRYMTKESFKILTTANTSMMLLAFKSGVPYIALHIVDEDMSDQFNICYTKEIYSYF
RNGSNYIYIMRPQRLNQVRLLSLFKTPSKVPVCFAQFSKKANEMEKWLKNKDIEKVNVFSMTMTVKQILINIVFSSVMIG
TVTKLSRMGIFDFMRYAGFLPLSDYSNIKEYIRDKFDPDITNVADIYFVNGIKKLLFRMEDLDIIGGITDLNIKCPITGS
TLLTLEDLYNNVYLAIYMMPKSLHNHVHNLTSLLNVPAEWELKFRKELGFNIFEDIYPKKAMFDDKDLFSINGALNVKAL
SDYYLGNIENVGLMRSEIENKEDFLSPCYKISTLKSSKKCSQSNIISTDEIIECLQNAKIQDIENWKGNNLAIIKGLIRT
YNEEKNRLVEFFEDNCVNSLYLVEKLKEIINSGSITVGKSVTSKFIRNNHPLTVETYLKTKLYYRNNVTVLKSKKVSEEL
YDLVKQFHNMMEIDLDSVMNLGKGTEGKKHTFLQMLEFVMSKAKNVTGSVDFLVSVYLMSMKVKMMLYFIEHTFKHVAQS
DPSEAISISGDNKIRALSTLSLDTITSYNDILNKNSKKSRLAFLSADQSKWSASDLTYKYVLAIILNPILTTGEASLMIE
CILMYVKLKKVCIPTDIFLNLRKAQGTFGQNETAIGLLTKGLTTNTYPVSMNWLQGNLNYLSSVYHSCAMKAYHKTLECY
KDCDFQTRWIVHSDDNATSLIASGEVDKMLTDFSSSSLPEMLFRSIEAHFKSFCITLNPKKSYASSSEVEFISERIVNGA
IIPLYCRHLANCCTESSHISYFDDLMSLSIHVTMLLRKGCPNEVIPFAYGAVQVQALSIYSMLPGEVNDSIRIFKKLGVS
LKSNEIPTNMGGWLTSPIEPLSILGPSSNDQIIYYNVIRDFLNKKSLEEVKDSVSSSSYLQMRFRELKGKYEKGTLEEKD
KKMIFLINLFEKATMLTQIIKLPNFINENALNKMSSYKDFSKLYPNLKKNIASSLEMESVHDIMIKNPETILIAPLNDRD
FLLSQLFMYTSPSKRNQLSNQSTEKLALDRVLRSKARTKMTYEENMEKKILEMLKFDLDSYCSFKTCVNLVIKDVNFSML
IPILDSAYPCESRKRDNYNFRWFQTEKWIPVVEGSPGLVVMHAVYGSNYIENLGLKNIPLTDDSINVLTSTFGTGLIMED
YCSFKTCVNLVIKDVNFSMLIPILDSAYPCESRKRDNYNFRWFQTEKWIPVVEGSPGLVVMHAVYGSNYIENLGLKNIPL
TDDSINVLTSTFGTGLIMEDVKSLVKGKDSFETEAFSNSNECQRLVKACNYMIAAQNRLLAINTCFTRKSFPFYSKFNLG
RGFISNTLALLSTIYSKEESYHFVSTASYKLDKTIRTVVSAQQDMNLEKILDTAVYISDKLQSLFPTITREDIVLILQNV
CLDSKPIWQSLEDKMKKINNSTASGFTVSNVILSHNSELNTIQKQIVWMWNMGLCSHRTLDFVIRYIRRRDVRYVKTEEQ
DESGNYVSGTMYKIGIMTRSCYVELIASDQDVAVSLRTPFEILNEREYLFDTYRESIEKLLAEIMFDKVNIINQTTTDCF
LRTRRSCIRMTTDNKMIVKVNATSRQIRLENVKLVVKIKYENVDVWDIIESQKSTIKTIKNRLMTSLTFIEAFGNLSQQI
KEIVDDDIRETMDEFLMNIRDTCLEGLENCKSVEEYDSYLDENGFNDTVELFENLLRTHDNFENEYSPLFSEIVDKAKQY
TRDLEGFKEILLMLKYSLINDASKSYRATGMHAVELMAKKHIEIGEFNLLGMIQLIKACETCHNNDSILNLASLRNVLSR
TYATFGRRIRLDHDLDLQNNLMEKSYDFKTLVLPEIKLSELSREILKENGFVISGENLKMDRSDEEFVGLASFNVLRLDE
EEMYEGLIKEMKIKRKKKGFLFPANTLLLSELIKFLIGGIKGTSFDIETLLRNSFRPDIFSTDRLGRLSSSVPALKVYAT
VYMEYKNVNCPLNEIADSLEGYLKLTKSRSKEHFLSGRVKKALIQLRDEQSRTKKLEVYKDIANFLARHPLCLSEKTLYG
RYTYSDINDYIMQTREIILSKISELDEVVETDEDNFLLSYL
;
_entity_poly.pdbx_strand_id   A
#
# COMPACT_ATOMS: atom_id res chain seq x y z
N VAL A 1 38.31 5.89 2.19
CA VAL A 1 38.03 5.26 0.91
C VAL A 1 36.80 5.89 0.25
N PHE A 2 36.51 5.45 -0.98
CA PHE A 2 35.38 5.84 -1.81
C PHE A 2 35.36 7.33 -2.15
N PHE A 3 36.49 8.02 -1.98
CA PHE A 3 36.69 9.43 -2.32
C PHE A 3 35.67 10.33 -1.59
N SER A 4 35.80 10.35 -0.27
CA SER A 4 34.90 11.13 0.56
C SER A 4 35.11 12.62 0.33
N HIS A 5 34.02 13.32 0.02
CA HIS A 5 34.06 14.74 -0.30
C HIS A 5 33.72 15.57 0.92
N TRP A 6 34.09 16.83 0.87
CA TRP A 6 33.76 17.77 1.94
C TRP A 6 32.61 18.63 1.44
N THR A 7 31.39 18.26 1.80
CA THR A 7 30.20 18.90 1.23
C THR A 7 29.75 20.12 2.04
N SER A 8 30.72 20.98 2.33
CA SER A 8 30.50 22.22 3.06
C SER A 8 31.76 23.06 2.93
N LYS A 9 31.64 24.33 3.33
CA LYS A 9 32.80 25.20 3.50
C LYS A 9 32.99 25.57 4.97
N TYR A 10 32.33 24.85 5.88
CA TYR A 10 32.43 25.07 7.31
C TYR A 10 33.48 24.18 7.96
N LYS A 11 34.57 23.91 7.26
CA LYS A 11 35.61 23.01 7.76
C LYS A 11 36.30 23.56 9.00
N GLU A 12 36.41 24.87 9.12
CA GLU A 12 37.11 25.47 10.25
C GLU A 12 36.20 25.79 11.43
N ARG A 13 34.89 25.55 11.31
CA ARG A 13 33.97 25.91 12.36
C ARG A 13 33.92 24.84 13.45
N ASN A 14 33.35 25.20 14.59
CA ASN A 14 33.27 24.33 15.76
C ASN A 14 31.85 24.37 16.29
N PRO A 15 31.28 23.22 16.68
CA PRO A 15 29.93 23.23 17.28
C PRO A 15 29.84 23.93 18.62
N THR A 16 30.96 24.10 19.32
CA THR A 16 30.95 24.68 20.66
C THR A 16 31.40 26.13 20.59
N GLU A 17 30.51 27.04 20.97
CA GLU A 17 30.73 28.44 21.33
C GLU A 17 31.08 29.33 20.12
N ILE A 18 31.34 28.73 18.95
CA ILE A 18 31.42 29.50 17.71
C ILE A 18 30.03 29.69 17.10
N ALA A 19 29.07 28.84 17.45
CA ALA A 19 27.69 29.04 17.06
C ALA A 19 27.08 30.23 17.80
N TYR A 20 25.87 30.60 17.40
CA TYR A 20 25.24 31.82 17.91
C TYR A 20 24.83 31.69 19.37
N SER A 21 24.17 30.61 19.75
CA SER A 21 23.57 30.51 21.07
C SER A 21 24.60 30.15 22.13
N GLU A 22 24.31 30.56 23.36
CA GLU A 22 25.12 30.29 24.53
C GLU A 22 24.44 29.24 25.41
N ASP A 23 23.88 28.22 24.79
CA ASP A 23 23.02 27.28 25.49
C ASP A 23 23.73 26.02 25.93
N ILE A 24 24.88 25.69 25.33
CA ILE A 24 25.53 24.42 25.62
C ILE A 24 26.08 24.37 27.03
N GLU A 25 26.59 25.49 27.55
CA GLU A 25 27.18 25.49 28.88
C GLU A 25 26.13 25.34 29.96
N ARG A 26 24.92 25.87 29.76
CA ARG A 26 23.87 25.64 30.74
C ARG A 26 23.28 24.25 30.63
N ILE A 27 23.36 23.62 29.46
CA ILE A 27 23.08 22.18 29.37
C ILE A 27 24.10 21.40 30.20
N ILE A 28 25.37 21.79 30.10
CA ILE A 28 26.41 21.14 30.91
C ILE A 28 26.17 21.39 32.39
N ASP A 29 25.74 22.59 32.75
CA ASP A 29 25.41 22.92 34.14
C ASP A 29 24.23 22.10 34.65
N SER A 30 23.22 21.89 33.82
CA SER A 30 22.08 21.08 34.24
C SER A 30 22.43 19.60 34.27
N LEU A 31 23.43 19.19 33.52
CA LEU A 31 23.79 17.78 33.41
C LEU A 31 24.88 17.32 34.38
N VAL A 32 25.43 18.20 35.23
CA VAL A 32 26.38 17.72 36.23
C VAL A 32 25.63 17.27 37.48
N THR A 33 25.85 16.01 37.86
CA THR A 33 25.33 15.40 39.06
C THR A 33 26.45 15.31 40.10
N ASP A 34 26.19 14.56 41.17
CA ASP A 34 27.25 14.22 42.12
C ASP A 34 28.33 13.40 41.42
N GLU A 35 29.57 13.63 41.86
CA GLU A 35 30.81 12.98 41.42
C GLU A 35 31.13 13.18 39.92
N ILE A 36 30.35 13.99 39.21
CA ILE A 36 30.62 14.34 37.83
C ILE A 36 30.65 15.86 37.73
N THR A 37 31.77 16.40 37.24
CA THR A 37 31.98 17.84 37.15
C THR A 37 31.86 18.28 35.69
N LYS A 38 32.20 19.55 35.45
CA LYS A 38 32.08 20.15 34.12
C LYS A 38 33.03 19.48 33.13
N GLU A 39 34.30 19.30 33.52
CA GLU A 39 35.34 18.88 32.60
C GLU A 39 35.11 17.44 32.13
N GLU A 40 34.69 16.56 33.04
CA GLU A 40 34.50 15.16 32.70
C GLU A 40 33.32 14.96 31.76
N ILE A 41 32.20 15.66 32.01
CA ILE A 41 31.05 15.52 31.13
C ILE A 41 31.31 16.18 29.78
N ILE A 42 32.10 17.27 29.76
CA ILE A 42 32.48 17.89 28.48
C ILE A 42 33.35 16.93 27.67
N HIS A 43 34.29 16.26 28.34
CA HIS A 43 35.16 15.28 27.69
C HIS A 43 34.36 14.11 27.13
N PHE A 44 33.39 13.60 27.91
CA PHE A 44 32.61 12.46 27.43
C PHE A 44 31.71 12.86 26.27
N LEU A 45 31.01 14.00 26.41
CA LEU A 45 30.10 14.52 25.40
C LEU A 45 30.78 14.77 24.06
N PHE A 46 31.96 15.38 24.08
CA PHE A 46 32.61 15.70 22.80
C PHE A 46 33.85 14.86 22.55
N GLY A 47 33.96 13.70 23.20
CA GLY A 47 34.99 12.75 22.82
C GLY A 47 34.51 11.31 22.80
N ASN A 48 33.20 11.09 22.90
CA ASN A 48 32.69 9.73 22.72
C ASN A 48 32.64 9.29 21.25
N PHE A 49 33.06 10.15 20.32
CA PHE A 49 33.10 9.78 18.91
C PHE A 49 34.13 8.72 18.61
N CYS A 50 35.09 8.49 19.51
CA CYS A 50 36.24 7.64 19.25
C CYS A 50 35.89 6.17 19.14
N PHE A 51 34.65 5.78 19.44
CA PHE A 51 34.19 4.43 19.14
C PHE A 51 34.09 4.17 17.65
N HIS A 52 34.03 5.22 16.83
CA HIS A 52 33.97 5.10 15.38
C HIS A 52 35.20 5.80 14.79
N ILE A 53 36.30 5.05 14.72
CA ILE A 53 37.50 5.52 14.03
C ILE A 53 37.92 4.59 12.91
N GLU A 54 37.69 3.28 13.04
CA GLU A 54 38.21 2.30 12.10
C GLU A 54 37.51 2.35 10.74
N THR A 55 36.36 3.00 10.65
CA THR A 55 35.56 3.06 9.44
C THR A 55 35.41 4.49 8.98
N MET A 56 36.52 5.23 8.97
CA MET A 56 36.53 6.62 8.53
C MET A 56 37.90 6.95 7.95
N ASN A 57 37.91 7.90 7.03
CA ASN A 57 39.16 8.36 6.46
C ASN A 57 39.92 9.23 7.45
N ASP A 58 41.21 9.43 7.16
CA ASP A 58 42.10 10.06 8.11
C ASP A 58 41.83 11.55 8.24
N GLN A 59 41.38 12.19 7.17
CA GLN A 59 41.14 13.63 7.22
C GLN A 59 39.90 13.96 8.05
N HIS A 60 38.87 13.11 7.98
CA HIS A 60 37.68 13.33 8.79
C HIS A 60 37.98 13.17 10.28
N ILE A 61 38.76 12.16 10.65
CA ILE A 61 39.09 12.00 12.05
C ILE A 61 40.10 13.05 12.49
N ALA A 62 40.89 13.60 11.57
CA ALA A 62 41.73 14.75 11.89
C ALA A 62 40.88 15.99 12.14
N ASP A 63 39.81 16.16 11.37
CA ASP A 63 38.88 17.26 11.58
C ASP A 63 38.18 17.12 12.93
N LYS A 64 37.77 15.91 13.26
CA LYS A 64 37.14 15.66 14.56
C LYS A 64 38.12 15.91 15.71
N PHE A 65 39.39 15.51 15.55
CA PHE A 65 40.37 15.73 16.61
C PHE A 65 40.67 17.22 16.79
N LYS A 66 40.77 17.97 15.69
CA LYS A 66 41.07 19.39 15.84
C LYS A 66 39.85 20.15 16.37
N GLY A 67 38.63 19.69 16.02
CA GLY A 67 37.45 20.24 16.66
C GLY A 67 37.39 19.91 18.13
N TYR A 68 37.85 18.72 18.52
CA TYR A 68 37.89 18.32 19.91
C TYR A 68 38.83 19.20 20.71
N GLN A 69 40.04 19.44 20.18
CA GLN A 69 40.98 20.27 20.91
C GLN A 69 40.56 21.74 20.92
N SER A 70 39.91 22.22 19.85
CA SER A 70 39.39 23.58 19.85
C SER A 70 38.24 23.74 20.82
N SER A 71 37.39 22.71 20.93
CA SER A 71 36.27 22.75 21.87
C SER A 71 36.76 22.72 23.31
N CYS A 72 37.80 21.92 23.58
CA CYS A 72 38.37 21.91 24.93
C CYS A 72 39.04 23.23 25.26
N ILE A 73 39.80 23.80 24.31
CA ILE A 73 40.53 25.04 24.57
C ILE A 73 39.56 26.21 24.76
N ASN A 74 38.52 26.27 23.94
CA ASN A 74 37.63 27.43 23.93
C ASN A 74 36.76 27.45 25.19
N LEU A 75 36.41 26.29 25.72
CA LEU A 75 35.57 26.18 26.90
C LEU A 75 36.37 26.20 28.22
N LYS A 76 37.63 26.64 28.18
CA LYS A 76 38.53 26.71 29.34
C LYS A 76 38.69 25.36 30.04
N ILE A 77 38.91 24.32 29.24
CA ILE A 77 39.13 22.97 29.72
C ILE A 77 40.50 22.51 29.24
N GLU A 78 41.21 21.77 30.08
CA GLU A 78 42.50 21.23 29.68
C GLU A 78 42.30 20.16 28.61
N PRO A 79 42.88 20.32 27.43
CA PRO A 79 42.66 19.31 26.37
C PRO A 79 43.59 18.12 26.52
N LYS A 80 43.19 17.02 25.88
CA LYS A 80 44.00 15.82 25.81
C LYS A 80 44.41 15.62 24.36
N VAL A 81 45.71 15.73 24.08
CA VAL A 81 46.21 15.62 22.71
C VAL A 81 46.68 14.20 22.44
N ASP A 82 47.08 13.50 23.50
CA ASP A 82 47.58 12.14 23.33
C ASP A 82 46.42 11.16 23.18
N LEU A 83 46.77 9.93 22.81
CA LEU A 83 45.78 8.89 22.57
C LEU A 83 45.63 7.91 23.73
N ALA A 84 46.73 7.58 24.42
CA ALA A 84 46.65 6.63 25.53
C ALA A 84 45.91 7.24 26.71
N ASP A 85 46.21 8.50 27.06
CA ASP A 85 45.50 9.18 28.13
C ASP A 85 44.04 9.43 27.76
N LEU A 86 43.78 9.72 26.48
CA LEU A 86 42.41 9.85 26.02
C LEU A 86 41.63 8.55 26.16
N LYS A 87 42.24 7.43 25.78
CA LYS A 87 41.59 6.13 25.89
C LYS A 87 41.36 5.75 27.35
N ASP A 88 42.33 6.04 28.21
CA ASP A 88 42.18 5.76 29.64
C ASP A 88 41.07 6.61 30.25
N HIS A 89 41.02 7.89 29.86
CA HIS A 89 39.98 8.78 30.34
C HIS A 89 38.61 8.31 29.89
N LEU A 90 38.48 7.92 28.61
CA LEU A 90 37.19 7.47 28.12
C LEU A 90 36.78 6.10 28.65
N ILE A 91 37.73 5.24 29.03
CA ILE A 91 37.25 3.97 29.59
C ILE A 91 36.83 4.12 31.05
N GLN A 92 37.51 4.96 31.85
CA GLN A 92 36.89 5.29 33.15
C GLN A 92 35.61 6.11 33.01
N LYS A 93 35.48 6.91 31.95
CA LYS A 93 34.20 7.60 31.76
C LYS A 93 33.08 6.67 31.32
N GLN A 94 33.35 5.64 30.51
CA GLN A 94 32.30 4.69 30.21
C GLN A 94 31.97 3.83 31.43
N GLN A 95 32.95 3.64 32.33
CA GLN A 95 32.68 2.94 33.58
C GLN A 95 31.77 3.75 34.50
N ILE A 96 32.04 5.05 34.65
CA ILE A 96 31.18 5.86 35.52
C ILE A 96 29.83 6.15 34.86
N TRP A 97 29.79 6.30 33.53
CA TRP A 97 28.56 6.61 32.82
C TRP A 97 27.65 5.40 32.66
N GLU A 98 28.20 4.19 32.66
CA GLU A 98 27.37 3.00 32.71
C GLU A 98 26.84 2.72 34.11
N SER A 99 27.36 3.40 35.12
CA SER A 99 26.86 3.29 36.49
C SER A 99 25.79 4.35 36.77
N LEU A 100 24.78 4.40 35.90
CA LEU A 100 23.71 5.38 36.01
C LEU A 100 22.32 4.77 35.87
N TYR A 101 22.19 3.56 35.31
CA TYR A 101 20.88 2.94 35.15
C TYR A 101 20.28 2.51 36.47
N GLY A 102 21.11 2.30 37.50
CA GLY A 102 20.58 1.96 38.82
C GLY A 102 19.80 3.09 39.45
N LYS A 103 20.32 4.31 39.35
CA LYS A 103 19.65 5.48 39.91
C LYS A 103 18.33 5.75 39.18
N HIS A 104 18.34 5.65 37.85
CA HIS A 104 17.11 5.85 37.09
C HIS A 104 16.10 4.73 37.34
N LEU A 105 16.58 3.51 37.54
CA LEU A 105 15.68 2.40 37.86
C LEU A 105 15.02 2.60 39.22
N GLU A 106 15.80 3.04 40.22
CA GLU A 106 15.23 3.36 41.52
C GLU A 106 14.24 4.52 41.43
N LYS A 107 14.56 5.52 40.60
CA LYS A 107 13.67 6.66 40.43
C LYS A 107 12.39 6.26 39.72
N ILE A 108 12.44 5.30 38.80
CA ILE A 108 11.21 4.95 38.11
C ILE A 108 10.33 4.02 38.95
N MET A 109 10.90 3.12 39.78
CA MET A 109 9.98 2.47 40.72
C MET A 109 9.46 3.46 41.78
N LEU A 110 10.24 4.49 42.11
CA LEU A 110 9.76 5.54 43.00
C LEU A 110 8.56 6.26 42.38
N ARG A 111 8.65 6.56 41.09
CA ARG A 111 7.55 7.21 40.40
C ARG A 111 6.35 6.28 40.24
N ILE A 112 6.58 4.98 40.02
CA ILE A 112 5.46 4.04 39.94
C ILE A 112 4.76 3.88 41.30
N ARG A 113 5.53 3.89 42.41
CA ARG A 113 4.87 3.74 43.71
C ARG A 113 4.09 5.01 44.07
N GLU A 114 4.59 6.19 43.70
CA GLU A 114 3.78 7.38 43.97
C GLU A 114 2.62 7.51 42.98
N LYS A 115 2.69 6.86 41.82
CA LYS A 115 1.55 6.80 40.91
C LYS A 115 0.55 5.72 41.30
N LYS A 116 0.94 4.77 42.17
CA LYS A 116 0.03 3.72 42.60
C LYS A 116 -1.10 4.27 43.45
N LYS A 117 -0.80 5.23 44.32
CA LYS A 117 -1.82 5.81 45.18
C LYS A 117 -2.56 6.90 44.41
N LYS A 118 -3.39 7.67 45.14
CA LYS A 118 -4.18 8.83 44.68
C LYS A 118 -5.11 8.51 43.50
N GLU A 119 -5.36 7.23 43.23
CA GLU A 119 -6.24 6.81 42.15
C GLU A 119 -7.37 5.96 42.72
N LYS A 120 -8.52 5.98 42.06
CA LYS A 120 -9.69 5.23 42.49
C LYS A 120 -10.26 4.45 41.31
N GLU A 121 -10.97 3.38 41.64
CA GLU A 121 -11.52 2.47 40.65
C GLU A 121 -13.02 2.32 40.85
N ILE A 122 -13.69 1.86 39.80
CA ILE A 122 -15.14 1.67 39.79
C ILE A 122 -15.43 0.18 39.75
N PRO A 123 -16.43 -0.32 40.50
CA PRO A 123 -16.72 -1.76 40.45
C PRO A 123 -17.23 -2.26 39.10
N ASP A 124 -18.24 -1.61 38.52
CA ASP A 124 -18.82 -2.12 37.27
C ASP A 124 -19.13 -0.96 36.34
N ILE A 125 -19.56 -1.33 35.12
CA ILE A 125 -19.83 -0.37 34.07
C ILE A 125 -21.05 0.47 34.41
N THR A 126 -22.09 -0.16 34.95
CA THR A 126 -23.32 0.56 35.29
C THR A 126 -23.07 1.60 36.37
N THR A 127 -22.29 1.23 37.39
CA THR A 127 -21.92 2.19 38.42
C THR A 127 -21.06 3.31 37.86
N ALA A 128 -20.23 3.00 36.84
CA ALA A 128 -19.49 4.05 36.16
C ALA A 128 -20.43 5.04 35.49
N PHE A 129 -21.50 4.54 34.86
CA PHE A 129 -22.48 5.44 34.25
C PHE A 129 -23.23 6.26 35.28
N ASN A 130 -23.62 5.65 36.41
CA ASN A 130 -24.31 6.40 37.47
C ASN A 130 -23.40 7.48 38.06
N GLN A 131 -22.12 7.16 38.24
CA GLN A 131 -21.21 8.09 38.86
C GLN A 131 -20.85 9.23 37.90
N ASN A 132 -20.77 8.92 36.60
CA ASN A 132 -20.58 9.96 35.60
C ASN A 132 -21.80 10.88 35.52
N ALA A 133 -23.00 10.28 35.60
CA ALA A 133 -24.23 11.08 35.59
C ALA A 133 -24.32 11.95 36.84
N ALA A 134 -23.84 11.43 37.98
CA ALA A 134 -23.77 12.23 39.19
C ALA A 134 -22.83 13.41 39.03
N GLU A 135 -21.65 13.18 38.44
CA GLU A 135 -20.71 14.28 38.23
C GLU A 135 -21.29 15.33 37.30
N TYR A 136 -21.97 14.90 36.23
CA TYR A 136 -22.59 15.87 35.34
C TYR A 136 -23.77 16.56 36.02
N GLU A 137 -24.39 15.90 37.00
CA GLU A 137 -25.49 16.53 37.74
C GLU A 137 -25.00 17.66 38.63
N GLU A 138 -23.94 17.42 39.42
CA GLU A 138 -23.41 18.59 40.14
C GLU A 138 -22.57 19.52 39.26
N LYS A 139 -22.24 19.15 38.03
CA LYS A 139 -21.60 20.10 37.13
C LYS A 139 -22.58 21.19 36.68
N TYR A 140 -23.76 20.79 36.24
CA TYR A 140 -24.80 21.71 35.78
C TYR A 140 -26.14 21.14 36.21
N PRO A 141 -27.00 21.96 36.82
CA PRO A 141 -28.35 21.49 37.18
C PRO A 141 -29.29 21.59 35.98
N ASN A 142 -30.57 21.28 36.25
CA ASN A 142 -31.68 21.36 35.28
C ASN A 142 -31.43 20.47 34.06
N CYS A 143 -31.32 19.16 34.32
CA CYS A 143 -31.16 18.16 33.27
C CYS A 143 -31.64 16.82 33.82
N PHE A 144 -31.34 15.75 33.09
CA PHE A 144 -31.73 14.36 33.40
C PHE A 144 -33.25 14.28 33.42
N THR A 145 -33.88 13.96 34.55
CA THR A 145 -35.33 13.77 34.77
C THR A 145 -35.94 12.64 33.94
N ASN A 146 -37.17 12.27 34.27
CA ASN A 146 -37.86 11.16 33.63
C ASN A 146 -38.89 11.59 32.62
N ASP A 147 -38.98 12.89 32.31
CA ASP A 147 -39.98 13.36 31.36
C ASP A 147 -39.48 13.12 29.94
N LEU A 148 -40.18 12.24 29.22
CA LEU A 148 -39.81 11.90 27.85
C LEU A 148 -40.58 12.69 26.81
N SER A 149 -41.64 13.39 27.20
CA SER A 149 -42.54 14.02 26.25
C SER A 149 -42.06 15.38 25.79
N GLU A 150 -40.95 15.87 26.33
CA GLU A 150 -40.48 17.22 26.03
C GLU A 150 -39.43 17.22 24.92
N THR A 151 -39.08 16.06 24.39
CA THR A 151 -37.94 15.94 23.49
C THR A 151 -38.32 16.32 22.05
N LYS A 152 -37.29 16.35 21.20
CA LYS A 152 -37.39 16.77 19.81
C LYS A 152 -37.67 15.58 18.91
N THR A 153 -37.48 15.76 17.61
CA THR A 153 -37.65 14.70 16.62
C THR A 153 -36.63 13.59 16.83
N ASN A 154 -37.12 12.34 16.85
CA ASN A 154 -36.27 11.19 17.11
C ASN A 154 -35.69 10.56 15.85
N PHE A 155 -36.51 10.36 14.81
CA PHE A 155 -36.06 9.62 13.63
C PHE A 155 -35.38 10.57 12.64
N SER A 156 -34.24 11.09 13.11
CA SER A 156 -33.41 12.07 12.41
C SER A 156 -34.22 13.29 12.00
N MET A 157 -34.32 13.50 10.69
CA MET A 157 -34.72 14.79 10.16
C MET A 157 -35.69 14.71 9.00
N THR A 158 -35.76 13.61 8.25
CA THR A 158 -36.64 13.49 7.10
C THR A 158 -37.72 12.45 7.35
N TRP A 159 -38.80 12.55 6.58
CA TRP A 159 -39.87 11.57 6.59
C TRP A 159 -40.31 11.30 5.16
N SER A 160 -40.62 10.04 4.86
CA SER A 160 -41.00 9.64 3.51
C SER A 160 -41.86 8.39 3.61
N PRO A 161 -43.17 8.52 3.42
CA PRO A 161 -44.05 7.35 3.47
C PRO A 161 -44.34 6.77 2.09
N SER A 162 -44.70 5.49 2.09
CA SER A 162 -45.11 4.83 0.86
C SER A 162 -46.59 5.07 0.59
N PHE A 163 -46.96 4.99 -0.68
CA PHE A 163 -48.33 5.28 -1.09
C PHE A 163 -48.93 4.14 -1.91
N ASN A 175 -45.84 15.64 -12.43
CA ASN A 175 -45.30 16.65 -11.53
C ASN A 175 -46.39 17.56 -10.98
N ASN A 176 -46.98 18.38 -11.84
CA ASN A 176 -48.04 19.30 -11.41
C ASN A 176 -49.33 18.58 -11.07
N ALA A 177 -49.51 17.34 -11.54
CA ALA A 177 -50.69 16.56 -11.17
C ALA A 177 -50.68 16.22 -9.68
N ILE A 178 -49.50 16.02 -9.11
CA ILE A 178 -49.38 15.72 -7.69
C ILE A 178 -49.84 16.90 -6.84
N ILE A 179 -49.37 18.10 -7.17
CA ILE A 179 -49.78 19.25 -6.37
C ILE A 179 -51.21 19.66 -6.70
N ASN A 180 -51.70 19.32 -7.89
CA ASN A 180 -53.13 19.47 -8.16
C ASN A 180 -53.97 18.55 -7.28
N LYS A 181 -53.50 17.31 -7.09
CA LYS A 181 -54.14 16.38 -6.16
C LYS A 181 -54.10 16.91 -4.73
N PHE A 182 -52.95 17.48 -4.35
CA PHE A 182 -52.82 18.05 -3.01
C PHE A 182 -53.80 19.21 -2.81
N ARG A 183 -53.93 20.08 -3.80
CA ARG A 183 -54.78 21.24 -3.61
C ARG A 183 -56.26 20.89 -3.75
N GLU A 184 -56.58 19.81 -4.46
CA GLU A 184 -57.97 19.39 -4.38
C GLU A 184 -58.27 18.61 -3.10
N SER A 185 -57.23 18.15 -2.39
CA SER A 185 -57.47 17.47 -1.12
C SER A 185 -57.47 18.39 0.10
N PHE A 186 -56.73 19.50 0.06
CA PHE A 186 -56.65 20.42 1.21
C PHE A 186 -57.85 21.35 1.37
N LYS A 187 -59.00 21.13 0.74
CA LYS A 187 -60.15 22.00 1.00
C LYS A 187 -61.03 21.41 2.12
N SER A 188 -60.45 21.38 3.32
CA SER A 188 -61.15 20.90 4.50
C SER A 188 -60.56 21.60 5.74
N SER A 189 -61.03 21.21 6.92
CA SER A 189 -60.65 21.78 8.22
C SER A 189 -59.54 20.94 8.85
N SER A 190 -59.29 21.12 10.15
CA SER A 190 -58.13 20.46 10.76
C SER A 190 -58.41 20.06 12.22
N ARG A 191 -57.79 18.96 12.63
CA ARG A 191 -57.68 18.51 14.02
C ARG A 191 -56.25 18.66 14.51
N VAL A 192 -56.08 18.58 15.84
CA VAL A 192 -54.77 18.63 16.49
C VAL A 192 -54.72 17.52 17.53
N ILE A 193 -53.73 16.62 17.43
CA ILE A 193 -53.53 15.53 18.37
C ILE A 193 -52.04 15.44 18.72
N TYR A 194 -51.75 15.31 20.02
CA TYR A 194 -50.38 15.37 20.54
C TYR A 194 -50.11 14.14 21.41
N ASN A 195 -48.93 14.13 22.05
CA ASN A 195 -48.54 13.11 23.02
C ASN A 195 -49.08 13.42 24.41
N SER A 196 -48.67 14.58 24.95
CA SER A 196 -49.03 15.07 26.27
C SER A 196 -49.57 16.48 26.10
N PRO A 197 -50.42 16.95 27.02
CA PRO A 197 -51.05 18.27 26.85
C PRO A 197 -50.03 19.41 26.86
N TYR A 198 -50.09 20.23 25.82
CA TYR A 198 -49.21 21.37 25.65
C TYR A 198 -49.93 22.64 26.11
N SER A 199 -49.26 23.78 25.93
CA SER A 199 -49.85 25.08 26.21
C SER A 199 -49.42 26.03 25.11
N THR A 200 -50.24 27.07 24.90
CA THR A 200 -50.18 28.05 23.80
C THR A 200 -49.79 27.40 22.47
N ASN A 201 -50.69 26.52 22.01
CA ASN A 201 -50.45 25.59 20.92
C ASN A 201 -50.06 26.29 19.63
N LYS A 202 -48.83 26.05 19.18
CA LYS A 202 -48.30 26.63 17.96
C LYS A 202 -48.56 25.77 16.73
N ALA A 203 -49.18 24.60 16.89
CA ALA A 203 -49.57 23.78 15.75
C ALA A 203 -50.66 24.45 14.94
N ARG A 204 -51.51 25.24 15.59
CA ARG A 204 -52.55 25.99 14.91
C ARG A 204 -51.94 27.05 13.98
N ASP A 205 -50.86 27.69 14.42
CA ASP A 205 -50.17 28.67 13.58
C ASP A 205 -49.51 28.01 12.37
N ILE A 206 -48.97 26.81 12.53
CA ILE A 206 -48.36 26.10 11.41
C ILE A 206 -49.44 25.63 10.43
N THR A 207 -50.59 25.20 10.95
CA THR A 207 -51.72 24.85 10.09
C THR A 207 -52.24 26.06 9.33
N ASN A 208 -52.27 27.22 10.00
CA ASN A 208 -52.62 28.47 9.33
C ASN A 208 -51.60 28.83 8.27
N LEU A 209 -50.32 28.55 8.53
CA LEU A 209 -49.26 28.86 7.57
C LEU A 209 -49.39 28.02 6.32
N VAL A 210 -49.62 26.70 6.47
CA VAL A 210 -49.75 25.84 5.30
C VAL A 210 -51.06 26.14 4.57
N ARG A 211 -52.13 26.49 5.31
CA ARG A 211 -53.39 26.89 4.70
C ARG A 211 -53.22 28.14 3.84
N LEU A 212 -52.54 29.16 4.39
CA LEU A 212 -52.31 30.40 3.65
C LEU A 212 -51.42 30.17 2.45
N CYS A 213 -50.30 29.46 2.62
CA CYS A 213 -49.35 29.35 1.53
C CYS A 213 -49.78 28.35 0.47
N LEU A 214 -50.86 27.58 0.69
CA LEU A 214 -51.23 26.67 -0.37
C LEU A 214 -52.62 26.93 -0.96
N THR A 215 -53.55 27.59 -0.25
CA THR A 215 -54.90 27.76 -0.79
C THR A 215 -55.00 28.69 -1.99
N GLU A 216 -54.48 29.90 -1.88
CA GLU A 216 -54.78 30.93 -2.86
C GLU A 216 -53.57 31.44 -3.62
N LEU A 217 -52.35 31.17 -3.18
CA LEU A 217 -51.19 31.81 -3.75
C LEU A 217 -50.29 30.85 -4.52
N SER A 218 -50.82 29.70 -4.92
CA SER A 218 -50.09 28.78 -5.79
C SER A 218 -50.79 28.75 -7.15
N CYS A 219 -50.48 29.75 -7.98
CA CYS A 219 -50.85 29.74 -9.39
C CYS A 219 -49.74 30.24 -10.31
N LEU A 220 -48.80 31.04 -9.82
CA LEU A 220 -47.71 31.59 -10.60
C LEU A 220 -46.39 31.22 -9.93
N THR A 221 -45.38 30.94 -10.75
CA THR A 221 -44.15 30.34 -10.26
C THR A 221 -42.96 30.99 -10.94
N ARG A 222 -41.95 31.34 -10.16
CA ARG A 222 -40.69 31.89 -10.69
C ARG A 222 -39.66 30.76 -10.78
N ASN A 223 -39.09 30.60 -11.98
CA ASN A 223 -38.08 29.58 -12.29
C ASN A 223 -38.58 28.16 -12.01
N LYS A 224 -39.88 27.94 -12.22
CA LYS A 224 -40.54 26.63 -12.34
C LYS A 224 -40.60 25.82 -11.04
N ASN A 225 -39.99 26.29 -9.95
CA ASN A 225 -40.15 25.57 -8.69
C ASN A 225 -40.30 26.43 -7.45
N GLU A 226 -39.98 27.73 -7.48
CA GLU A 226 -40.06 28.59 -6.32
C GLU A 226 -40.94 29.78 -6.63
N PHE A 227 -41.26 30.56 -5.61
CA PHE A 227 -42.02 31.79 -5.78
C PHE A 227 -41.89 32.68 -4.56
N CYS A 228 -42.04 33.99 -4.80
CA CYS A 228 -42.00 35.03 -3.80
C CYS A 228 -43.41 35.53 -3.49
N MET A 229 -43.52 36.31 -2.42
CA MET A 229 -44.79 36.89 -2.03
C MET A 229 -44.58 38.36 -1.70
N LYS A 230 -45.36 39.22 -2.34
CA LYS A 230 -45.20 40.66 -2.12
C LYS A 230 -46.52 41.37 -1.81
N GLU A 231 -47.62 40.98 -2.44
CA GLU A 231 -48.87 41.75 -2.38
C GLU A 231 -50.03 40.86 -1.94
N THR A 232 -50.28 40.81 -0.63
CA THR A 232 -51.52 40.26 -0.07
C THR A 232 -52.04 41.24 0.97
N GLY A 233 -53.11 40.85 1.65
CA GLY A 233 -53.66 41.68 2.71
C GLY A 233 -52.83 41.63 3.97
N ARG A 234 -53.15 42.54 4.90
CA ARG A 234 -52.36 42.68 6.12
C ARG A 234 -52.53 41.49 7.05
N GLU A 235 -53.68 40.81 7.02
CA GLU A 235 -53.86 39.64 7.87
C GLU A 235 -53.08 38.44 7.33
N ASN A 236 -52.86 38.40 6.01
CA ASN A 236 -52.03 37.35 5.43
C ASN A 236 -50.58 37.50 5.88
N LYS A 237 -50.07 38.74 5.86
CA LYS A 237 -48.75 39.01 6.41
C LYS A 237 -48.71 38.77 7.91
N THR A 238 -49.83 38.99 8.61
CA THR A 238 -49.87 38.77 10.04
C THR A 238 -49.71 37.28 10.38
N ILE A 239 -50.50 36.42 9.73
CA ILE A 239 -50.38 34.99 10.00
C ILE A 239 -49.09 34.43 9.41
N TYR A 240 -48.58 35.04 8.34
CA TYR A 240 -47.29 34.66 7.78
C TYR A 240 -46.16 34.92 8.76
N PHE A 241 -46.12 36.12 9.35
CA PHE A 241 -45.10 36.45 10.34
C PHE A 241 -45.32 35.70 11.63
N LYS A 242 -46.56 35.31 11.94
CA LYS A 242 -46.80 34.45 13.09
C LYS A 242 -46.18 33.07 12.88
N GLY A 243 -46.37 32.50 11.69
CA GLY A 243 -45.71 31.25 11.34
C GLY A 243 -44.19 31.37 11.33
N LEU A 244 -43.68 32.54 10.93
CA LEU A 244 -42.25 32.80 11.05
C LEU A 244 -41.80 32.88 12.50
N ALA A 245 -42.63 33.44 13.37
CA ALA A 245 -42.29 33.54 14.79
C ALA A 245 -42.36 32.18 15.47
N VAL A 246 -43.07 31.22 14.88
CA VAL A 246 -43.02 29.85 15.41
C VAL A 246 -41.63 29.25 15.21
N MET A 247 -40.91 29.67 14.18
CA MET A 247 -39.68 29.01 13.75
C MET A 247 -38.50 29.22 14.69
N ASN A 248 -38.60 28.75 15.94
CA ASN A 248 -37.52 28.77 16.92
C ASN A 248 -37.78 27.77 18.05
N ILE A 249 -36.96 26.73 18.15
CA ILE A 249 -37.09 25.71 19.19
C ILE A 249 -35.71 25.46 19.79
N HIS A 250 -35.63 25.48 21.12
CA HIS A 250 -34.37 25.27 21.83
C HIS A 250 -34.60 24.36 23.03
N MET A 251 -33.60 23.56 23.35
CA MET A 251 -33.71 22.54 24.40
C MET A 251 -32.33 22.25 24.98
N LYS A 252 -32.28 21.96 26.29
CA LYS A 252 -31.06 21.41 26.89
C LYS A 252 -31.47 20.52 28.07
N LYS A 253 -31.71 19.24 27.76
CA LYS A 253 -31.99 18.15 28.71
C LYS A 253 -31.09 16.96 28.40
N LEU A 254 -31.42 15.79 28.96
CA LEU A 254 -30.71 14.54 28.67
C LEU A 254 -31.56 13.37 29.14
N ILE A 255 -31.68 12.34 28.31
CA ILE A 255 -32.38 11.13 28.68
C ILE A 255 -31.38 10.12 29.23
N ARG A 256 -31.62 9.64 30.45
CA ARG A 256 -30.63 8.89 31.19
C ARG A 256 -30.48 7.46 30.66
N HIS A 257 -29.42 6.80 31.12
CA HIS A 257 -29.03 5.46 30.68
C HIS A 257 -29.82 4.36 31.35
N ASP A 258 -30.60 4.69 32.37
CA ASP A 258 -31.36 3.69 33.11
C ASP A 258 -32.87 3.93 33.01
N ASN A 259 -33.33 4.65 31.98
CA ASN A 259 -34.73 4.97 31.84
C ASN A 259 -35.54 3.75 31.44
N GLU A 260 -36.77 3.69 31.94
CA GLU A 260 -37.68 2.61 31.61
C GLU A 260 -38.61 3.07 30.48
N ASP A 261 -39.22 2.09 29.82
CA ASP A 261 -40.34 2.09 28.85
C ASP A 261 -40.14 2.99 27.64
N SER A 262 -38.98 3.64 27.52
CA SER A 262 -38.59 4.25 26.26
C SER A 262 -38.13 3.19 25.27
N LEU A 263 -37.56 2.10 25.79
CA LEU A 263 -37.21 0.97 24.93
C LEU A 263 -38.46 0.32 24.34
N SER A 264 -39.51 0.14 25.15
CA SER A 264 -40.77 -0.42 24.66
C SER A 264 -41.40 0.50 23.63
N TRP A 265 -41.30 1.81 23.86
CA TRP A 265 -41.63 2.79 22.84
C TRP A 265 -40.84 2.55 21.57
N CYS A 266 -39.54 2.24 21.70
CA CYS A 266 -38.68 2.09 20.53
C CYS A 266 -39.07 0.87 19.67
N GLU A 267 -39.34 -0.29 20.29
CA GLU A 267 -39.83 -1.36 19.42
C GLU A 267 -41.26 -1.12 18.92
N ARG A 268 -42.08 -0.34 19.62
CA ARG A 268 -43.38 0.03 19.08
C ARG A 268 -43.23 0.85 17.78
N ILE A 269 -42.35 1.85 17.80
CA ILE A 269 -42.14 2.66 16.59
C ILE A 269 -41.44 1.85 15.52
N LYS A 270 -40.57 0.90 15.90
CA LYS A 270 -39.89 0.06 14.91
C LYS A 270 -40.87 -0.82 14.14
N ASP A 271 -41.78 -1.48 14.86
CA ASP A 271 -42.81 -2.29 14.20
C ASP A 271 -43.74 -1.43 13.35
N SER A 272 -44.08 -0.23 13.85
CA SER A 272 -44.94 0.67 13.09
C SER A 272 -44.27 1.15 11.81
N LEU A 273 -42.96 1.42 11.87
CA LEU A 273 -42.25 1.87 10.67
C LEU A 273 -42.09 0.74 9.67
N PHE A 274 -41.91 -0.49 10.15
CA PHE A 274 -41.82 -1.61 9.20
C PHE A 274 -43.14 -1.85 8.49
N VAL A 275 -44.26 -1.77 9.22
CA VAL A 275 -45.53 -1.95 8.52
C VAL A 275 -45.87 -0.71 7.68
N LEU A 276 -45.21 0.43 7.96
CA LEU A 276 -45.27 1.56 7.04
C LEU A 276 -44.45 1.31 5.77
N HIS A 277 -43.43 0.46 5.84
CA HIS A 277 -42.54 0.29 4.69
C HIS A 277 -43.21 -0.41 3.50
N ASN A 278 -43.89 -1.54 3.72
CA ASN A 278 -44.36 -2.38 2.63
C ASN A 278 -45.69 -1.87 2.08
N GLY A 279 -45.63 -0.70 1.45
CA GLY A 279 -46.84 -0.10 0.89
C GLY A 279 -46.67 0.65 -0.41
N ASP A 280 -45.50 0.59 -1.02
CA ASP A 280 -45.27 1.31 -2.26
C ASP A 280 -45.63 0.45 -3.47
N ILE A 281 -46.06 1.12 -4.55
CA ILE A 281 -46.61 0.43 -5.71
C ILE A 281 -45.86 0.81 -6.99
N ARG A 282 -44.64 1.30 -6.86
CA ARG A 282 -43.79 1.62 -7.99
C ARG A 282 -42.80 0.50 -8.26
N GLU A 283 -42.39 0.36 -9.52
CA GLU A 283 -41.48 -0.70 -9.92
C GLU A 283 -40.27 -0.24 -10.72
N GLU A 284 -40.18 1.04 -11.06
CA GLU A 284 -39.07 1.56 -11.84
C GLU A 284 -38.58 2.87 -11.24
N GLY A 285 -37.37 3.26 -11.62
CA GLY A 285 -36.82 4.51 -11.13
C GLY A 285 -35.36 4.66 -11.51
N LYS A 286 -34.75 5.69 -10.92
CA LYS A 286 -33.41 6.10 -11.28
C LYS A 286 -32.37 5.11 -10.77
N ILE A 287 -32.35 4.90 -9.45
CA ILE A 287 -31.34 4.05 -8.80
C ILE A 287 -31.56 2.59 -9.17
N THR A 288 -32.83 2.20 -9.37
CA THR A 288 -33.18 0.82 -9.64
C THR A 288 -32.56 0.33 -10.93
N SER A 289 -32.54 1.19 -11.95
CA SER A 289 -32.05 0.78 -13.27
C SER A 289 -30.57 0.45 -13.25
N VAL A 290 -29.76 1.30 -12.61
CA VAL A 290 -28.33 1.01 -12.57
C VAL A 290 -28.04 -0.18 -11.67
N TYR A 291 -28.76 -0.30 -10.54
CA TYR A 291 -28.48 -1.39 -9.63
C TYR A 291 -28.90 -2.74 -10.21
N ASN A 292 -30.03 -2.81 -10.93
CA ASN A 292 -30.37 -4.10 -11.49
C ASN A 292 -29.70 -4.36 -12.83
N ASN A 293 -29.25 -3.31 -13.53
CA ASN A 293 -28.40 -3.56 -14.69
C ASN A 293 -27.05 -4.11 -14.26
N TYR A 294 -26.62 -3.82 -13.04
CA TYR A 294 -25.47 -4.53 -12.50
C TYR A 294 -25.87 -5.83 -11.78
N ALA A 295 -27.15 -6.01 -11.45
CA ALA A 295 -27.54 -6.99 -10.45
C ALA A 295 -28.63 -7.98 -10.87
N LYS A 296 -29.55 -7.59 -11.74
CA LYS A 296 -30.56 -8.56 -12.17
C LYS A 296 -29.94 -9.62 -13.09
N ASN A 297 -28.87 -9.27 -13.79
CA ASN A 297 -28.06 -10.22 -14.54
C ASN A 297 -26.62 -10.14 -14.03
N PRO A 298 -26.36 -10.66 -12.82
CA PRO A 298 -25.05 -10.45 -12.20
C PRO A 298 -23.97 -11.40 -12.68
N GLU A 299 -24.29 -12.36 -13.54
CA GLU A 299 -23.27 -13.22 -14.13
C GLU A 299 -22.48 -12.52 -15.22
N CYS A 300 -22.97 -11.38 -15.72
CA CYS A 300 -22.28 -10.68 -16.79
C CYS A 300 -21.09 -9.87 -16.29
N LEU A 301 -20.93 -9.74 -14.97
CA LEU A 301 -19.73 -9.16 -14.39
C LEU A 301 -18.67 -10.21 -14.07
N TYR A 302 -18.89 -11.46 -14.45
CA TYR A 302 -18.01 -12.56 -14.10
C TYR A 302 -17.47 -13.20 -15.37
N ILE A 303 -16.70 -14.27 -15.21
CA ILE A 303 -16.19 -15.01 -16.36
C ILE A 303 -16.60 -16.47 -16.24
N GLN A 304 -16.19 -17.11 -15.15
CA GLN A 304 -16.52 -18.51 -14.90
C GLN A 304 -17.80 -18.54 -14.09
N ASP A 305 -18.93 -18.55 -14.78
CA ASP A 305 -20.21 -18.55 -14.10
C ASP A 305 -20.54 -19.93 -13.53
N SER A 306 -20.19 -20.99 -14.26
CA SER A 306 -20.64 -22.34 -13.97
C SER A 306 -20.00 -22.94 -12.72
N VAL A 307 -18.93 -22.33 -12.19
CA VAL A 307 -18.30 -22.91 -11.01
C VAL A 307 -19.10 -22.61 -9.75
N LEU A 308 -19.82 -21.48 -9.71
CA LEU A 308 -20.56 -21.07 -8.53
C LEU A 308 -22.02 -20.83 -8.89
N LYS A 309 -22.93 -21.38 -8.09
CA LYS A 309 -24.35 -21.22 -8.37
C LYS A 309 -25.16 -20.98 -7.12
N THR A 310 -24.54 -20.68 -5.98
CA THR A 310 -25.25 -20.41 -4.74
C THR A 310 -25.03 -18.98 -4.24
N GLU A 311 -24.53 -18.09 -5.08
CA GLU A 311 -24.19 -16.74 -4.66
C GLU A 311 -24.77 -15.67 -5.55
N LEU A 312 -25.01 -15.96 -6.83
CA LEU A 312 -25.52 -14.93 -7.73
C LEU A 312 -27.01 -14.68 -7.46
N GLU A 313 -27.78 -15.75 -7.27
CA GLU A 313 -29.21 -15.58 -7.06
C GLU A 313 -29.51 -15.07 -5.66
N THR A 314 -28.57 -15.22 -4.73
CA THR A 314 -28.74 -14.59 -3.42
C THR A 314 -28.66 -13.06 -3.54
N CYS A 315 -27.76 -12.57 -4.39
CA CYS A 315 -27.74 -11.15 -4.71
C CYS A 315 -29.02 -10.74 -5.44
N LYS A 316 -29.54 -11.62 -6.30
CA LYS A 316 -30.83 -11.37 -6.93
C LYS A 316 -31.96 -11.25 -5.90
N LYS A 317 -31.95 -12.15 -4.92
CA LYS A 317 -32.96 -12.17 -3.86
C LYS A 317 -32.87 -10.92 -3.01
N ILE A 318 -31.66 -10.48 -2.71
CA ILE A 318 -31.47 -9.25 -1.96
C ILE A 318 -31.97 -8.05 -2.75
N ASN A 319 -31.72 -8.04 -4.06
CA ASN A 319 -32.21 -6.95 -4.92
C ASN A 319 -33.74 -6.92 -4.98
N LYS A 320 -34.38 -8.08 -5.11
CA LYS A 320 -35.84 -8.13 -5.13
C LYS A 320 -36.43 -7.76 -3.76
N LEU A 321 -35.78 -8.18 -2.68
CA LEU A 321 -36.25 -7.84 -1.34
C LEU A 321 -36.12 -6.35 -1.07
N CYS A 322 -35.07 -5.72 -1.61
CA CYS A 322 -34.95 -4.28 -1.49
C CYS A 322 -35.95 -3.57 -2.39
N ASN A 323 -36.32 -4.18 -3.52
CA ASN A 323 -37.38 -3.61 -4.36
C ASN A 323 -38.74 -3.72 -3.69
N ASP A 324 -38.94 -4.74 -2.86
CA ASP A 324 -40.17 -4.87 -2.10
C ASP A 324 -40.25 -3.80 -1.02
N LEU A 325 -39.10 -3.47 -0.42
CA LEU A 325 -39.04 -2.47 0.64
C LEU A 325 -38.78 -1.06 0.12
N ALA A 326 -38.71 -0.88 -1.21
CA ALA A 326 -38.56 0.43 -1.87
C ALA A 326 -37.31 1.17 -1.40
N ILE A 327 -36.24 0.42 -1.14
CA ILE A 327 -35.01 1.00 -0.61
C ILE A 327 -34.34 1.88 -1.65
N TYR A 328 -34.29 1.44 -2.90
CA TYR A 328 -33.79 2.31 -3.95
C TYR A 328 -34.75 3.46 -4.21
N HIS A 329 -36.06 3.21 -4.10
CA HIS A 329 -37.03 4.27 -4.25
C HIS A 329 -36.91 5.32 -3.16
N TYR A 330 -36.73 4.87 -1.91
CA TYR A 330 -36.50 5.82 -0.82
C TYR A 330 -35.16 6.53 -0.96
N SER A 331 -34.16 5.82 -1.48
CA SER A 331 -32.85 6.43 -1.69
C SER A 331 -32.93 7.53 -2.75
N GLU A 332 -33.67 7.28 -3.82
CA GLU A 332 -33.86 8.28 -4.85
C GLU A 332 -34.74 9.43 -4.35
N ASP A 333 -35.72 9.13 -3.50
CA ASP A 333 -36.54 10.19 -2.91
C ASP A 333 -35.70 11.12 -2.04
N MET A 334 -34.83 10.55 -1.20
CA MET A 334 -33.92 11.37 -0.42
C MET A 334 -32.90 12.06 -1.29
N MET A 335 -32.55 11.47 -2.44
CA MET A 335 -31.64 12.12 -3.37
C MET A 335 -32.27 13.39 -3.96
N GLN A 336 -33.51 13.28 -4.41
CA GLN A 336 -34.21 14.44 -4.95
C GLN A 336 -34.43 15.49 -3.87
N PHE A 337 -34.78 15.04 -2.66
CA PHE A 337 -34.88 15.91 -1.48
C PHE A 337 -33.59 16.70 -1.26
N SER A 338 -32.46 15.99 -1.25
CA SER A 338 -31.18 16.60 -0.95
C SER A 338 -30.78 17.59 -2.04
N LYS A 339 -30.97 17.23 -3.31
CA LYS A 339 -30.53 18.14 -4.36
C LYS A 339 -31.46 19.34 -4.48
N GLY A 340 -32.74 19.17 -4.16
CA GLY A 340 -33.63 20.31 -4.12
C GLY A 340 -33.30 21.26 -2.99
N LEU A 341 -32.85 20.74 -1.85
CA LEU A 341 -32.42 21.66 -0.80
C LEU A 341 -31.07 22.28 -1.10
N MET A 342 -30.20 21.58 -1.84
CA MET A 342 -28.94 22.20 -2.27
C MET A 342 -29.21 23.37 -3.20
N VAL A 343 -30.11 23.21 -4.16
CA VAL A 343 -30.39 24.34 -5.04
C VAL A 343 -31.27 25.38 -4.36
N ALA A 344 -31.97 25.01 -3.27
CA ALA A 344 -32.78 25.97 -2.54
C ALA A 344 -31.92 26.96 -1.77
N ASP A 345 -30.69 26.58 -1.45
CA ASP A 345 -29.73 27.54 -0.92
C ASP A 345 -29.18 28.37 -2.07
N ARG A 346 -29.77 29.54 -2.32
CA ARG A 346 -29.40 30.35 -3.45
C ARG A 346 -29.74 31.80 -3.08
N TYR A 347 -29.77 32.69 -4.08
CA TYR A 347 -29.95 34.13 -3.86
C TYR A 347 -31.41 34.54 -3.69
N MET A 348 -32.31 33.61 -3.38
CA MET A 348 -33.70 33.97 -3.15
C MET A 348 -33.85 34.73 -1.83
N THR A 349 -34.80 35.65 -1.80
CA THR A 349 -34.90 36.64 -0.73
C THR A 349 -35.55 36.04 0.52
N LYS A 350 -35.90 36.90 1.47
CA LYS A 350 -36.52 36.49 2.72
C LYS A 350 -38.05 36.54 2.68
N GLU A 351 -38.64 36.78 1.51
CA GLU A 351 -40.09 36.71 1.34
C GLU A 351 -40.47 35.73 0.25
N SER A 352 -39.67 34.68 0.07
CA SER A 352 -39.86 33.69 -0.97
C SER A 352 -39.67 32.31 -0.38
N PHE A 353 -40.26 31.31 -1.04
CA PHE A 353 -40.02 29.91 -0.69
C PHE A 353 -40.33 29.04 -1.89
N LYS A 354 -40.07 27.74 -1.72
CA LYS A 354 -39.86 26.81 -2.82
C LYS A 354 -40.57 25.50 -2.49
N ILE A 355 -40.96 24.78 -3.54
CA ILE A 355 -41.59 23.47 -3.43
C ILE A 355 -40.58 22.42 -3.86
N LEU A 356 -40.63 21.26 -3.22
CA LEU A 356 -39.80 20.12 -3.61
C LEU A 356 -40.71 18.93 -3.85
N THR A 357 -40.70 18.42 -5.09
CA THR A 357 -41.49 17.25 -5.47
C THR A 357 -40.55 16.19 -6.01
N THR A 358 -40.56 15.03 -5.39
CA THR A 358 -39.71 13.92 -5.81
C THR A 358 -40.42 13.13 -6.92
N ALA A 359 -39.90 11.94 -7.23
CA ALA A 359 -40.52 11.07 -8.21
C ALA A 359 -41.79 10.40 -7.69
N ASN A 360 -42.06 10.49 -6.39
CA ASN A 360 -43.26 9.90 -5.84
C ASN A 360 -44.49 10.75 -6.14
N THR A 361 -45.67 10.17 -5.88
CA THR A 361 -46.92 10.77 -6.29
C THR A 361 -47.68 11.47 -5.18
N SER A 362 -47.22 11.37 -3.92
CA SER A 362 -47.97 12.00 -2.84
C SER A 362 -47.07 12.61 -1.76
N MET A 363 -45.83 12.98 -2.08
CA MET A 363 -44.92 13.59 -1.13
C MET A 363 -44.60 15.01 -1.58
N MET A 364 -44.77 15.97 -0.67
CA MET A 364 -44.65 17.38 -1.00
C MET A 364 -43.86 18.09 0.09
N LEU A 365 -43.18 19.17 -0.29
CA LEU A 365 -42.38 19.96 0.65
C LEU A 365 -42.69 21.44 0.53
N LEU A 366 -42.38 22.17 1.60
CA LEU A 366 -42.40 23.61 1.62
C LEU A 366 -41.06 24.09 2.16
N ALA A 367 -40.43 25.04 1.46
CA ALA A 367 -39.12 25.51 1.90
C ALA A 367 -39.22 26.41 3.13
N PHE A 368 -40.16 27.37 3.10
CA PHE A 368 -40.48 28.26 4.22
C PHE A 368 -39.25 29.07 4.68
N LYS A 369 -38.92 30.07 3.85
CA LYS A 369 -37.86 31.08 3.97
C LYS A 369 -36.55 30.50 3.46
N SER A 370 -35.50 31.33 3.42
CA SER A 370 -34.22 30.81 2.99
C SER A 370 -33.65 29.90 4.08
N GLY A 371 -33.21 30.52 5.18
CA GLY A 371 -32.69 29.88 6.39
C GLY A 371 -31.89 28.61 6.16
N VAL A 372 -32.14 27.61 7.00
CA VAL A 372 -32.14 26.20 6.59
C VAL A 372 -33.36 25.38 7.05
N PRO A 373 -34.66 25.87 7.02
CA PRO A 373 -35.75 24.97 7.40
C PRO A 373 -36.56 24.38 6.25
N TYR A 374 -37.52 23.52 6.56
CA TYR A 374 -38.54 23.07 5.62
C TYR A 374 -39.71 22.45 6.39
N ILE A 375 -40.77 22.13 5.66
CA ILE A 375 -41.94 21.40 6.17
C ILE A 375 -42.31 20.30 5.18
N ALA A 376 -42.45 19.07 5.68
CA ALA A 376 -42.86 17.94 4.86
C ALA A 376 -44.36 17.69 5.00
N LEU A 377 -44.97 17.22 3.90
CA LEU A 377 -46.39 16.89 3.88
C LEU A 377 -46.55 15.42 3.51
N HIS A 378 -47.68 14.84 3.92
CA HIS A 378 -47.91 13.41 3.70
C HIS A 378 -49.36 13.16 3.29
N ILE A 379 -49.58 12.07 2.56
CA ILE A 379 -50.91 11.61 2.17
C ILE A 379 -51.03 10.15 2.59
N VAL A 380 -52.00 9.84 3.44
CA VAL A 380 -52.13 8.53 4.05
C VAL A 380 -53.52 7.98 3.75
N ASP A 381 -53.60 6.70 3.45
CA ASP A 381 -54.87 6.02 3.24
C ASP A 381 -55.52 5.69 4.59
N GLU A 382 -56.48 4.79 4.58
CA GLU A 382 -57.22 4.45 5.79
C GLU A 382 -56.87 3.08 6.37
N ASP A 383 -56.24 2.20 5.59
CA ASP A 383 -55.91 0.88 6.12
C ASP A 383 -54.76 0.94 7.12
N MET A 384 -53.69 1.67 6.79
CA MET A 384 -52.53 1.79 7.66
C MET A 384 -52.55 3.22 8.20
N SER A 385 -53.33 3.42 9.27
CA SER A 385 -53.63 4.76 9.75
C SER A 385 -53.09 5.07 11.14
N ASP A 386 -53.46 4.28 12.16
CA ASP A 386 -53.13 4.67 13.52
C ASP A 386 -51.68 4.43 13.86
N GLN A 387 -51.04 3.43 13.24
CA GLN A 387 -49.62 3.23 13.50
C GLN A 387 -48.77 4.30 12.85
N PHE A 388 -49.29 4.98 11.83
CA PHE A 388 -48.58 6.16 11.34
C PHE A 388 -48.64 7.31 12.33
N ASN A 389 -49.75 7.42 13.06
CA ASN A 389 -49.78 8.33 14.20
C ASN A 389 -48.84 7.85 15.30
N ILE A 390 -48.58 6.54 15.37
CA ILE A 390 -47.58 6.04 16.32
C ILE A 390 -46.17 6.45 15.89
N CYS A 391 -45.88 6.42 14.57
CA CYS A 391 -44.51 6.57 14.07
C CYS A 391 -43.88 7.92 14.43
N TYR A 392 -44.42 9.00 13.88
CA TYR A 392 -43.75 10.29 13.95
C TYR A 392 -44.39 11.19 15.00
N THR A 393 -44.89 10.60 16.09
CA THR A 393 -45.78 11.28 17.02
C THR A 393 -45.10 12.44 17.74
N LYS A 394 -43.77 12.40 17.87
CA LYS A 394 -43.10 13.49 18.54
C LYS A 394 -43.00 14.72 17.65
N GLU A 395 -43.15 14.54 16.34
CA GLU A 395 -42.96 15.65 15.42
C GLU A 395 -44.16 15.87 14.48
N ILE A 396 -45.26 15.15 14.65
CA ILE A 396 -46.51 15.51 14.00
C ILE A 396 -47.20 16.60 14.81
N TYR A 397 -47.49 17.74 14.17
CA TYR A 397 -48.31 18.77 14.78
C TYR A 397 -49.80 18.51 14.64
N SER A 398 -50.27 18.25 13.44
CA SER A 398 -51.69 18.17 13.18
C SER A 398 -51.96 17.18 12.05
N TYR A 399 -53.20 16.72 11.96
CA TYR A 399 -53.64 15.90 10.84
C TYR A 399 -55.15 16.02 10.70
N PHE A 400 -55.65 15.69 9.51
CA PHE A 400 -57.07 15.87 9.23
C PHE A 400 -57.52 14.87 8.18
N ARG A 401 -58.85 14.82 8.01
CA ARG A 401 -59.54 13.84 7.19
C ARG A 401 -60.16 14.52 5.97
N ASN A 402 -59.99 13.89 4.81
CA ASN A 402 -60.70 14.28 3.60
C ASN A 402 -61.01 13.02 2.81
N GLY A 403 -62.27 12.61 2.82
CA GLY A 403 -62.71 11.43 2.09
C GLY A 403 -62.13 10.15 2.65
N SER A 404 -61.29 9.49 1.87
CA SER A 404 -60.51 8.35 2.34
C SER A 404 -59.05 8.71 2.55
N ASN A 405 -58.79 9.94 2.95
CA ASN A 405 -57.44 10.48 3.04
C ASN A 405 -57.20 11.09 4.41
N TYR A 406 -56.01 10.87 4.96
CA TYR A 406 -55.50 11.57 6.12
C TYR A 406 -54.27 12.37 5.72
N ILE A 407 -54.28 13.66 6.03
CA ILE A 407 -53.21 14.56 5.65
C ILE A 407 -52.57 15.13 6.91
N TYR A 408 -51.24 15.11 6.96
CA TYR A 408 -50.47 15.37 8.17
C TYR A 408 -49.53 16.56 7.99
N ILE A 409 -49.28 17.26 9.09
CA ILE A 409 -48.36 18.39 9.13
C ILE A 409 -47.30 18.06 10.16
N MET A 410 -46.04 18.36 9.84
CA MET A 410 -44.90 17.76 10.51
C MET A 410 -44.03 18.88 11.12
N ARG A 411 -43.25 18.56 12.16
CA ARG A 411 -42.47 19.59 12.85
C ARG A 411 -41.29 20.06 11.99
N PRO A 412 -41.01 21.37 11.96
CA PRO A 412 -39.83 21.86 11.25
C PRO A 412 -38.54 21.67 12.03
N GLN A 413 -37.42 21.73 11.30
CA GLN A 413 -36.08 21.66 11.87
C GLN A 413 -35.13 22.38 10.93
N ARG A 414 -33.83 22.22 11.17
CA ARG A 414 -32.80 22.96 10.45
C ARG A 414 -31.86 22.01 9.71
N LEU A 415 -31.16 22.56 8.72
CA LEU A 415 -30.27 21.83 7.82
C LEU A 415 -28.84 22.35 7.90
N ASN A 416 -27.95 21.67 7.18
CA ASN A 416 -26.57 22.10 6.96
C ASN A 416 -26.07 21.41 5.71
N GLN A 417 -25.04 21.98 5.08
CA GLN A 417 -24.62 21.49 3.79
C GLN A 417 -23.92 20.14 3.89
N VAL A 418 -23.23 19.87 5.00
CA VAL A 418 -22.65 18.56 5.21
C VAL A 418 -23.75 17.54 5.52
N ARG A 419 -24.86 18.00 6.11
CA ARG A 419 -26.01 17.12 6.27
C ARG A 419 -26.64 16.81 4.93
N LEU A 420 -26.63 17.78 4.00
CA LEU A 420 -27.05 17.51 2.64
C LEU A 420 -26.14 16.52 1.95
N LEU A 421 -24.83 16.59 2.22
CA LEU A 421 -23.91 15.58 1.70
C LEU A 421 -24.23 14.20 2.25
N SER A 422 -24.51 14.11 3.55
CA SER A 422 -24.80 12.82 4.16
C SER A 422 -26.13 12.25 3.65
N LEU A 423 -27.07 13.12 3.26
CA LEU A 423 -28.28 12.65 2.61
C LEU A 423 -28.05 12.28 1.15
N PHE A 424 -27.15 12.97 0.46
CA PHE A 424 -26.87 12.65 -0.93
C PHE A 424 -26.15 11.32 -1.06
N LYS A 425 -25.41 10.93 -0.02
CA LYS A 425 -24.70 9.67 -0.12
C LYS A 425 -25.62 8.45 0.05
N THR A 426 -26.91 8.67 0.36
CA THR A 426 -27.82 7.59 0.77
C THR A 426 -27.94 6.39 -0.19
N PRO A 427 -28.05 6.55 -1.52
CA PRO A 427 -28.08 5.34 -2.37
C PRO A 427 -26.78 4.55 -2.35
N SER A 428 -25.70 5.15 -1.87
CA SER A 428 -24.52 4.37 -1.55
C SER A 428 -24.51 3.94 -0.09
N LYS A 429 -25.20 4.67 0.80
CA LYS A 429 -25.18 4.32 2.21
C LYS A 429 -25.95 3.03 2.46
N VAL A 430 -27.25 3.07 2.20
CA VAL A 430 -28.19 2.02 2.63
C VAL A 430 -28.01 0.66 1.95
N PRO A 431 -27.88 0.54 0.62
CA PRO A 431 -27.84 -0.82 0.05
C PRO A 431 -26.61 -1.63 0.41
N VAL A 432 -25.42 -1.02 0.48
CA VAL A 432 -24.25 -1.83 0.75
C VAL A 432 -24.21 -2.26 2.22
N CYS A 433 -24.65 -1.40 3.14
CA CYS A 433 -24.68 -1.79 4.53
C CYS A 433 -25.78 -2.80 4.78
N PHE A 434 -26.91 -2.63 4.09
CA PHE A 434 -28.01 -3.60 4.17
C PHE A 434 -27.56 -4.96 3.67
N ALA A 435 -26.82 -4.99 2.56
CA ALA A 435 -26.29 -6.24 2.04
C ALA A 435 -25.28 -6.85 2.99
N GLN A 436 -24.45 -6.02 3.64
CA GLN A 436 -23.43 -6.55 4.53
C GLN A 436 -24.04 -7.14 5.79
N PHE A 437 -24.98 -6.42 6.42
CA PHE A 437 -25.61 -6.97 7.62
C PHE A 437 -26.50 -8.17 7.28
N SER A 438 -27.13 -8.17 6.10
CA SER A 438 -27.88 -9.34 5.68
C SER A 438 -26.95 -10.53 5.43
N LYS A 439 -25.72 -10.27 4.99
CA LYS A 439 -24.72 -11.33 4.90
C LYS A 439 -24.33 -11.82 6.30
N LYS A 440 -24.21 -10.90 7.26
CA LYS A 440 -23.76 -11.27 8.60
C LYS A 440 -24.77 -12.13 9.35
N ALA A 441 -26.07 -11.86 9.18
CA ALA A 441 -27.10 -12.58 9.92
C ALA A 441 -27.25 -13.98 9.34
N ASN A 442 -26.88 -15.00 10.13
CA ASN A 442 -26.87 -16.37 9.63
C ASN A 442 -28.26 -16.97 9.54
N GLU A 443 -29.19 -16.58 10.42
CA GLU A 443 -30.57 -17.07 10.27
C GLU A 443 -31.23 -16.44 9.05
N MET A 444 -30.89 -15.19 8.72
CA MET A 444 -31.31 -14.61 7.45
C MET A 444 -30.68 -15.36 6.28
N GLU A 445 -29.44 -15.82 6.44
CA GLU A 445 -28.78 -16.59 5.39
C GLU A 445 -29.49 -17.93 5.15
N LYS A 446 -29.89 -18.62 6.22
CA LYS A 446 -30.58 -19.90 6.03
C LYS A 446 -32.01 -19.70 5.56
N TRP A 447 -32.65 -18.56 5.89
CA TRP A 447 -33.97 -18.30 5.34
C TRP A 447 -33.91 -17.96 3.85
N LEU A 448 -32.89 -17.20 3.43
CA LEU A 448 -32.72 -16.97 2.00
C LEU A 448 -32.23 -18.21 1.27
N LYS A 449 -31.56 -19.12 1.98
CA LYS A 449 -31.15 -20.39 1.37
C LYS A 449 -32.34 -21.31 1.16
N ASN A 450 -33.29 -21.33 2.10
CA ASN A 450 -34.45 -22.21 1.95
C ASN A 450 -35.38 -21.72 0.85
N LYS A 451 -35.69 -20.43 0.82
CA LYS A 451 -36.57 -19.87 -0.18
C LYS A 451 -35.85 -19.70 -1.51
N ASP A 452 -36.62 -19.66 -2.59
CA ASP A 452 -36.10 -19.45 -3.93
C ASP A 452 -36.70 -18.17 -4.51
N ILE A 453 -36.23 -17.79 -5.71
CA ILE A 453 -36.37 -16.43 -6.20
C ILE A 453 -37.83 -16.08 -6.53
N GLU A 454 -38.61 -17.02 -7.04
CA GLU A 454 -40.01 -16.73 -7.32
C GLU A 454 -40.94 -17.07 -6.15
N LYS A 455 -40.39 -17.51 -5.02
CA LYS A 455 -41.16 -17.68 -3.80
C LYS A 455 -40.57 -16.90 -2.62
N VAL A 456 -40.21 -15.63 -2.86
CA VAL A 456 -39.91 -14.71 -1.76
C VAL A 456 -40.99 -13.64 -1.71
N ASN A 457 -41.37 -13.28 -0.48
CA ASN A 457 -42.41 -12.29 -0.24
C ASN A 457 -42.25 -11.75 1.18
N VAL A 458 -42.92 -10.66 1.46
CA VAL A 458 -42.81 -10.05 2.78
C VAL A 458 -43.88 -10.59 3.73
N PHE A 459 -45.01 -11.05 3.21
CA PHE A 459 -46.13 -11.45 4.04
C PHE A 459 -46.09 -12.92 4.45
N SER A 460 -44.98 -13.59 4.24
CA SER A 460 -44.84 -14.99 4.63
C SER A 460 -43.49 -15.25 5.27
N MET A 461 -43.12 -14.42 6.25
CA MET A 461 -41.88 -14.61 6.97
C MET A 461 -42.13 -15.16 8.37
N THR A 462 -41.09 -15.74 8.94
CA THR A 462 -41.10 -16.10 10.35
C THR A 462 -41.04 -14.82 11.19
N MET A 463 -41.70 -14.86 12.36
CA MET A 463 -41.74 -13.70 13.25
C MET A 463 -40.34 -13.31 13.74
N THR A 464 -39.46 -14.28 13.95
CA THR A 464 -38.07 -13.95 14.28
C THR A 464 -37.39 -13.28 13.10
N VAL A 465 -37.59 -13.82 11.89
CA VAL A 465 -37.08 -13.20 10.67
C VAL A 465 -37.71 -11.83 10.47
N LYS A 466 -39.00 -11.72 10.81
CA LYS A 466 -39.70 -10.44 10.75
C LYS A 466 -39.05 -9.41 11.66
N GLN A 467 -38.78 -9.77 12.91
CA GLN A 467 -38.22 -8.82 13.87
C GLN A 467 -36.79 -8.44 13.53
N ILE A 468 -35.98 -9.41 13.09
CA ILE A 468 -34.62 -9.05 12.72
C ILE A 468 -34.61 -8.25 11.43
N LEU A 469 -35.64 -8.40 10.58
CA LEU A 469 -35.69 -7.56 9.40
C LEU A 469 -36.13 -6.15 9.76
N ILE A 470 -37.00 -6.02 10.77
CA ILE A 470 -37.33 -4.70 11.32
C ILE A 470 -36.07 -4.02 11.83
N ASN A 471 -35.24 -4.78 12.57
CA ASN A 471 -34.01 -4.24 13.12
C ASN A 471 -33.03 -3.83 12.03
N ILE A 472 -32.88 -4.65 10.98
CA ILE A 472 -31.93 -4.32 9.93
C ILE A 472 -32.42 -3.14 9.10
N VAL A 473 -33.74 -3.01 8.89
CA VAL A 473 -34.25 -1.84 8.19
C VAL A 473 -34.03 -0.57 9.00
N PHE A 474 -34.27 -0.65 10.31
CA PHE A 474 -34.07 0.51 11.17
C PHE A 474 -32.61 0.92 11.24
N SER A 475 -31.70 -0.05 11.37
CA SER A 475 -30.29 0.25 11.46
C SER A 475 -29.76 0.80 10.15
N SER A 476 -30.23 0.26 9.02
CA SER A 476 -29.81 0.76 7.72
C SER A 476 -30.26 2.19 7.50
N VAL A 477 -31.51 2.49 7.87
CA VAL A 477 -32.01 3.86 7.71
C VAL A 477 -31.28 4.81 8.65
N MET A 478 -31.04 4.40 9.90
CA MET A 478 -30.42 5.29 10.88
C MET A 478 -28.95 5.55 10.57
N ILE A 479 -28.21 4.53 10.14
CA ILE A 479 -26.82 4.74 9.76
C ILE A 479 -26.74 5.58 8.49
N GLY A 480 -27.59 5.26 7.50
CA GLY A 480 -27.56 6.02 6.26
C GLY A 480 -28.12 7.42 6.36
N THR A 481 -28.79 7.77 7.45
CA THR A 481 -29.33 9.10 7.59
C THR A 481 -28.84 9.77 8.87
N VAL A 482 -27.55 9.73 9.11
CA VAL A 482 -26.97 10.38 10.29
C VAL A 482 -26.97 11.89 10.10
N THR A 483 -27.56 12.60 11.05
CA THR A 483 -27.61 14.07 10.98
C THR A 483 -27.37 14.78 12.29
N LYS A 484 -27.38 14.09 13.44
CA LYS A 484 -27.37 14.71 14.74
C LYS A 484 -26.05 14.44 15.47
N LEU A 485 -25.77 15.29 16.46
CA LEU A 485 -24.51 15.19 17.20
C LEU A 485 -24.49 13.98 18.12
N SER A 486 -25.65 13.53 18.59
CA SER A 486 -25.71 12.38 19.49
C SER A 486 -25.31 11.10 18.77
N ARG A 487 -25.56 11.03 17.46
CA ARG A 487 -25.08 9.92 16.66
C ARG A 487 -23.56 9.89 16.63
N MET A 488 -22.94 11.08 16.49
CA MET A 488 -21.49 11.18 16.57
C MET A 488 -20.98 10.73 17.92
N GLY A 489 -21.68 11.14 19.00
CA GLY A 489 -21.25 10.79 20.34
C GLY A 489 -21.33 9.31 20.62
N ILE A 490 -22.42 8.66 20.19
CA ILE A 490 -22.52 7.22 20.40
C ILE A 490 -21.53 6.49 19.51
N PHE A 491 -21.19 7.05 18.33
CA PHE A 491 -20.23 6.38 17.46
C PHE A 491 -18.80 6.44 18.02
N ASP A 492 -18.34 7.59 18.50
CA ASP A 492 -16.96 7.56 18.98
C ASP A 492 -16.88 6.95 20.38
N PHE A 493 -18.00 6.92 21.12
CA PHE A 493 -18.03 6.12 22.33
C PHE A 493 -17.94 4.63 22.02
N MET A 494 -18.58 4.18 20.95
CA MET A 494 -18.45 2.79 20.53
C MET A 494 -17.03 2.46 20.08
N ARG A 495 -16.39 3.38 19.36
CA ARG A 495 -15.02 3.12 18.95
C ARG A 495 -14.04 3.14 20.11
N TYR A 496 -14.20 4.07 21.06
CA TYR A 496 -13.31 4.12 22.21
C TYR A 496 -13.60 3.03 23.24
N ALA A 497 -14.74 2.35 23.14
CA ALA A 497 -15.05 1.22 24.02
C ALA A 497 -14.98 -0.11 23.29
N GLY A 498 -14.43 -0.14 22.09
CA GLY A 498 -14.15 -1.39 21.41
C GLY A 498 -12.87 -2.04 21.85
N PHE A 499 -12.22 -1.50 22.88
CA PHE A 499 -10.98 -2.05 23.38
C PHE A 499 -11.21 -3.03 24.52
N LEU A 500 -12.45 -3.10 25.00
CA LEU A 500 -12.83 -3.99 26.10
C LEU A 500 -12.64 -5.49 25.86
N PRO A 501 -13.00 -6.12 24.67
CA PRO A 501 -13.24 -7.57 24.69
C PRO A 501 -12.01 -8.47 24.81
N LEU A 502 -10.88 -7.93 25.23
CA LEU A 502 -9.71 -8.73 25.56
C LEU A 502 -9.24 -8.41 26.98
N SER A 503 -8.04 -8.85 27.34
CA SER A 503 -7.56 -8.81 28.72
C SER A 503 -7.33 -7.37 29.19
N ASP A 504 -6.87 -7.25 30.44
CA ASP A 504 -6.90 -6.00 31.20
C ASP A 504 -6.07 -4.90 30.55
N TYR A 505 -6.76 -3.90 29.99
CA TYR A 505 -6.11 -2.85 29.23
C TYR A 505 -6.12 -1.51 29.94
N SER A 506 -6.53 -1.49 31.20
CA SER A 506 -6.48 -0.32 32.09
C SER A 506 -7.27 0.87 31.54
N ASN A 507 -8.29 0.59 30.72
CA ASN A 507 -9.20 1.61 30.24
C ASN A 507 -10.64 1.11 30.29
N ILE A 508 -10.94 0.22 31.23
CA ILE A 508 -12.26 -0.40 31.31
C ILE A 508 -13.29 0.63 31.75
N LYS A 509 -12.95 1.45 32.74
CA LYS A 509 -13.89 2.45 33.25
C LYS A 509 -13.32 3.84 33.40
N GLU A 510 -12.00 4.03 33.27
CA GLU A 510 -11.42 5.35 33.52
C GLU A 510 -11.77 6.33 32.41
N TYR A 511 -11.93 5.83 31.19
CA TYR A 511 -12.40 6.67 30.10
C TYR A 511 -13.81 7.17 30.36
N ILE A 512 -14.67 6.30 30.91
CA ILE A 512 -16.00 6.72 31.30
C ILE A 512 -15.95 7.68 32.49
N ARG A 513 -15.02 7.45 33.41
CA ARG A 513 -14.98 8.28 34.62
C ARG A 513 -14.50 9.69 34.31
N ASP A 514 -13.48 9.82 33.47
CA ASP A 514 -12.85 11.11 33.19
C ASP A 514 -13.29 11.71 31.85
N LYS A 515 -13.12 10.96 30.76
CA LYS A 515 -13.16 11.53 29.43
C LYS A 515 -14.51 11.36 28.74
N PHE A 516 -15.55 10.91 29.44
CA PHE A 516 -16.86 10.79 28.82
C PHE A 516 -17.56 12.14 28.75
N ASP A 517 -18.32 12.35 27.69
CA ASP A 517 -19.11 13.57 27.50
C ASP A 517 -20.58 13.21 27.44
N PRO A 518 -21.34 13.38 28.52
CA PRO A 518 -22.77 13.01 28.49
C PRO A 518 -23.62 13.98 27.68
N ASP A 519 -24.10 13.52 26.52
CA ASP A 519 -24.93 14.35 25.64
C ASP A 519 -25.85 13.42 24.86
N ILE A 520 -27.11 13.33 25.29
CA ILE A 520 -28.14 12.55 24.62
C ILE A 520 -29.33 13.47 24.34
N THR A 521 -29.77 13.52 23.09
CA THR A 521 -30.78 14.48 22.66
C THR A 521 -32.19 13.89 22.58
N ASN A 522 -32.38 12.86 21.76
CA ASN A 522 -33.70 12.30 21.52
C ASN A 522 -33.66 10.78 21.64
N VAL A 523 -34.85 10.18 21.67
CA VAL A 523 -35.02 8.77 21.99
C VAL A 523 -34.61 7.88 20.81
N ALA A 524 -34.61 6.56 21.06
CA ALA A 524 -34.30 5.40 20.20
C ALA A 524 -32.81 5.18 20.02
N ASP A 525 -31.95 6.07 20.53
CA ASP A 525 -30.56 5.73 20.70
C ASP A 525 -30.32 4.94 21.97
N ILE A 526 -31.34 4.83 22.82
CA ILE A 526 -31.29 3.99 24.01
C ILE A 526 -31.12 2.53 23.60
N TYR A 527 -31.71 2.15 22.45
CA TYR A 527 -31.53 0.81 21.91
C TYR A 527 -30.05 0.53 21.62
N PHE A 528 -29.34 1.50 21.07
CA PHE A 528 -27.91 1.34 20.82
C PHE A 528 -27.13 1.22 22.12
N VAL A 529 -27.43 2.07 23.10
CA VAL A 529 -26.59 2.13 24.29
C VAL A 529 -26.85 0.93 25.19
N ASN A 530 -28.08 0.39 25.21
CA ASN A 530 -28.24 -0.80 26.00
C ASN A 530 -27.88 -2.06 25.22
N GLY A 531 -27.87 -2.00 23.88
CA GLY A 531 -27.26 -3.08 23.12
C GLY A 531 -25.77 -3.20 23.36
N ILE A 532 -25.07 -2.05 23.36
CA ILE A 532 -23.64 -2.10 23.64
C ILE A 532 -23.38 -2.33 25.14
N LYS A 533 -24.31 -1.95 26.01
CA LYS A 533 -24.19 -2.32 27.43
C LYS A 533 -24.31 -3.82 27.63
N LYS A 534 -25.26 -4.45 26.94
CA LYS A 534 -25.39 -5.90 26.96
C LYS A 534 -24.15 -6.57 26.38
N LEU A 535 -23.61 -5.99 25.30
CA LEU A 535 -22.40 -6.52 24.69
C LEU A 535 -21.22 -6.43 25.65
N LEU A 536 -21.07 -5.30 26.34
CA LEU A 536 -19.95 -5.14 27.25
C LEU A 536 -20.10 -6.01 28.49
N PHE A 537 -21.33 -6.22 28.97
CA PHE A 537 -21.51 -7.13 30.11
C PHE A 537 -21.33 -8.58 29.68
N ARG A 538 -21.56 -8.88 28.40
CA ARG A 538 -21.23 -10.20 27.89
C ARG A 538 -19.72 -10.38 27.76
N MET A 539 -19.02 -9.32 27.35
CA MET A 539 -17.57 -9.43 27.18
C MET A 539 -16.83 -9.45 28.52
N GLU A 540 -17.35 -8.76 29.53
CA GLU A 540 -16.67 -8.78 30.82
C GLU A 540 -16.90 -10.06 31.59
N ASP A 541 -17.79 -10.94 31.10
CA ASP A 541 -17.87 -12.29 31.61
C ASP A 541 -16.55 -13.00 31.35
N LEU A 542 -16.16 -13.88 32.28
CA LEU A 542 -14.79 -14.38 32.42
C LEU A 542 -14.25 -15.07 31.18
N ASP A 543 -13.06 -14.66 30.75
CA ASP A 543 -12.40 -15.23 29.59
C ASP A 543 -11.04 -15.78 30.03
N ILE A 544 -10.79 -17.05 29.72
CA ILE A 544 -9.52 -17.71 29.98
C ILE A 544 -8.95 -18.15 28.65
N ILE A 545 -7.76 -17.66 28.31
CA ILE A 545 -7.01 -17.94 27.08
C ILE A 545 -7.80 -17.53 25.84
N GLY A 546 -8.87 -18.26 25.53
CA GLY A 546 -9.66 -17.96 24.35
C GLY A 546 -11.03 -18.57 24.44
N GLY A 547 -11.79 -18.40 23.38
CA GLY A 547 -13.15 -18.91 23.33
C GLY A 547 -13.74 -18.86 21.93
N ILE A 548 -15.07 -18.98 21.88
CA ILE A 548 -15.81 -18.98 20.63
C ILE A 548 -16.65 -17.71 20.60
N THR A 549 -17.28 -17.40 19.46
CA THR A 549 -17.85 -16.10 19.20
C THR A 549 -19.36 -16.03 19.41
N ASP A 550 -20.07 -17.12 19.13
CA ASP A 550 -21.53 -17.11 18.94
C ASP A 550 -22.34 -16.66 20.15
N LEU A 551 -21.72 -16.65 21.33
CA LEU A 551 -22.41 -16.38 22.60
C LEU A 551 -22.73 -14.90 22.83
N ASN A 552 -22.55 -14.05 21.82
CA ASN A 552 -22.87 -12.63 22.00
C ASN A 552 -23.85 -12.21 20.91
N ILE A 553 -24.02 -10.90 20.74
CA ILE A 553 -25.10 -10.31 19.95
C ILE A 553 -24.52 -9.12 19.19
N LYS A 554 -24.93 -8.95 17.91
CA LYS A 554 -24.56 -7.77 17.13
C LYS A 554 -25.00 -6.48 17.80
N CYS A 555 -24.33 -5.38 17.43
CA CYS A 555 -24.82 -4.07 17.84
C CYS A 555 -25.99 -3.58 17.00
N PRO A 556 -25.91 -3.51 15.64
CA PRO A 556 -27.07 -2.96 14.91
C PRO A 556 -28.21 -3.94 14.68
N ILE A 557 -27.90 -5.20 14.41
CA ILE A 557 -28.90 -6.13 13.89
C ILE A 557 -29.06 -7.36 14.78
N THR A 558 -28.69 -7.25 16.06
CA THR A 558 -28.84 -8.28 17.09
C THR A 558 -28.11 -9.57 16.71
N GLY A 559 -28.66 -10.31 15.73
CA GLY A 559 -27.97 -11.36 15.01
C GLY A 559 -27.29 -12.44 15.81
N SER A 560 -28.05 -13.30 16.47
CA SER A 560 -27.49 -14.32 17.35
C SER A 560 -26.71 -15.37 16.56
N THR A 561 -25.89 -16.13 17.29
CA THR A 561 -25.00 -17.17 16.77
C THR A 561 -24.03 -16.60 15.72
N LEU A 562 -23.17 -15.72 16.21
CA LEU A 562 -22.15 -15.08 15.38
C LEU A 562 -21.15 -16.09 14.84
N LEU A 563 -20.63 -15.81 13.65
CA LEU A 563 -19.66 -16.69 13.05
C LEU A 563 -18.26 -16.47 13.63
N THR A 564 -17.71 -15.28 13.42
CA THR A 564 -16.37 -14.97 13.90
C THR A 564 -16.38 -13.50 14.32
N LEU A 565 -15.53 -13.15 15.30
CA LEU A 565 -15.45 -11.79 15.82
C LEU A 565 -15.05 -10.77 14.77
N GLU A 566 -14.44 -11.22 13.66
CA GLU A 566 -14.21 -10.38 12.50
C GLU A 566 -15.50 -9.70 12.05
N ASP A 567 -16.61 -10.42 12.07
CA ASP A 567 -17.90 -9.87 11.64
C ASP A 567 -18.31 -8.69 12.51
N LEU A 568 -18.15 -8.80 13.82
CA LEU A 568 -18.56 -7.71 14.69
C LEU A 568 -17.60 -6.53 14.56
N TYR A 569 -16.28 -6.80 14.44
CA TYR A 569 -15.32 -5.72 14.22
C TYR A 569 -15.64 -4.95 12.95
N ASN A 570 -15.93 -5.68 11.87
CA ASN A 570 -16.28 -5.05 10.60
C ASN A 570 -17.55 -4.23 10.71
N ASN A 571 -18.64 -4.80 11.24
CA ASN A 571 -19.91 -4.08 11.12
C ASN A 571 -19.98 -2.90 12.09
N VAL A 572 -19.38 -3.01 13.29
CA VAL A 572 -19.38 -1.83 14.14
C VAL A 572 -18.43 -0.78 13.57
N TYR A 573 -17.36 -1.20 12.90
CA TYR A 573 -16.51 -0.18 12.31
C TYR A 573 -17.08 0.38 11.01
N LEU A 574 -18.00 -0.33 10.34
CA LEU A 574 -18.82 0.33 9.34
C LEU A 574 -19.67 1.40 9.99
N ALA A 575 -20.32 1.08 11.12
CA ALA A 575 -21.16 2.06 11.81
C ALA A 575 -20.34 3.24 12.35
N ILE A 576 -19.04 3.05 12.55
CA ILE A 576 -18.17 4.14 12.99
C ILE A 576 -17.65 4.94 11.80
N TYR A 577 -17.05 4.28 10.81
CA TYR A 577 -16.28 4.95 9.76
C TYR A 577 -17.12 5.78 8.80
N MET A 578 -18.44 5.57 8.70
CA MET A 578 -19.21 6.37 7.76
C MET A 578 -19.76 7.65 8.38
N MET A 579 -19.04 8.27 9.30
CA MET A 579 -19.48 9.54 9.84
C MET A 579 -18.63 10.68 9.30
N PRO A 580 -19.21 11.69 8.67
CA PRO A 580 -18.44 12.89 8.30
C PRO A 580 -17.93 13.65 9.52
N LYS A 581 -16.89 14.44 9.31
CA LYS A 581 -16.11 14.96 10.43
C LYS A 581 -16.82 16.10 11.14
N SER A 582 -17.03 17.21 10.46
CA SER A 582 -17.58 18.42 11.08
C SER A 582 -19.00 18.62 10.59
N LEU A 583 -19.98 18.31 11.45
CA LEU A 583 -21.37 18.60 11.14
C LEU A 583 -21.85 19.87 11.83
N HIS A 584 -20.93 20.76 12.20
CA HIS A 584 -21.25 22.00 12.87
C HIS A 584 -20.90 23.23 12.04
N ASN A 585 -19.64 23.39 11.61
CA ASN A 585 -19.12 24.56 10.91
C ASN A 585 -17.66 24.22 10.60
N HIS A 586 -17.08 24.95 9.64
CA HIS A 586 -15.63 24.88 9.47
C HIS A 586 -14.90 25.73 10.51
N VAL A 587 -15.44 26.91 10.84
CA VAL A 587 -14.91 27.63 11.99
C VAL A 587 -15.71 27.20 13.21
N HIS A 588 -15.44 25.99 13.70
CA HIS A 588 -15.35 25.70 15.12
C HIS A 588 -14.19 24.74 15.31
N ASN A 589 -14.07 23.78 14.38
CA ASN A 589 -12.93 22.88 14.41
C ASN A 589 -11.66 23.58 13.95
N LEU A 590 -11.79 24.58 13.08
CA LEU A 590 -10.64 25.43 12.76
C LEU A 590 -10.10 26.11 14.02
N THR A 591 -10.99 26.74 14.78
CA THR A 591 -10.57 27.41 16.01
C THR A 591 -10.09 26.43 17.07
N SER A 592 -10.63 25.21 17.11
CA SER A 592 -10.13 24.20 18.04
C SER A 592 -8.70 23.79 17.67
N LEU A 593 -8.42 23.63 16.38
CA LEU A 593 -7.07 23.28 15.95
C LEU A 593 -6.08 24.41 16.21
N LEU A 594 -6.52 25.68 16.21
CA LEU A 594 -5.57 26.67 16.71
C LEU A 594 -5.49 26.71 18.24
N ASN A 595 -6.59 26.48 18.97
CA ASN A 595 -6.52 26.75 20.40
C ASN A 595 -5.92 25.62 21.22
N VAL A 596 -5.89 24.39 20.68
CA VAL A 596 -5.22 23.28 21.40
C VAL A 596 -3.73 23.55 21.65
N PRO A 597 -2.91 23.94 20.66
CA PRO A 597 -1.54 24.36 21.02
C PRO A 597 -1.49 25.65 21.83
N ALA A 598 -2.48 26.54 21.69
CA ALA A 598 -2.47 27.78 22.45
C ALA A 598 -2.65 27.52 23.94
N GLU A 599 -3.66 26.73 24.31
CA GLU A 599 -3.84 26.38 25.72
C GLU A 599 -2.71 25.49 26.21
N TRP A 600 -2.19 24.61 25.34
CA TRP A 600 -1.12 23.72 25.78
C TRP A 600 0.14 24.52 26.09
N GLU A 601 0.50 25.44 25.20
CA GLU A 601 1.68 26.27 25.41
C GLU A 601 1.48 27.25 26.55
N LEU A 602 0.25 27.71 26.79
CA LEU A 602 0.01 28.57 27.94
C LEU A 602 0.22 27.84 29.25
N LYS A 603 -0.26 26.60 29.36
CA LYS A 603 -0.03 25.90 30.62
C LYS A 603 1.41 25.45 30.74
N PHE A 604 2.08 25.20 29.61
CA PHE A 604 3.53 24.95 29.62
C PHE A 604 4.29 26.15 30.14
N ARG A 605 3.92 27.35 29.68
CA ARG A 605 4.55 28.58 30.13
C ARG A 605 4.26 28.87 31.60
N LYS A 606 3.02 28.58 32.04
CA LYS A 606 2.66 28.79 33.43
C LYS A 606 3.41 27.84 34.35
N GLU A 607 3.59 26.59 33.92
CA GLU A 607 4.34 25.64 34.75
C GLU A 607 5.82 25.94 34.74
N LEU A 608 6.34 26.50 33.64
CA LEU A 608 7.77 26.79 33.59
C LEU A 608 8.12 28.20 34.05
N GLY A 609 7.14 29.00 34.46
CA GLY A 609 7.41 30.29 35.06
C GLY A 609 7.70 31.41 34.09
N PHE A 610 7.65 31.16 32.78
CA PHE A 610 7.84 32.22 31.81
C PHE A 610 6.60 33.11 31.78
N ASN A 611 6.74 34.26 31.12
CA ASN A 611 5.61 35.14 30.89
C ASN A 611 5.43 35.35 29.39
N ILE A 612 4.42 36.16 29.05
CA ILE A 612 4.10 36.40 27.64
C ILE A 612 4.98 37.46 27.01
N PHE A 613 5.96 38.00 27.73
CA PHE A 613 6.79 39.07 27.22
C PHE A 613 8.27 38.69 27.07
N GLU A 614 8.75 37.70 27.83
CA GLU A 614 10.17 37.39 27.80
C GLU A 614 10.52 36.51 26.60
N ASP A 615 11.80 36.13 26.52
CA ASP A 615 12.28 35.24 25.49
C ASP A 615 12.06 33.79 25.93
N ILE A 616 12.68 32.85 25.20
CA ILE A 616 12.45 31.44 25.48
C ILE A 616 13.18 31.01 26.76
N TYR A 617 14.42 31.50 26.97
CA TYR A 617 15.29 31.19 28.11
C TYR A 617 15.47 29.68 28.25
N PRO A 618 16.34 29.08 27.43
CA PRO A 618 16.23 27.64 27.12
C PRO A 618 16.34 26.69 28.30
N LYS A 619 17.12 27.01 29.33
CA LYS A 619 17.24 26.14 30.48
C LYS A 619 17.22 26.97 31.76
N LYS A 620 16.30 26.63 32.65
CA LYS A 620 16.24 27.18 34.00
C LYS A 620 16.83 26.25 35.04
N ALA A 621 17.51 25.18 34.60
CA ALA A 621 17.96 24.05 35.41
C ALA A 621 16.81 23.36 36.15
N MET A 622 15.60 23.48 35.63
CA MET A 622 14.42 22.79 36.14
C MET A 622 14.26 21.44 35.47
N PHE A 623 15.15 21.11 34.53
CA PHE A 623 14.95 20.01 33.59
C PHE A 623 15.59 18.74 34.15
N ASP A 624 15.17 18.38 35.37
CA ASP A 624 15.75 17.26 36.11
C ASP A 624 14.62 16.44 36.73
N ASP A 625 14.17 15.43 35.99
CA ASP A 625 13.20 14.38 36.40
C ASP A 625 11.92 14.92 37.05
N LYS A 626 11.51 16.15 36.73
CA LYS A 626 10.19 16.60 37.11
C LYS A 626 9.14 16.01 36.19
N ASP A 627 7.90 15.94 36.69
CA ASP A 627 6.85 15.22 35.98
C ASP A 627 6.31 16.03 34.81
N LEU A 628 6.26 17.36 34.94
CA LEU A 628 5.59 18.16 33.92
C LEU A 628 6.40 18.30 32.65
N PHE A 629 7.56 18.95 32.73
CA PHE A 629 8.39 19.19 31.54
C PHE A 629 9.85 19.13 31.98
N SER A 630 10.48 17.97 31.85
CA SER A 630 11.87 17.79 32.26
C SER A 630 12.45 16.56 31.58
N ILE A 631 13.75 16.39 31.74
CA ILE A 631 14.49 15.21 31.28
C ILE A 631 15.34 14.71 32.43
N ASN A 632 15.95 13.54 32.23
CA ASN A 632 16.91 13.04 33.21
C ASN A 632 18.28 13.68 33.07
N GLY A 633 18.52 14.38 31.96
CA GLY A 633 19.76 15.10 31.78
C GLY A 633 20.92 14.24 31.30
N ALA A 634 21.48 13.44 32.19
CA ALA A 634 22.62 12.62 31.82
C ALA A 634 22.21 11.30 31.19
N LEU A 635 20.93 10.96 31.20
CA LEU A 635 20.52 9.66 30.69
C LEU A 635 20.25 9.67 29.20
N ASN A 636 19.53 10.69 28.71
CA ASN A 636 19.15 10.69 27.30
C ASN A 636 20.37 10.89 26.41
N VAL A 637 21.37 11.64 26.89
CA VAL A 637 22.60 11.81 26.13
C VAL A 637 23.35 10.48 25.99
N LYS A 638 23.33 9.65 27.03
CA LYS A 638 23.97 8.34 26.94
C LYS A 638 23.17 7.40 26.06
N ALA A 639 21.84 7.50 26.12
CA ALA A 639 20.98 6.69 25.25
C ALA A 639 21.21 7.04 23.78
N LEU A 640 21.34 8.32 23.47
CA LEU A 640 21.64 8.72 22.10
C LEU A 640 23.05 8.28 21.68
N SER A 641 24.00 8.33 22.61
CA SER A 641 25.38 7.94 22.30
C SER A 641 25.47 6.46 21.95
N ASP A 642 24.92 5.59 22.80
CA ASP A 642 25.01 4.19 22.44
C ASP A 642 24.00 3.78 21.38
N TYR A 643 22.97 4.60 21.08
CA TYR A 643 22.15 4.31 19.91
C TYR A 643 22.93 4.59 18.61
N TYR A 644 23.62 5.73 18.53
CA TYR A 644 24.45 5.98 17.35
C TYR A 644 25.60 5.00 17.26
N LEU A 645 26.06 4.47 18.40
CA LEU A 645 27.04 3.39 18.38
C LEU A 645 26.45 2.11 17.79
N GLY A 646 25.27 1.71 18.26
CA GLY A 646 24.69 0.45 17.85
C GLY A 646 23.91 0.47 16.56
N ASN A 647 23.71 1.63 15.95
CA ASN A 647 22.93 1.74 14.72
C ASN A 647 23.83 1.92 13.50
N ILE A 648 24.69 2.93 13.52
CA ILE A 648 25.54 3.25 12.37
C ILE A 648 26.81 2.43 12.49
N GLU A 649 26.97 1.44 11.61
CA GLU A 649 28.20 0.68 11.48
C GLU A 649 28.72 0.85 10.07
N ASN A 650 30.05 0.96 9.94
CA ASN A 650 30.74 1.26 8.68
C ASN A 650 30.25 2.57 8.09
N VAL A 651 30.63 3.64 8.81
CA VAL A 651 30.08 4.98 8.62
C VAL A 651 30.35 5.50 7.21
N GLY A 652 31.46 5.09 6.61
CA GLY A 652 31.84 5.61 5.30
C GLY A 652 30.91 5.18 4.18
N LEU A 653 30.52 3.90 4.15
CA LEU A 653 29.71 3.42 3.03
C LEU A 653 28.29 3.94 3.10
N MET A 654 27.70 3.99 4.30
CA MET A 654 26.37 4.56 4.41
C MET A 654 26.41 6.09 4.31
N ARG A 655 27.54 6.70 4.64
CA ARG A 655 27.75 8.11 4.35
C ARG A 655 27.71 8.36 2.85
N SER A 656 28.39 7.51 2.09
CA SER A 656 28.34 7.62 0.63
C SER A 656 26.94 7.33 0.11
N GLU A 657 26.20 6.44 0.77
CA GLU A 657 24.82 6.17 0.41
C GLU A 657 23.94 7.40 0.63
N ILE A 658 24.18 8.11 1.74
CA ILE A 658 23.46 9.35 2.02
C ILE A 658 23.76 10.40 0.95
N GLU A 659 25.05 10.53 0.59
CA GLU A 659 25.43 11.53 -0.40
C GLU A 659 25.01 11.15 -1.83
N ASN A 660 24.74 9.87 -2.08
CA ASN A 660 24.43 9.39 -3.43
C ASN A 660 22.93 9.25 -3.70
N LYS A 661 22.18 8.61 -2.80
CA LYS A 661 20.75 8.42 -3.02
C LYS A 661 19.97 9.72 -2.93
N GLU A 662 20.25 10.52 -1.91
CA GLU A 662 19.54 11.76 -1.65
C GLU A 662 20.26 12.93 -2.32
N ASP A 663 21.41 12.65 -2.92
CA ASP A 663 22.21 13.41 -3.90
C ASP A 663 22.26 14.93 -3.69
N PHE A 664 22.90 15.31 -2.58
CA PHE A 664 23.21 16.72 -2.33
C PHE A 664 24.25 17.29 -3.29
N LEU A 665 25.09 16.47 -3.90
CA LEU A 665 26.06 16.94 -4.89
C LEU A 665 25.41 17.36 -6.20
N SER A 666 24.17 16.99 -6.41
CA SER A 666 23.30 17.47 -7.47
C SER A 666 22.57 18.72 -6.99
N PRO A 667 22.08 19.57 -7.88
CA PRO A 667 21.33 20.75 -7.43
C PRO A 667 19.98 20.38 -6.81
N CYS A 668 19.36 21.38 -6.20
CA CYS A 668 18.19 21.17 -5.37
C CYS A 668 16.96 20.79 -6.19
N TYR A 669 16.88 21.23 -7.44
CA TYR A 669 15.72 20.90 -8.27
C TYR A 669 15.75 19.47 -8.78
N LYS A 670 16.88 18.76 -8.64
CA LYS A 670 16.95 17.36 -9.00
C LYS A 670 16.07 16.50 -8.11
N ILE A 671 15.77 16.95 -6.90
CA ILE A 671 14.88 16.24 -6.01
C ILE A 671 13.45 16.61 -6.37
N SER A 672 12.60 15.59 -6.57
CA SER A 672 11.23 15.85 -7.01
C SER A 672 10.36 16.41 -5.89
N THR A 673 10.66 16.09 -4.64
CA THR A 673 9.78 16.46 -3.54
C THR A 673 9.87 17.95 -3.22
N LEU A 674 10.91 18.64 -3.67
CA LEU A 674 11.05 20.07 -3.44
C LEU A 674 10.75 20.88 -4.69
N LYS A 675 10.03 20.31 -5.65
CA LYS A 675 9.67 21.00 -6.87
C LYS A 675 8.20 20.82 -7.25
N SER A 676 7.51 19.85 -6.67
CA SER A 676 6.10 19.61 -6.96
C SER A 676 5.23 20.64 -6.24
N SER A 677 3.92 20.55 -6.47
CA SER A 677 2.98 21.56 -5.96
C SER A 677 2.69 21.26 -4.49
N LYS A 678 3.50 21.84 -3.62
CA LYS A 678 3.26 21.80 -2.18
C LYS A 678 2.76 23.15 -1.65
N LYS A 679 2.99 24.23 -2.39
CA LYS A 679 2.67 25.63 -2.09
C LYS A 679 3.47 26.14 -0.90
N CYS A 680 4.22 27.21 -1.12
CA CYS A 680 5.29 27.61 -0.21
C CYS A 680 4.82 28.49 0.94
N SER A 681 3.83 29.34 0.71
CA SER A 681 3.38 30.38 1.64
C SER A 681 4.53 31.29 2.06
N GLN A 682 5.13 31.92 1.05
CA GLN A 682 6.08 32.98 1.31
C GLN A 682 5.35 34.25 1.73
N SER A 683 6.07 35.12 2.44
CA SER A 683 5.51 36.37 2.96
C SER A 683 5.80 37.50 1.98
N ASN A 684 4.74 38.15 1.50
CA ASN A 684 4.91 39.28 0.60
C ASN A 684 3.87 40.34 0.93
N ILE A 685 4.24 41.59 0.67
CA ILE A 685 3.38 42.73 0.96
C ILE A 685 3.76 43.86 0.01
N ILE A 686 2.79 44.71 -0.32
CA ILE A 686 3.07 45.92 -1.08
C ILE A 686 3.77 46.91 -0.16
N SER A 687 4.85 47.53 -0.66
CA SER A 687 5.64 48.44 0.15
C SER A 687 4.85 49.69 0.52
N THR A 688 5.19 50.27 1.67
CA THR A 688 4.45 51.41 2.19
C THR A 688 4.71 52.69 1.41
N ASP A 689 5.80 52.74 0.63
CA ASP A 689 6.06 53.92 -0.19
C ASP A 689 5.09 54.02 -1.36
N GLU A 690 4.60 52.87 -1.86
CA GLU A 690 3.70 52.86 -3.00
C GLU A 690 2.36 53.50 -2.65
N ILE A 691 1.86 53.26 -1.44
CA ILE A 691 0.56 53.81 -1.03
C ILE A 691 0.62 55.33 -0.92
N ILE A 692 1.66 55.85 -0.26
CA ILE A 692 1.76 57.29 -0.09
C ILE A 692 2.09 57.97 -1.42
N GLU A 693 2.87 57.32 -2.29
CA GLU A 693 3.14 57.94 -3.59
C GLU A 693 1.91 57.87 -4.50
N CYS A 694 1.04 56.87 -4.32
CA CYS A 694 -0.20 56.82 -5.08
C CYS A 694 -1.18 57.87 -4.60
N LEU A 695 -1.20 58.13 -3.28
CA LEU A 695 -1.99 59.24 -2.77
C LEU A 695 -1.42 60.59 -3.20
N GLN A 696 -0.10 60.68 -3.36
CA GLN A 696 0.50 61.94 -3.81
C GLN A 696 0.21 62.21 -5.28
N ASN A 697 0.24 61.19 -6.13
CA ASN A 697 -0.07 61.40 -7.54
C ASN A 697 -1.56 61.32 -7.85
N ALA A 698 -2.41 61.09 -6.84
CA ALA A 698 -3.84 61.08 -7.06
C ALA A 698 -4.34 62.49 -7.36
N LYS A 699 -5.15 62.62 -8.39
CA LYS A 699 -5.63 63.91 -8.88
C LYS A 699 -7.12 64.04 -8.60
N ILE A 700 -7.52 65.22 -8.09
CA ILE A 700 -8.92 65.51 -7.86
C ILE A 700 -9.67 65.64 -9.18
N GLN A 701 -9.00 66.16 -10.22
CA GLN A 701 -9.62 66.33 -11.53
C GLN A 701 -9.79 65.02 -12.28
N ASP A 702 -9.21 63.92 -11.80
CA ASP A 702 -9.27 62.62 -12.47
C ASP A 702 -10.00 61.60 -11.60
N ILE A 703 -11.13 61.99 -11.01
CA ILE A 703 -11.91 61.06 -10.20
C ILE A 703 -12.56 59.99 -11.07
N GLU A 704 -12.96 60.35 -12.29
CA GLU A 704 -13.58 59.39 -13.20
C GLU A 704 -12.58 58.58 -14.00
N ASN A 705 -11.29 58.92 -13.94
CA ASN A 705 -10.25 58.21 -14.68
C ASN A 705 -9.45 57.26 -13.81
N TRP A 706 -9.91 56.97 -12.60
CA TRP A 706 -9.19 56.09 -11.68
C TRP A 706 -9.41 54.64 -12.09
N LYS A 707 -8.40 54.05 -12.73
CA LYS A 707 -8.44 52.65 -13.13
C LYS A 707 -7.12 51.99 -12.77
N GLY A 708 -7.19 50.74 -12.31
CA GLY A 708 -6.00 50.01 -11.94
C GLY A 708 -5.80 49.88 -10.44
N ASN A 709 -4.53 49.86 -10.02
CA ASN A 709 -4.22 49.71 -8.60
C ASN A 709 -4.48 50.99 -7.81
N ASN A 710 -4.54 52.14 -8.48
CA ASN A 710 -4.79 53.41 -7.79
C ASN A 710 -6.19 53.45 -7.20
N LEU A 711 -7.19 52.95 -7.95
CA LEU A 711 -8.56 52.89 -7.44
C LEU A 711 -8.66 51.91 -6.26
N ALA A 712 -7.92 50.81 -6.32
CA ALA A 712 -7.89 49.85 -5.21
C ALA A 712 -7.27 50.45 -3.96
N ILE A 713 -6.18 51.22 -4.13
CA ILE A 713 -5.54 51.90 -3.00
C ILE A 713 -6.48 52.96 -2.42
N ILE A 714 -7.18 53.68 -3.29
CA ILE A 714 -8.13 54.71 -2.86
C ILE A 714 -9.29 54.08 -2.08
N LYS A 715 -9.80 52.94 -2.57
CA LYS A 715 -10.85 52.21 -1.85
C LYS A 715 -10.37 51.71 -0.49
N GLY A 716 -9.12 51.22 -0.43
CA GLY A 716 -8.58 50.77 0.84
C GLY A 716 -8.40 51.89 1.85
N LEU A 717 -7.89 53.04 1.41
CA LEU A 717 -7.69 54.16 2.33
C LEU A 717 -9.02 54.80 2.73
N ILE A 718 -10.02 54.82 1.83
CA ILE A 718 -11.30 55.37 2.25
C ILE A 718 -12.04 54.40 3.16
N ARG A 719 -11.80 53.09 3.02
CA ARG A 719 -12.33 52.14 3.99
C ARG A 719 -11.66 52.31 5.35
N THR A 720 -10.35 52.57 5.35
CA THR A 720 -9.63 52.83 6.60
C THR A 720 -10.14 54.10 7.27
N TYR A 721 -10.38 55.15 6.49
CA TYR A 721 -10.86 56.41 7.06
C TYR A 721 -12.30 56.28 7.55
N ASN A 722 -13.13 55.50 6.85
CA ASN A 722 -14.51 55.30 7.29
C ASN A 722 -14.60 54.42 8.52
N GLU A 723 -13.68 53.48 8.69
CA GLU A 723 -13.72 52.58 9.84
C GLU A 723 -12.87 53.04 11.01
N GLU A 724 -11.60 53.40 10.77
CA GLU A 724 -10.68 53.82 11.84
C GLU A 724 -9.92 55.06 11.40
N LYS A 725 -10.49 56.23 11.72
CA LYS A 725 -9.86 57.50 11.35
C LYS A 725 -8.55 57.72 12.11
N ASN A 726 -8.54 57.41 13.42
CA ASN A 726 -7.37 57.66 14.24
C ASN A 726 -6.20 56.77 13.84
N ARG A 727 -6.46 55.50 13.53
CA ARG A 727 -5.41 54.58 13.12
C ARG A 727 -4.77 55.05 11.81
N LEU A 728 -5.59 55.57 10.89
CA LEU A 728 -5.06 56.21 9.69
C LEU A 728 -4.25 57.47 10.03
N VAL A 729 -4.65 58.19 11.08
CA VAL A 729 -3.93 59.40 11.46
C VAL A 729 -2.52 59.09 11.95
N GLU A 730 -2.37 58.13 12.88
CA GLU A 730 -1.00 57.76 13.24
C GLU A 730 -0.28 56.96 12.16
N PHE A 731 -0.99 56.29 11.24
CA PHE A 731 -0.31 55.63 10.12
C PHE A 731 0.33 56.65 9.19
N PHE A 732 -0.40 57.72 8.87
CA PHE A 732 0.18 58.78 8.05
C PHE A 732 1.20 59.61 8.83
N GLU A 733 1.08 59.65 10.16
CA GLU A 733 2.09 60.36 10.95
C GLU A 733 3.41 59.59 10.97
N ASP A 734 3.36 58.27 11.12
CA ASP A 734 4.57 57.45 11.16
C ASP A 734 5.09 57.06 9.79
N ASN A 735 4.30 57.24 8.73
CA ASN A 735 4.72 56.84 7.40
C ASN A 735 4.95 57.99 6.44
N CYS A 736 4.48 59.19 6.78
CA CYS A 736 4.67 60.36 5.93
C CYS A 736 5.01 61.56 6.81
N VAL A 737 5.72 62.52 6.21
CA VAL A 737 6.07 63.74 6.94
C VAL A 737 5.04 64.84 6.71
N ASN A 738 4.38 64.85 5.56
CA ASN A 738 3.31 65.81 5.27
C ASN A 738 1.95 65.19 5.54
N SER A 739 1.67 64.97 6.84
CA SER A 739 0.44 64.29 7.23
C SER A 739 -0.79 65.15 7.02
N LEU A 740 -0.68 66.47 7.25
CA LEU A 740 -1.82 67.36 7.06
C LEU A 740 -2.21 67.46 5.59
N TYR A 741 -1.22 67.40 4.69
CA TYR A 741 -1.49 67.38 3.25
C TYR A 741 -2.29 66.13 2.87
N LEU A 742 -1.90 64.97 3.39
CA LEU A 742 -2.62 63.73 3.09
C LEU A 742 -4.02 63.75 3.69
N VAL A 743 -4.16 64.31 4.89
CA VAL A 743 -5.47 64.39 5.55
C VAL A 743 -6.42 65.29 4.77
N GLU A 744 -5.95 66.47 4.34
CA GLU A 744 -6.82 67.37 3.59
C GLU A 744 -7.09 66.85 2.19
N LYS A 745 -6.13 66.10 1.60
CA LYS A 745 -6.38 65.47 0.30
C LYS A 745 -7.44 64.39 0.41
N LEU A 746 -7.39 63.58 1.47
CA LEU A 746 -8.41 62.56 1.69
C LEU A 746 -9.78 63.19 1.97
N LYS A 747 -9.79 64.31 2.71
CA LYS A 747 -11.03 65.02 2.97
C LYS A 747 -11.61 65.62 1.69
N GLU A 748 -10.75 66.09 0.79
CA GLU A 748 -11.21 66.62 -0.49
C GLU A 748 -11.72 65.51 -1.40
N ILE A 749 -11.10 64.33 -1.36
CA ILE A 749 -11.54 63.21 -2.18
C ILE A 749 -12.89 62.69 -1.68
N ILE A 750 -13.04 62.56 -0.36
CA ILE A 750 -14.30 62.04 0.18
C ILE A 750 -15.43 63.06 0.06
N ASN A 751 -15.12 64.34 -0.14
CA ASN A 751 -16.15 65.33 -0.36
C ASN A 751 -16.64 65.39 -1.80
N SER A 752 -15.99 64.67 -2.71
CA SER A 752 -16.44 64.66 -4.10
C SER A 752 -17.72 63.83 -4.26
N GLY A 753 -17.78 62.67 -3.61
CA GLY A 753 -18.95 61.83 -3.67
C GLY A 753 -19.11 61.03 -4.94
N SER A 754 -18.08 60.96 -5.79
CA SER A 754 -18.16 60.24 -7.05
C SER A 754 -17.72 58.79 -6.95
N ILE A 755 -17.31 58.34 -5.76
CA ILE A 755 -16.88 56.97 -5.54
C ILE A 755 -17.73 56.34 -4.45
N THR A 756 -17.71 55.02 -4.40
CA THR A 756 -18.56 54.25 -3.49
C THR A 756 -17.78 53.82 -2.25
N VAL A 757 -18.52 53.57 -1.18
CA VAL A 757 -17.95 53.10 0.08
C VAL A 757 -18.50 51.70 0.35
N GLY A 758 -17.97 51.08 1.40
CA GLY A 758 -18.38 49.73 1.77
C GLY A 758 -18.63 49.62 3.25
N LYS A 759 -19.72 48.95 3.61
CA LYS A 759 -20.07 48.71 4.99
C LYS A 759 -19.53 47.34 5.41
N SER A 760 -19.93 46.87 6.59
CA SER A 760 -19.52 45.57 7.09
C SER A 760 -20.37 44.49 6.43
N VAL A 761 -19.76 43.73 5.53
CA VAL A 761 -20.45 42.67 4.80
C VAL A 761 -19.77 41.32 5.02
N THR A 762 -19.08 41.17 6.15
CA THR A 762 -18.33 39.96 6.58
C THR A 762 -17.30 39.64 5.50
N SER A 763 -17.28 38.43 4.94
CA SER A 763 -16.27 38.02 3.97
C SER A 763 -16.60 38.44 2.54
N LYS A 764 -17.78 39.02 2.31
CA LYS A 764 -18.15 39.44 0.95
C LYS A 764 -17.27 40.56 0.43
N PHE A 765 -16.76 41.42 1.33
CA PHE A 765 -15.77 42.41 0.95
C PHE A 765 -14.48 41.76 0.46
N ILE A 766 -14.16 40.57 0.97
CA ILE A 766 -13.05 39.78 0.43
C ILE A 766 -13.45 39.20 -0.92
N ARG A 767 -14.74 38.87 -1.10
CA ARG A 767 -15.15 38.04 -2.21
C ARG A 767 -15.23 38.81 -3.52
N ASN A 768 -15.90 39.96 -3.51
CA ASN A 768 -16.19 40.70 -4.74
C ASN A 768 -15.36 41.97 -4.86
N ASN A 769 -14.08 41.88 -4.46
CA ASN A 769 -13.17 43.01 -4.56
C ASN A 769 -11.78 42.52 -4.91
N HIS A 770 -10.95 43.43 -5.36
CA HIS A 770 -9.56 43.10 -5.65
C HIS A 770 -8.81 42.80 -4.35
N PRO A 771 -7.93 41.80 -4.33
CA PRO A 771 -7.15 41.52 -3.11
C PRO A 771 -6.18 42.63 -2.72
N LEU A 772 -5.80 43.49 -3.68
CA LEU A 772 -4.95 44.63 -3.34
C LEU A 772 -5.67 45.59 -2.41
N THR A 773 -6.98 45.76 -2.60
CA THR A 773 -7.78 46.61 -1.71
C THR A 773 -7.77 46.09 -0.29
N VAL A 774 -7.98 44.77 -0.12
CA VAL A 774 -8.07 44.25 1.24
C VAL A 774 -6.70 44.16 1.90
N GLU A 775 -5.62 43.95 1.13
CA GLU A 775 -4.31 43.96 1.78
C GLU A 775 -3.87 45.38 2.14
N THR A 776 -4.23 46.39 1.33
CA THR A 776 -3.86 47.76 1.72
C THR A 776 -4.81 48.30 2.78
N TYR A 777 -5.98 47.67 2.95
CA TYR A 777 -6.83 48.02 4.08
C TYR A 777 -6.34 47.39 5.38
N LEU A 778 -5.90 46.13 5.32
CA LEU A 778 -5.41 45.46 6.52
C LEU A 778 -4.02 45.95 6.91
N LYS A 779 -3.24 46.43 5.94
CA LYS A 779 -1.93 47.00 6.27
C LYS A 779 -2.07 48.30 7.04
N THR A 780 -3.10 49.08 6.75
CA THR A 780 -3.38 50.32 7.46
C THR A 780 -4.24 50.11 8.70
N LYS A 781 -4.62 48.87 9.01
CA LYS A 781 -5.50 48.57 10.14
C LYS A 781 -4.72 48.18 11.38
N LEU A 782 -3.82 47.20 11.27
CA LEU A 782 -3.06 46.70 12.40
C LEU A 782 -1.70 47.39 12.56
N TYR A 783 -1.59 48.64 12.13
CA TYR A 783 -0.32 49.37 12.27
C TYR A 783 -0.19 49.80 13.72
N TYR A 784 0.60 49.04 14.49
CA TYR A 784 0.86 49.27 15.89
C TYR A 784 2.36 49.32 16.15
N ARG A 785 3.06 50.12 15.33
CA ARG A 785 4.53 50.17 15.25
C ARG A 785 5.12 48.79 14.97
N ASN A 786 4.44 48.03 14.10
CA ASN A 786 4.88 46.71 13.70
C ASN A 786 4.69 46.57 12.20
N ASN A 787 4.99 45.39 11.67
CA ASN A 787 4.85 45.10 10.25
C ASN A 787 3.95 43.87 10.09
N VAL A 788 2.65 44.11 10.01
CA VAL A 788 1.69 43.03 9.79
C VAL A 788 1.66 42.68 8.30
N THR A 789 1.64 41.38 8.01
CA THR A 789 1.70 40.90 6.63
C THR A 789 1.06 39.51 6.57
N VAL A 790 0.07 39.36 5.71
CA VAL A 790 -0.57 38.07 5.50
C VAL A 790 0.29 37.22 4.56
N LEU A 791 0.01 35.93 4.50
CA LEU A 791 0.79 35.03 3.68
C LEU A 791 0.15 34.84 2.31
N LYS A 792 0.91 34.25 1.39
CA LYS A 792 0.40 33.93 0.06
C LYS A 792 1.16 32.72 -0.45
N SER A 793 0.42 31.70 -0.89
CA SER A 793 0.99 30.42 -1.28
C SER A 793 1.36 30.47 -2.76
N LYS A 794 2.66 30.40 -3.05
CA LYS A 794 3.19 30.42 -4.40
C LYS A 794 3.61 29.03 -4.84
N LYS A 795 4.22 28.94 -6.02
CA LYS A 795 4.67 27.67 -6.58
C LYS A 795 6.08 27.34 -6.07
N VAL A 796 6.27 26.08 -5.68
CA VAL A 796 7.54 25.64 -5.10
C VAL A 796 8.67 25.70 -6.13
N SER A 797 8.37 25.29 -7.36
CA SER A 797 9.34 25.37 -8.45
C SER A 797 9.74 26.82 -8.71
N GLU A 798 8.78 27.74 -8.61
CA GLU A 798 9.08 29.15 -8.81
C GLU A 798 9.97 29.70 -7.70
N GLU A 799 9.77 29.24 -6.46
CA GLU A 799 10.61 29.68 -5.35
C GLU A 799 12.03 29.17 -5.51
N LEU A 800 12.20 27.92 -5.94
CA LEU A 800 13.54 27.43 -6.25
C LEU A 800 14.17 28.19 -7.40
N TYR A 801 13.38 28.54 -8.41
CA TYR A 801 13.89 29.31 -9.55
C TYR A 801 14.34 30.70 -9.11
N ASP A 802 13.57 31.34 -8.23
CA ASP A 802 13.93 32.66 -7.72
C ASP A 802 15.18 32.61 -6.85
N LEU A 803 15.33 31.59 -6.00
CA LEU A 803 16.51 31.54 -5.14
C LEU A 803 17.76 31.15 -5.92
N VAL A 804 17.62 30.29 -6.93
CA VAL A 804 18.74 29.96 -7.82
C VAL A 804 19.15 31.20 -8.62
N LYS A 805 18.17 32.03 -9.00
CA LYS A 805 18.48 33.32 -9.61
C LYS A 805 19.26 34.21 -8.66
N GLN A 806 18.68 34.54 -7.51
CA GLN A 806 19.25 35.53 -6.59
C GLN A 806 20.53 35.07 -5.93
N PHE A 807 20.87 33.77 -5.99
CA PHE A 807 22.22 33.37 -5.63
C PHE A 807 23.24 33.92 -6.63
N HIS A 808 22.88 33.92 -7.91
CA HIS A 808 23.81 34.26 -8.97
C HIS A 808 23.79 35.74 -9.32
N ASN A 809 23.42 36.59 -8.36
CA ASN A 809 23.40 38.06 -8.51
C ASN A 809 22.47 38.48 -9.64
N MET A 810 21.40 37.70 -9.84
CA MET A 810 20.51 37.82 -10.99
C MET A 810 19.25 38.57 -10.56
N MET A 811 19.41 39.87 -10.29
CA MET A 811 18.30 40.63 -9.72
C MET A 811 17.26 41.03 -10.76
N GLU A 812 17.65 41.09 -12.04
CA GLU A 812 16.78 41.55 -13.11
C GLU A 812 16.90 40.62 -14.28
N ILE A 813 15.76 40.32 -14.92
CA ILE A 813 15.74 39.30 -15.96
C ILE A 813 16.44 39.81 -17.21
N ASP A 814 17.38 39.01 -17.72
CA ASP A 814 18.17 39.35 -18.89
C ASP A 814 18.70 38.06 -19.48
N LEU A 815 18.69 37.98 -20.82
CA LEU A 815 19.13 36.76 -21.48
C LEU A 815 20.64 36.59 -21.39
N ASP A 816 21.39 37.66 -21.65
CA ASP A 816 22.83 37.55 -21.86
C ASP A 816 23.60 37.24 -20.58
N SER A 817 22.95 37.37 -19.42
CA SER A 817 23.62 37.05 -18.16
C SER A 817 23.65 35.57 -17.86
N VAL A 818 22.97 34.74 -18.64
CA VAL A 818 22.96 33.30 -18.41
C VAL A 818 23.41 32.50 -19.65
N MET A 819 23.25 33.03 -20.87
CA MET A 819 23.84 32.36 -22.02
C MET A 819 25.36 32.53 -22.09
N ASN A 820 25.92 33.41 -21.27
CA ASN A 820 27.37 33.63 -21.29
C ASN A 820 28.12 32.43 -20.75
N LEU A 821 27.58 31.78 -19.73
CA LEU A 821 28.26 30.68 -19.05
C LEU A 821 27.34 29.47 -19.00
N GLY A 822 27.89 28.35 -18.54
CA GLY A 822 27.13 27.12 -18.43
C GLY A 822 27.13 26.31 -19.70
N LYS A 823 28.32 26.09 -20.26
CA LYS A 823 28.46 25.39 -21.54
C LYS A 823 28.66 23.91 -21.29
N GLY A 824 27.60 23.12 -21.47
CA GLY A 824 27.71 21.69 -21.35
C GLY A 824 27.91 21.23 -19.91
N THR A 825 28.42 20.00 -19.79
CA THR A 825 28.68 19.42 -18.47
C THR A 825 29.87 20.05 -17.78
N GLU A 826 30.69 20.82 -18.50
CA GLU A 826 31.77 21.60 -17.91
C GLU A 826 31.29 22.97 -17.45
N GLY A 827 29.99 23.23 -17.54
CA GLY A 827 29.44 24.51 -17.14
C GLY A 827 29.33 24.67 -15.65
N LYS A 828 28.74 25.79 -15.25
CA LYS A 828 28.60 26.12 -13.84
C LYS A 828 27.58 25.18 -13.18
N LYS A 829 27.84 24.84 -11.93
CA LYS A 829 26.98 23.93 -11.20
C LYS A 829 26.81 24.44 -9.77
N HIS A 830 25.71 24.06 -9.15
CA HIS A 830 25.46 24.36 -7.74
C HIS A 830 24.93 23.12 -7.04
N THR A 831 25.31 22.97 -5.78
CA THR A 831 24.91 21.85 -4.95
C THR A 831 23.87 22.30 -3.94
N PHE A 832 23.32 21.34 -3.20
CA PHE A 832 22.23 21.64 -2.28
C PHE A 832 22.72 22.39 -1.05
N LEU A 833 23.82 21.97 -0.46
CA LEU A 833 24.16 22.48 0.86
C LEU A 833 24.71 23.90 0.81
N GLN A 834 25.35 24.28 -0.31
CA GLN A 834 25.78 25.67 -0.42
C GLN A 834 24.57 26.59 -0.65
N MET A 835 23.55 26.09 -1.36
CA MET A 835 22.26 26.79 -1.41
C MET A 835 21.68 26.98 -0.02
N LEU A 836 21.73 25.92 0.79
CA LEU A 836 21.18 25.94 2.15
C LEU A 836 21.89 26.97 3.01
N GLU A 837 23.22 26.96 2.99
CA GLU A 837 23.95 27.92 3.82
C GLU A 837 23.86 29.33 3.24
N PHE A 838 23.65 29.48 1.94
CA PHE A 838 23.47 30.81 1.37
C PHE A 838 22.16 31.43 1.83
N VAL A 839 21.07 30.68 1.75
CA VAL A 839 19.78 31.20 2.23
C VAL A 839 19.80 31.36 3.74
N MET A 840 20.55 30.49 4.44
CA MET A 840 20.68 30.60 5.89
C MET A 840 21.45 31.85 6.29
N SER A 841 22.52 32.18 5.58
CA SER A 841 23.24 33.42 5.85
C SER A 841 22.42 34.63 5.44
N LYS A 842 21.58 34.49 4.41
CA LYS A 842 20.68 35.59 4.05
C LYS A 842 19.68 35.88 5.16
N ALA A 843 19.08 34.84 5.73
CA ALA A 843 18.07 35.05 6.76
C ALA A 843 18.65 35.15 8.16
N LYS A 844 19.98 35.01 8.31
CA LYS A 844 20.60 35.33 9.59
C LYS A 844 20.52 36.81 9.91
N ASN A 845 20.39 37.66 8.89
CA ASN A 845 20.13 39.07 9.11
C ASN A 845 18.72 39.24 9.68
N VAL A 846 18.60 40.11 10.67
CA VAL A 846 17.32 40.32 11.34
C VAL A 846 16.41 41.13 10.43
N THR A 847 15.25 40.56 10.09
CA THR A 847 14.27 41.24 9.25
C THR A 847 12.85 41.05 9.76
N GLY A 848 12.66 40.63 11.01
CA GLY A 848 11.35 40.33 11.54
C GLY A 848 11.00 38.86 11.61
N SER A 849 11.93 37.97 11.22
CA SER A 849 11.75 36.52 11.20
C SER A 849 10.54 36.11 10.37
N VAL A 850 10.49 36.60 9.12
CA VAL A 850 9.38 36.28 8.25
C VAL A 850 9.46 34.84 7.77
N ASP A 851 10.64 34.23 7.82
CA ASP A 851 10.76 32.83 7.45
C ASP A 851 10.15 31.91 8.50
N PHE A 852 10.17 32.33 9.76
CA PHE A 852 9.63 31.51 10.84
C PHE A 852 8.20 31.96 11.16
N LEU A 853 7.36 31.86 10.13
CA LEU A 853 5.93 32.18 10.25
C LEU A 853 5.16 31.11 9.52
N VAL A 854 4.60 30.15 10.25
CA VAL A 854 3.97 28.98 9.66
C VAL A 854 2.57 28.80 10.21
N SER A 855 1.68 28.31 9.36
CA SER A 855 0.37 27.83 9.76
C SER A 855 0.47 26.32 9.95
N VAL A 856 -0.60 25.73 10.49
CA VAL A 856 -0.62 24.27 10.64
C VAL A 856 -0.77 23.63 9.27
N TYR A 857 -0.10 22.49 9.09
CA TYR A 857 -0.05 21.72 7.84
C TYR A 857 0.51 22.56 6.70
N LEU A 858 1.44 23.46 7.03
CA LEU A 858 2.01 24.38 6.07
C LEU A 858 3.36 24.85 6.58
N MET A 859 4.27 25.11 5.66
CA MET A 859 5.62 25.50 6.04
C MET A 859 6.21 26.38 4.94
N SER A 860 6.99 27.38 5.35
CA SER A 860 7.66 28.28 4.43
C SER A 860 8.80 27.55 3.71
N MET A 861 9.40 28.26 2.74
CA MET A 861 10.36 27.66 1.83
C MET A 861 11.65 27.27 2.55
N LYS A 862 12.22 28.21 3.31
CA LYS A 862 13.45 27.96 4.04
C LYS A 862 13.27 26.96 5.17
N VAL A 863 12.13 27.02 5.87
CA VAL A 863 11.93 26.04 6.91
C VAL A 863 11.65 24.67 6.31
N LYS A 864 11.06 24.62 5.10
CA LYS A 864 11.00 23.37 4.37
C LYS A 864 12.39 22.86 4.03
N MET A 865 13.31 23.78 3.70
CA MET A 865 14.69 23.39 3.43
C MET A 865 15.37 22.80 4.66
N MET A 866 15.21 23.42 5.82
CA MET A 866 15.93 22.89 6.99
C MET A 866 15.29 21.59 7.49
N LEU A 867 13.96 21.51 7.42
CA LEU A 867 13.26 20.29 7.81
C LEU A 867 13.60 19.15 6.85
N TYR A 868 13.70 19.48 5.57
CA TYR A 868 14.18 18.55 4.57
C TYR A 868 15.60 18.11 4.87
N PHE A 869 16.46 19.04 5.27
CA PHE A 869 17.85 18.72 5.57
C PHE A 869 17.94 17.75 6.73
N ILE A 870 17.21 18.01 7.81
CA ILE A 870 17.23 17.14 8.98
C ILE A 870 16.66 15.76 8.64
N GLU A 871 15.47 15.75 8.04
CA GLU A 871 14.77 14.49 7.78
C GLU A 871 15.45 13.66 6.71
N HIS A 872 16.00 14.30 5.68
CA HIS A 872 16.62 13.61 4.57
C HIS A 872 18.12 13.43 4.74
N THR A 873 18.70 13.91 5.84
CA THR A 873 20.00 13.41 6.23
C THR A 873 19.88 12.33 7.28
N PHE A 874 18.74 12.24 7.95
CA PHE A 874 18.58 11.27 9.01
C PHE A 874 17.73 10.08 8.58
N LYS A 875 17.09 10.14 7.42
CA LYS A 875 16.18 9.09 7.01
C LYS A 875 16.91 7.80 6.66
N HIS A 876 18.17 7.90 6.25
CA HIS A 876 18.95 6.69 6.06
C HIS A 876 19.39 6.09 7.38
N VAL A 877 19.60 6.93 8.40
CA VAL A 877 19.84 6.41 9.74
C VAL A 877 18.60 5.69 10.26
N ALA A 878 17.43 6.23 9.96
CA ALA A 878 16.17 5.52 10.24
C ALA A 878 16.05 4.26 9.40
N GLN A 879 16.58 4.28 8.18
CA GLN A 879 16.57 3.11 7.31
C GLN A 879 17.47 2.01 7.82
N SER A 880 18.47 2.34 8.62
CA SER A 880 19.41 1.34 9.12
C SER A 880 18.90 0.57 10.33
N ASP A 881 17.71 0.87 10.83
CA ASP A 881 17.22 0.23 12.04
C ASP A 881 16.23 -0.84 11.59
N PRO A 882 16.45 -2.11 11.91
CA PRO A 882 15.59 -3.18 11.38
C PRO A 882 14.24 -3.26 12.06
N SER A 883 14.08 -2.71 13.25
CA SER A 883 12.83 -2.79 13.99
C SER A 883 12.07 -1.45 14.01
N GLU A 884 12.11 -0.70 12.90
CA GLU A 884 11.45 0.59 12.84
C GLU A 884 10.74 0.71 11.50
N ALA A 885 9.62 1.45 11.49
CA ALA A 885 8.72 1.42 10.34
C ALA A 885 8.26 2.83 9.94
N ILE A 886 9.19 3.77 9.84
CA ILE A 886 8.91 5.02 9.14
C ILE A 886 9.49 4.97 7.73
N SER A 887 10.39 4.02 7.45
CA SER A 887 10.95 3.78 6.13
C SER A 887 10.25 2.64 5.43
N ILE A 888 8.92 2.56 5.62
CA ILE A 888 8.09 1.53 5.03
C ILE A 888 8.12 1.60 3.51
N SER A 889 7.80 0.47 2.89
CA SER A 889 7.61 0.40 1.43
C SER A 889 6.14 0.58 1.08
N GLY A 890 5.57 1.66 1.61
CA GLY A 890 4.19 2.03 1.34
C GLY A 890 3.17 1.34 2.21
N ASP A 891 2.85 0.09 1.90
CA ASP A 891 1.79 -0.58 2.64
C ASP A 891 2.17 -1.96 3.15
N ASN A 892 2.94 -2.73 2.37
CA ASN A 892 3.14 -4.15 2.69
C ASN A 892 4.09 -4.36 3.85
N LYS A 893 5.08 -3.46 4.00
CA LYS A 893 6.07 -3.59 5.06
C LYS A 893 5.45 -3.49 6.45
N ILE A 894 4.34 -2.76 6.56
CA ILE A 894 3.66 -2.58 7.84
C ILE A 894 3.12 -3.92 8.34
N ARG A 895 2.28 -4.56 7.53
CA ARG A 895 1.68 -5.83 7.92
C ARG A 895 2.74 -6.91 8.04
N ALA A 896 3.72 -6.92 7.12
CA ALA A 896 4.78 -7.91 7.16
C ALA A 896 5.62 -7.79 8.42
N LEU A 897 5.98 -6.56 8.82
CA LEU A 897 6.86 -6.39 9.95
C LEU A 897 6.11 -6.59 11.26
N SER A 898 4.83 -6.18 11.33
CA SER A 898 4.03 -6.45 12.51
C SER A 898 3.81 -7.94 12.71
N THR A 899 3.53 -8.66 11.62
CA THR A 899 3.36 -10.10 11.74
C THR A 899 4.66 -10.82 12.08
N LEU A 900 5.80 -10.34 11.57
CA LEU A 900 7.04 -11.01 11.94
C LEU A 900 7.44 -10.69 13.37
N SER A 901 7.13 -9.48 13.85
CA SER A 901 7.31 -9.18 15.26
C SER A 901 6.48 -10.10 16.13
N LEU A 902 5.21 -10.31 15.74
CA LEU A 902 4.33 -11.18 16.52
C LEU A 902 4.81 -12.62 16.49
N ASP A 903 5.23 -13.13 15.34
CA ASP A 903 5.62 -14.53 15.30
C ASP A 903 6.97 -14.78 15.96
N THR A 904 7.92 -13.85 15.87
CA THR A 904 9.18 -14.03 16.61
C THR A 904 8.97 -13.87 18.11
N ILE A 905 8.07 -12.99 18.54
CA ILE A 905 7.77 -12.85 19.95
C ILE A 905 7.13 -14.12 20.49
N THR A 906 6.17 -14.68 19.74
CA THR A 906 5.52 -15.90 20.19
C THR A 906 6.47 -17.09 20.12
N SER A 907 7.39 -17.10 19.17
CA SER A 907 8.39 -18.15 19.14
C SER A 907 9.33 -18.06 20.33
N TYR A 908 9.68 -16.84 20.74
CA TYR A 908 10.52 -16.67 21.92
C TYR A 908 9.78 -17.10 23.18
N ASN A 909 8.48 -16.81 23.24
CA ASN A 909 7.65 -17.30 24.35
C ASN A 909 7.59 -18.82 24.37
N ASP A 910 7.44 -19.44 23.20
CA ASP A 910 7.35 -20.90 23.11
C ASP A 910 8.67 -21.57 23.46
N ILE A 911 9.80 -20.99 23.07
CA ILE A 911 11.07 -21.61 23.44
C ILE A 911 11.44 -21.34 24.89
N LEU A 912 10.90 -20.27 25.49
CA LEU A 912 11.07 -20.10 26.92
C LEU A 912 10.02 -20.82 27.75
N ASN A 913 9.05 -21.47 27.11
CA ASN A 913 8.07 -22.25 27.86
C ASN A 913 8.60 -23.60 28.32
N LYS A 914 9.74 -24.05 27.79
CA LYS A 914 10.23 -25.39 28.06
C LYS A 914 11.18 -25.37 29.26
N ASN A 915 10.79 -26.11 30.32
CA ASN A 915 11.60 -26.36 31.51
C ASN A 915 12.01 -25.07 32.23
N SER A 916 11.11 -24.09 32.26
CA SER A 916 11.39 -22.83 32.93
C SER A 916 10.60 -22.73 34.23
N LYS A 917 11.00 -21.78 35.08
CA LYS A 917 10.35 -21.62 36.37
C LYS A 917 9.01 -20.92 36.23
N LYS A 918 9.02 -19.66 35.77
CA LYS A 918 7.81 -18.90 35.53
C LYS A 918 7.99 -18.09 34.27
N SER A 919 6.88 -17.80 33.59
CA SER A 919 6.94 -17.07 32.33
C SER A 919 5.63 -16.33 32.11
N ARG A 920 5.74 -15.08 31.68
CA ARG A 920 4.57 -14.28 31.33
C ARG A 920 4.98 -13.23 30.32
N LEU A 921 4.06 -12.94 29.40
CA LEU A 921 4.32 -12.12 28.22
C LEU A 921 3.11 -11.24 27.95
N ALA A 922 3.38 -10.02 27.49
CA ALA A 922 2.30 -9.11 27.11
C ALA A 922 2.81 -8.13 26.08
N PHE A 923 1.88 -7.52 25.37
CA PHE A 923 2.19 -6.58 24.30
C PHE A 923 1.71 -5.20 24.68
N LEU A 924 1.94 -4.26 23.79
CA LEU A 924 1.50 -2.88 23.99
C LEU A 924 1.36 -2.21 22.64
N SER A 925 0.16 -1.73 22.35
CA SER A 925 -0.10 -0.81 21.25
C SER A 925 -0.45 0.52 21.91
N ALA A 926 0.44 1.49 21.76
CA ALA A 926 0.32 2.76 22.49
C ALA A 926 0.27 3.93 21.53
N ASP A 927 -0.56 4.90 21.85
CA ASP A 927 -0.65 6.18 21.16
C ASP A 927 -0.44 7.29 22.18
N GLN A 928 0.28 8.34 21.77
CA GLN A 928 0.63 9.42 22.69
C GLN A 928 -0.40 10.54 22.60
N SER A 929 -0.53 11.30 23.70
CA SER A 929 -1.57 12.31 23.84
C SER A 929 -1.44 13.44 22.83
N LYS A 930 -0.38 14.23 22.97
CA LYS A 930 -0.12 15.33 22.03
C LYS A 930 1.38 15.29 21.77
N TRP A 931 1.75 14.49 20.78
CA TRP A 931 3.15 14.32 20.43
C TRP A 931 3.78 15.58 19.87
N SER A 932 2.96 16.43 19.24
CA SER A 932 3.49 17.62 18.58
C SER A 932 3.88 18.70 19.58
N ALA A 933 3.10 18.85 20.66
CA ALA A 933 3.25 19.98 21.53
C ALA A 933 3.78 19.64 22.92
N SER A 934 3.70 18.39 23.36
CA SER A 934 4.30 18.02 24.64
C SER A 934 5.80 17.84 24.57
N ASP A 935 6.33 17.48 23.41
CA ASP A 935 7.75 17.15 23.28
C ASP A 935 8.62 18.38 23.36
N LEU A 936 9.65 18.31 24.19
CA LEU A 936 10.66 19.35 24.30
C LEU A 936 11.62 19.18 23.14
N THR A 937 11.80 20.26 22.35
CA THR A 937 12.66 20.18 21.18
C THR A 937 14.14 20.14 21.58
N TYR A 938 14.46 20.56 22.80
CA TYR A 938 15.84 20.65 23.24
C TYR A 938 16.51 19.31 23.42
N LYS A 939 15.73 18.23 23.56
CA LYS A 939 16.26 16.87 23.51
C LYS A 939 16.93 16.59 22.18
N TYR A 940 16.46 17.20 21.09
CA TYR A 940 17.16 17.07 19.82
C TYR A 940 18.49 17.80 19.82
N VAL A 941 18.59 18.91 20.58
CA VAL A 941 19.81 19.71 20.60
C VAL A 941 20.94 18.93 21.26
N LEU A 942 20.61 18.11 22.26
CA LEU A 942 21.58 17.22 22.89
C LEU A 942 21.94 16.03 22.01
N ALA A 943 21.24 15.83 20.89
CA ALA A 943 21.42 14.65 20.06
C ALA A 943 22.30 14.87 18.84
N ILE A 944 22.15 16.01 18.15
CA ILE A 944 22.79 16.24 16.85
C ILE A 944 24.32 16.26 17.00
N ILE A 945 24.82 16.80 18.11
CA ILE A 945 26.25 16.82 18.38
C ILE A 945 26.83 15.44 18.65
N LEU A 946 26.00 14.41 18.83
CA LEU A 946 26.51 13.07 19.11
C LEU A 946 26.63 12.19 17.88
N ASN A 947 26.29 12.71 16.69
CA ASN A 947 26.23 11.88 15.49
C ASN A 947 27.58 11.86 14.78
N PRO A 948 28.19 10.69 14.57
CA PRO A 948 29.47 10.64 13.86
C PRO A 948 29.35 10.74 12.35
N ILE A 949 28.13 10.84 11.81
CA ILE A 949 27.95 10.91 10.36
C ILE A 949 28.40 12.25 9.81
N LEU A 950 28.39 13.29 10.62
CA LEU A 950 28.73 14.62 10.17
C LEU A 950 30.17 14.96 10.53
N THR A 951 30.56 16.20 10.31
CA THR A 951 31.83 16.75 10.75
C THR A 951 31.57 18.00 11.56
N THR A 952 32.65 18.59 12.07
CA THR A 952 32.56 19.86 12.78
C THR A 952 32.24 20.97 11.77
N GLY A 953 31.02 21.49 11.83
CA GLY A 953 30.59 22.52 10.92
C GLY A 953 29.24 22.27 10.29
N GLU A 954 28.95 21.01 9.96
CA GLU A 954 27.60 20.67 9.54
C GLU A 954 26.75 20.15 10.70
N ALA A 955 27.40 19.58 11.72
CA ALA A 955 26.71 19.40 13.00
C ALA A 955 26.32 20.74 13.58
N SER A 956 27.24 21.72 13.50
CA SER A 956 26.91 23.08 13.92
C SER A 956 25.85 23.70 13.04
N LEU A 957 25.81 23.31 11.75
CA LEU A 957 24.76 23.78 10.84
C LEU A 957 23.38 23.31 11.32
N MET A 958 23.26 22.01 11.63
CA MET A 958 21.98 21.48 12.10
C MET A 958 21.63 21.97 13.50
N ILE A 959 22.63 22.12 14.38
CA ILE A 959 22.38 22.69 15.71
C ILE A 959 21.86 24.13 15.59
N GLU A 960 22.46 24.93 14.70
CA GLU A 960 22.06 26.32 14.62
C GLU A 960 20.70 26.46 13.97
N CYS A 961 20.36 25.59 13.01
CA CYS A 961 19.03 25.68 12.41
C CYS A 961 17.95 25.23 13.41
N ILE A 962 18.25 24.21 14.23
CA ILE A 962 17.29 23.81 15.26
C ILE A 962 17.09 24.92 16.29
N LEU A 963 18.17 25.55 16.75
CA LEU A 963 18.01 26.61 17.74
C LEU A 963 17.41 27.87 17.13
N MET A 964 17.52 28.07 15.82
CA MET A 964 16.76 29.14 15.19
C MET A 964 15.29 28.78 15.07
N TYR A 965 14.97 27.49 14.98
CA TYR A 965 13.58 27.06 14.86
C TYR A 965 12.77 27.28 16.12
N VAL A 966 13.41 27.42 17.29
CA VAL A 966 12.68 27.47 18.54
C VAL A 966 12.56 28.87 19.13
N LYS A 967 13.37 29.82 18.69
CA LYS A 967 13.36 31.16 19.28
C LYS A 967 12.73 32.21 18.37
N LEU A 968 12.12 31.79 17.25
CA LEU A 968 11.44 32.75 16.39
C LEU A 968 10.10 32.23 15.89
N LYS A 969 9.56 31.16 16.47
CA LYS A 969 8.38 30.51 15.92
C LYS A 969 7.12 31.27 16.28
N LYS A 970 6.30 31.55 15.27
CA LYS A 970 5.03 32.25 15.45
C LYS A 970 4.03 31.71 14.43
N VAL A 971 2.75 31.74 14.80
CA VAL A 971 1.68 31.18 13.98
C VAL A 971 0.71 32.29 13.62
N CYS A 972 0.46 32.46 12.33
CA CYS A 972 -0.44 33.50 11.85
C CYS A 972 -1.88 32.98 11.91
N ILE A 973 -2.68 33.61 12.74
CA ILE A 973 -4.12 33.33 12.83
C ILE A 973 -4.79 33.75 11.53
N PRO A 974 -5.77 32.99 11.01
CA PRO A 974 -6.52 33.45 9.83
C PRO A 974 -7.23 34.77 10.07
N THR A 975 -7.27 35.58 9.00
CA THR A 975 -7.74 36.96 9.12
C THR A 975 -9.24 37.04 9.37
N ASP A 976 -10.00 36.14 8.76
CA ASP A 976 -11.45 36.19 8.89
C ASP A 976 -11.90 35.82 10.30
N ILE A 977 -11.30 34.79 10.89
CA ILE A 977 -11.66 34.45 12.27
C ILE A 977 -11.08 35.49 13.23
N PHE A 978 -9.97 36.15 12.84
CA PHE A 978 -9.44 37.25 13.64
C PHE A 978 -10.43 38.41 13.67
N LEU A 979 -11.01 38.75 12.52
CA LEU A 979 -11.99 39.82 12.47
C LEU A 979 -13.27 39.45 13.21
N ASN A 980 -13.67 38.18 13.11
CA ASN A 980 -14.87 37.71 13.82
C ASN A 980 -14.66 37.79 15.33
N LEU A 981 -13.52 37.31 15.82
CA LEU A 981 -13.26 37.30 17.25
C LEU A 981 -13.02 38.71 17.78
N ARG A 982 -12.39 39.58 16.98
CA ARG A 982 -12.18 40.96 17.38
C ARG A 982 -13.49 41.73 17.46
N LYS A 983 -14.40 41.52 16.50
CA LYS A 983 -15.70 42.17 16.56
C LYS A 983 -16.53 41.65 17.73
N ALA A 984 -16.45 40.34 17.99
CA ALA A 984 -17.19 39.76 19.12
C ALA A 984 -16.66 40.27 20.45
N GLN A 985 -15.35 40.49 20.56
CA GLN A 985 -14.79 41.11 21.76
C GLN A 985 -15.19 42.58 21.85
N GLY A 986 -15.23 43.27 20.71
CA GLY A 986 -15.51 44.70 20.73
C GLY A 986 -16.94 45.03 21.11
N THR A 987 -17.92 44.28 20.60
CA THR A 987 -19.30 44.67 20.83
C THR A 987 -20.01 43.89 21.92
N PHE A 988 -19.52 42.70 22.31
CA PHE A 988 -20.23 41.86 23.25
C PHE A 988 -19.43 41.54 24.50
N GLY A 989 -18.18 41.10 24.35
CA GLY A 989 -17.46 40.52 25.47
C GLY A 989 -16.68 41.47 26.35
N GLN A 990 -15.83 42.30 25.72
CA GLN A 990 -14.81 43.13 26.37
C GLN A 990 -13.81 42.32 27.18
N ASN A 991 -13.66 41.04 26.85
CA ASN A 991 -12.63 40.16 27.39
C ASN A 991 -12.43 39.02 26.39
N GLU A 992 -11.56 38.08 26.73
CA GLU A 992 -11.26 37.00 25.82
C GLU A 992 -10.95 35.73 26.58
N THR A 993 -10.86 34.63 25.83
CA THR A 993 -10.39 33.35 26.36
C THR A 993 -8.87 33.32 26.34
N ALA A 994 -8.29 32.14 26.57
CA ALA A 994 -6.84 32.00 26.74
C ALA A 994 -6.06 32.44 25.51
N ILE A 995 -6.58 32.14 24.32
CA ILE A 995 -5.88 32.47 23.08
C ILE A 995 -5.77 33.98 22.86
N GLY A 996 -6.60 34.79 23.53
CA GLY A 996 -6.46 36.22 23.48
C GLY A 996 -5.48 36.81 24.48
N LEU A 997 -5.09 36.06 25.51
CA LEU A 997 -4.15 36.61 26.48
C LEU A 997 -2.71 36.62 25.99
N LEU A 998 -2.38 35.82 24.98
CA LEU A 998 -1.05 35.94 24.38
C LEU A 998 -0.91 37.29 23.68
N THR A 999 -1.95 37.69 22.96
CA THR A 999 -2.00 39.02 22.38
C THR A 999 -2.22 40.05 23.48
N LYS A 1000 -1.68 41.26 23.26
CA LYS A 1000 -1.86 42.34 24.22
C LYS A 1000 -3.18 43.07 23.93
N GLY A 1001 -4.26 42.37 24.29
CA GLY A 1001 -5.59 42.87 23.96
C GLY A 1001 -5.92 42.84 22.48
N LEU A 1002 -5.54 41.75 21.80
CA LEU A 1002 -5.77 41.52 20.36
C LEU A 1002 -5.17 42.65 19.51
N THR A 1003 -3.95 43.05 19.88
CA THR A 1003 -3.22 44.04 19.12
C THR A 1003 -2.21 43.44 18.15
N THR A 1004 -2.03 42.13 18.16
CA THR A 1004 -1.11 41.47 17.23
C THR A 1004 -1.84 40.37 16.47
N ASN A 1005 -1.43 40.19 15.21
CA ASN A 1005 -2.04 39.18 14.35
C ASN A 1005 -1.56 37.78 14.73
N THR A 1006 -0.26 37.62 14.95
CA THR A 1006 0.34 36.31 15.13
C THR A 1006 0.59 36.03 16.60
N TYR A 1007 0.74 34.74 16.91
CA TYR A 1007 1.01 34.30 18.26
C TYR A 1007 2.09 33.24 18.27
N PRO A 1008 2.95 33.21 19.28
CA PRO A 1008 4.06 32.25 19.29
C PRO A 1008 3.76 30.96 20.05
N VAL A 1009 4.26 29.86 19.48
CA VAL A 1009 4.35 28.57 20.17
C VAL A 1009 5.82 28.17 20.19
N SER A 1010 6.28 27.66 21.33
CA SER A 1010 7.71 27.48 21.54
C SER A 1010 8.16 26.05 21.31
N MET A 1011 7.59 25.10 22.04
CA MET A 1011 8.04 23.72 21.96
C MET A 1011 7.16 22.86 21.06
N ASN A 1012 6.23 23.47 20.33
CA ASN A 1012 5.38 22.73 19.41
C ASN A 1012 5.98 22.82 18.01
N TRP A 1013 6.72 21.78 17.63
CA TRP A 1013 6.89 21.49 16.22
C TRP A 1013 5.60 20.82 15.75
N LEU A 1014 5.05 21.32 14.65
CA LEU A 1014 3.75 20.86 14.20
C LEU A 1014 3.84 19.43 13.69
N GLN A 1015 2.75 18.70 13.82
CA GLN A 1015 2.72 17.28 13.45
C GLN A 1015 2.84 17.12 11.95
N GLY A 1016 3.46 16.01 11.55
CA GLY A 1016 3.74 15.75 10.17
C GLY A 1016 5.02 16.35 9.64
N ASN A 1017 5.65 17.25 10.41
CA ASN A 1017 6.90 17.84 9.96
C ASN A 1017 8.08 16.93 10.25
N LEU A 1018 8.16 16.41 11.47
CA LEU A 1018 9.29 15.56 11.86
C LEU A 1018 8.71 14.21 12.24
N ASN A 1019 8.43 13.39 11.24
CA ASN A 1019 7.94 12.05 11.47
C ASN A 1019 9.05 11.03 11.52
N TYR A 1020 10.28 11.44 11.20
CA TYR A 1020 11.40 10.50 11.13
C TYR A 1020 12.26 10.57 12.39
N LEU A 1021 12.76 11.77 12.70
CA LEU A 1021 13.72 11.93 13.80
C LEU A 1021 13.06 11.64 15.14
N SER A 1022 11.82 12.12 15.31
CA SER A 1022 11.09 11.94 16.56
C SER A 1022 10.79 10.47 16.81
N SER A 1023 10.43 9.73 15.75
CA SER A 1023 10.15 8.32 15.90
C SER A 1023 11.40 7.55 16.31
N VAL A 1024 12.54 7.90 15.73
CA VAL A 1024 13.75 7.16 16.03
C VAL A 1024 14.24 7.48 17.44
N TYR A 1025 14.10 8.73 17.87
CA TYR A 1025 14.48 9.03 19.25
C TYR A 1025 13.45 8.52 20.25
N HIS A 1026 12.22 8.30 19.80
CA HIS A 1026 11.25 7.61 20.63
C HIS A 1026 11.66 6.14 20.80
N SER A 1027 12.19 5.55 19.73
CA SER A 1027 12.79 4.22 19.83
C SER A 1027 14.08 4.24 20.67
N CYS A 1028 14.77 5.37 20.70
CA CYS A 1028 15.90 5.52 21.61
C CYS A 1028 15.43 5.49 23.06
N ALA A 1029 14.28 6.10 23.33
CA ALA A 1029 13.69 5.95 24.66
C ALA A 1029 13.26 4.51 24.92
N MET A 1030 12.81 3.81 23.89
CA MET A 1030 12.48 2.39 24.02
C MET A 1030 13.70 1.56 24.45
N LYS A 1031 14.83 1.80 23.80
CA LYS A 1031 16.00 1.02 24.22
C LYS A 1031 16.61 1.57 25.51
N ALA A 1032 16.31 2.82 25.86
CA ALA A 1032 16.62 3.29 27.20
C ALA A 1032 15.83 2.51 28.24
N TYR A 1033 14.56 2.20 27.94
CA TYR A 1033 13.76 1.34 28.81
C TYR A 1033 14.37 -0.04 28.89
N HIS A 1034 14.84 -0.57 27.76
CA HIS A 1034 15.43 -1.91 27.75
C HIS A 1034 16.68 -1.96 28.63
N LYS A 1035 17.63 -1.05 28.38
CA LYS A 1035 18.88 -1.00 29.15
C LYS A 1035 18.65 -0.61 30.60
N THR A 1036 17.56 0.10 30.88
CA THR A 1036 17.15 0.32 32.25
C THR A 1036 16.70 -0.97 32.90
N LEU A 1037 16.01 -1.83 32.14
CA LEU A 1037 15.51 -3.08 32.70
C LEU A 1037 16.57 -4.20 32.77
N GLU A 1038 17.69 -4.10 32.05
CA GLU A 1038 18.71 -5.08 32.45
C GLU A 1038 19.46 -4.67 33.72
N CYS A 1039 19.22 -3.47 34.25
CA CYS A 1039 19.82 -3.14 35.54
C CYS A 1039 19.12 -3.86 36.69
N TYR A 1040 17.92 -4.38 36.46
CA TYR A 1040 17.26 -5.22 37.44
C TYR A 1040 18.05 -6.52 37.62
N LYS A 1041 18.07 -7.02 38.85
CA LYS A 1041 18.99 -8.09 39.22
C LYS A 1041 18.39 -9.48 39.01
N ASP A 1042 17.25 -9.75 39.65
CA ASP A 1042 16.73 -11.11 39.73
C ASP A 1042 15.86 -11.50 38.55
N CYS A 1043 15.65 -10.62 37.59
CA CYS A 1043 14.79 -10.91 36.45
C CYS A 1043 15.48 -10.51 35.16
N ASP A 1044 15.15 -11.23 34.08
CA ASP A 1044 15.71 -10.99 32.77
C ASP A 1044 14.63 -10.47 31.83
N PHE A 1045 15.02 -9.54 30.94
CA PHE A 1045 14.06 -8.87 30.08
C PHE A 1045 14.62 -8.75 28.68
N GLN A 1046 13.77 -8.97 27.67
CA GLN A 1046 14.12 -8.79 26.27
C GLN A 1046 12.97 -8.06 25.58
N THR A 1047 13.06 -6.74 25.49
CA THR A 1047 11.98 -5.91 24.97
C THR A 1047 12.35 -5.38 23.59
N ARG A 1048 11.62 -5.83 22.58
CA ARG A 1048 11.76 -5.32 21.22
C ARG A 1048 10.58 -4.41 20.92
N TRP A 1049 10.72 -3.62 19.87
CA TRP A 1049 9.75 -2.57 19.62
C TRP A 1049 9.61 -2.31 18.14
N ILE A 1050 8.43 -1.82 17.77
CA ILE A 1050 8.19 -1.17 16.48
C ILE A 1050 7.69 0.22 16.79
N VAL A 1051 8.30 1.21 16.18
CA VAL A 1051 7.89 2.60 16.35
C VAL A 1051 7.48 3.15 15.00
N HIS A 1052 6.24 3.58 14.91
CA HIS A 1052 5.79 4.47 13.86
C HIS A 1052 5.61 5.84 14.48
N SER A 1053 5.49 6.86 13.62
CA SER A 1053 5.16 8.20 14.11
C SER A 1053 3.78 8.17 14.75
N ASP A 1054 3.70 8.72 15.96
CA ASP A 1054 2.54 8.66 16.86
C ASP A 1054 2.14 7.23 17.22
N ASP A 1055 3.06 6.25 17.19
CA ASP A 1055 2.61 4.89 17.42
C ASP A 1055 3.69 4.03 18.06
N ASN A 1056 3.24 3.02 18.80
CA ASN A 1056 4.07 1.98 19.38
C ASN A 1056 3.49 0.60 19.11
N ALA A 1057 4.38 -0.38 19.14
CA ALA A 1057 4.00 -1.79 19.21
C ALA A 1057 5.17 -2.53 19.84
N THR A 1058 5.08 -2.85 21.13
CA THR A 1058 6.22 -3.46 21.81
C THR A 1058 5.78 -4.63 22.68
N SER A 1059 6.75 -5.25 23.33
CA SER A 1059 6.51 -6.39 24.20
C SER A 1059 7.56 -6.43 25.31
N LEU A 1060 7.35 -7.34 26.25
CA LEU A 1060 8.25 -7.53 27.39
C LEU A 1060 8.16 -8.98 27.85
N ILE A 1061 9.30 -9.54 28.25
CA ILE A 1061 9.36 -10.93 28.68
C ILE A 1061 10.08 -10.97 30.02
N ALA A 1062 9.42 -11.54 31.02
CA ALA A 1062 10.01 -11.68 32.35
C ALA A 1062 10.00 -13.15 32.76
N SER A 1063 11.10 -13.59 33.35
CA SER A 1063 11.24 -14.96 33.82
C SER A 1063 11.84 -14.95 35.23
N GLY A 1064 11.41 -15.90 36.05
CA GLY A 1064 11.90 -15.99 37.41
C GLY A 1064 10.82 -15.69 38.44
N GLU A 1065 11.20 -15.06 39.54
CA GLU A 1065 10.25 -14.76 40.61
C GLU A 1065 9.44 -13.54 40.20
N VAL A 1066 8.24 -13.79 39.67
CA VAL A 1066 7.40 -12.72 39.17
C VAL A 1066 6.67 -12.01 40.30
N ASP A 1067 6.40 -12.72 41.40
CA ASP A 1067 5.56 -12.17 42.48
C ASP A 1067 6.24 -11.02 43.20
N LYS A 1068 7.51 -11.18 43.56
CA LYS A 1068 8.21 -10.08 44.23
C LYS A 1068 8.47 -8.93 43.25
N MET A 1069 8.57 -9.23 41.96
CA MET A 1069 8.71 -8.18 40.96
C MET A 1069 7.44 -7.35 40.86
N LEU A 1070 6.28 -8.00 40.85
CA LEU A 1070 5.02 -7.25 40.75
C LEU A 1070 4.67 -6.55 42.04
N THR A 1071 5.12 -7.06 43.19
CA THR A 1071 4.95 -6.29 44.42
C THR A 1071 5.95 -5.14 44.49
N ASP A 1072 7.08 -5.25 43.81
CA ASP A 1072 8.03 -4.13 43.76
C ASP A 1072 7.48 -2.97 42.93
N PHE A 1073 6.82 -3.27 41.82
CA PHE A 1073 6.23 -2.24 40.97
C PHE A 1073 4.76 -1.99 41.31
N SER A 1074 4.24 -2.64 42.36
CA SER A 1074 2.89 -2.39 42.91
C SER A 1074 1.79 -2.61 41.87
N SER A 1075 1.72 -3.83 41.35
CA SER A 1075 0.70 -4.20 40.37
C SER A 1075 0.40 -5.68 40.49
N SER A 1076 -0.70 -6.10 39.87
CA SER A 1076 -1.11 -7.50 39.93
C SER A 1076 -1.00 -8.22 38.60
N SER A 1077 -0.93 -7.51 37.49
CA SER A 1077 -0.79 -8.12 36.18
C SER A 1077 0.39 -7.49 35.46
N LEU A 1078 1.03 -8.29 34.59
CA LEU A 1078 2.12 -7.78 33.77
C LEU A 1078 1.71 -6.66 32.82
N PRO A 1079 0.55 -6.68 32.14
CA PRO A 1079 0.15 -5.47 31.40
C PRO A 1079 -0.03 -4.24 32.26
N GLU A 1080 -0.48 -4.39 33.51
CA GLU A 1080 -0.60 -3.25 34.42
C GLU A 1080 0.75 -2.65 34.75
N MET A 1081 1.73 -3.51 35.06
CA MET A 1081 3.09 -3.06 35.35
C MET A 1081 3.72 -2.43 34.12
N LEU A 1082 3.49 -3.02 32.95
CA LEU A 1082 4.02 -2.48 31.70
C LEU A 1082 3.44 -1.11 31.39
N PHE A 1083 2.12 -0.96 31.59
CA PHE A 1083 1.47 0.32 31.34
C PHE A 1083 1.97 1.39 32.30
N ARG A 1084 2.11 1.06 33.58
CA ARG A 1084 2.57 2.04 34.55
C ARG A 1084 4.03 2.43 34.31
N SER A 1085 4.89 1.45 34.02
CA SER A 1085 6.29 1.74 33.73
C SER A 1085 6.44 2.59 32.48
N ILE A 1086 5.70 2.25 31.43
CA ILE A 1086 5.81 2.98 30.17
C ILE A 1086 5.27 4.40 30.33
N GLU A 1087 4.19 4.56 31.11
CA GLU A 1087 3.65 5.90 31.36
C GLU A 1087 4.63 6.74 32.16
N ALA A 1088 5.26 6.17 33.18
CA ALA A 1088 6.21 6.93 33.99
C ALA A 1088 7.45 7.31 33.19
N HIS A 1089 7.94 6.38 32.37
CA HIS A 1089 9.13 6.63 31.55
C HIS A 1089 8.82 7.70 30.52
N PHE A 1090 7.66 7.63 29.88
CA PHE A 1090 7.31 8.65 28.90
C PHE A 1090 7.12 10.01 29.55
N LYS A 1091 6.54 10.05 30.76
CA LYS A 1091 6.41 11.30 31.50
C LYS A 1091 7.77 11.84 31.92
N SER A 1092 8.78 10.97 32.08
CA SER A 1092 10.11 11.44 32.46
C SER A 1092 10.80 12.20 31.34
N PHE A 1093 10.45 11.94 30.09
CA PHE A 1093 11.07 12.56 28.93
C PHE A 1093 10.05 13.19 28.00
N CYS A 1094 9.13 13.98 28.56
CA CYS A 1094 8.26 14.92 27.85
C CYS A 1094 7.40 14.24 26.79
N ILE A 1095 6.99 13.02 27.07
CA ILE A 1095 6.06 12.29 26.21
C ILE A 1095 4.79 12.04 27.01
N THR A 1096 3.68 12.61 26.55
CA THR A 1096 2.42 12.44 27.26
C THR A 1096 1.66 11.27 26.63
N LEU A 1097 1.44 10.22 27.43
CA LEU A 1097 0.68 9.06 27.00
C LEU A 1097 -0.78 9.22 27.43
N ASN A 1098 -1.69 8.82 26.53
CA ASN A 1098 -3.12 9.01 26.74
C ASN A 1098 -3.76 7.70 27.19
N PRO A 1099 -4.35 7.65 28.39
CA PRO A 1099 -4.94 6.39 28.86
C PRO A 1099 -6.18 5.97 28.10
N LYS A 1100 -6.88 6.89 27.45
CA LYS A 1100 -8.15 6.54 26.81
C LYS A 1100 -7.95 5.79 25.50
N LYS A 1101 -6.78 5.88 24.89
CA LYS A 1101 -6.55 5.29 23.58
C LYS A 1101 -5.48 4.22 23.57
N SER A 1102 -4.47 4.33 24.42
CA SER A 1102 -3.48 3.27 24.55
C SER A 1102 -4.08 2.13 25.36
N TYR A 1103 -4.07 0.93 24.78
CA TYR A 1103 -4.69 -0.21 25.44
C TYR A 1103 -3.83 -1.43 25.18
N ALA A 1104 -3.56 -2.19 26.23
CA ALA A 1104 -2.58 -3.26 26.16
C ALA A 1104 -3.21 -4.56 26.65
N SER A 1105 -3.10 -5.61 25.84
CA SER A 1105 -3.69 -6.89 26.16
C SER A 1105 -2.70 -7.99 25.82
N SER A 1106 -3.18 -9.22 25.78
CA SER A 1106 -2.33 -10.38 25.58
C SER A 1106 -2.40 -10.96 24.17
N SER A 1107 -3.26 -10.43 23.31
CA SER A 1107 -3.36 -10.97 21.95
C SER A 1107 -3.47 -9.94 20.84
N GLU A 1108 -3.75 -8.68 21.13
CA GLU A 1108 -3.98 -7.67 20.10
C GLU A 1108 -2.79 -6.74 19.91
N VAL A 1109 -2.59 -6.30 18.68
CA VAL A 1109 -1.67 -5.22 18.33
C VAL A 1109 -2.38 -4.35 17.29
N GLU A 1110 -2.53 -3.06 17.58
CA GLU A 1110 -3.21 -2.15 16.66
C GLU A 1110 -2.22 -1.11 16.18
N PHE A 1111 -1.70 -1.29 14.97
CA PHE A 1111 -0.61 -0.44 14.50
C PHE A 1111 -1.16 0.86 13.93
N ILE A 1112 -1.97 0.77 12.87
CA ILE A 1112 -2.97 1.80 12.60
C ILE A 1112 -4.32 1.10 12.56
N SER A 1113 -4.31 -0.14 12.11
CA SER A 1113 -5.51 -0.92 11.91
C SER A 1113 -5.07 -2.37 11.68
N GLU A 1114 -6.04 -3.23 11.37
CA GLU A 1114 -5.85 -4.66 11.16
C GLU A 1114 -5.21 -5.30 12.39
N ARG A 1115 -5.98 -5.28 13.48
CA ARG A 1115 -5.52 -5.82 14.75
C ARG A 1115 -5.37 -7.34 14.66
N ILE A 1116 -4.13 -7.80 14.78
CA ILE A 1116 -3.81 -9.21 14.61
C ILE A 1116 -3.98 -9.90 15.95
N VAL A 1117 -4.76 -10.98 15.98
CA VAL A 1117 -5.04 -11.73 17.20
C VAL A 1117 -4.51 -13.15 17.04
N ASN A 1118 -3.71 -13.59 18.03
CA ASN A 1118 -3.25 -14.97 18.18
C ASN A 1118 -2.51 -15.49 16.95
N GLY A 1119 -1.77 -14.61 16.29
CA GLY A 1119 -1.07 -14.97 15.07
C GLY A 1119 -1.90 -14.90 13.80
N ALA A 1120 -3.17 -14.52 13.88
CA ALA A 1120 -4.06 -14.46 12.73
C ALA A 1120 -4.57 -13.03 12.55
N ILE A 1121 -4.40 -12.50 11.35
CA ILE A 1121 -4.78 -11.12 11.07
C ILE A 1121 -6.26 -11.06 10.75
N ILE A 1122 -6.92 -10.06 11.29
CA ILE A 1122 -8.29 -9.75 10.88
C ILE A 1122 -8.22 -8.97 9.56
N PRO A 1123 -9.01 -9.34 8.55
CA PRO A 1123 -8.93 -8.63 7.26
C PRO A 1123 -9.26 -7.15 7.32
N LEU A 1124 -10.39 -6.77 7.94
CA LEU A 1124 -10.81 -5.39 8.15
C LEU A 1124 -10.95 -4.65 6.81
N TYR A 1125 -11.93 -5.10 6.04
CA TYR A 1125 -12.33 -4.43 4.81
C TYR A 1125 -13.36 -3.34 5.06
N CYS A 1126 -13.66 -3.07 6.33
CA CYS A 1126 -14.59 -2.01 6.69
C CYS A 1126 -14.07 -0.65 6.27
N ARG A 1127 -12.76 -0.42 6.40
CA ARG A 1127 -12.17 0.84 5.96
C ARG A 1127 -12.24 0.98 4.45
N HIS A 1128 -11.98 -0.11 3.72
CA HIS A 1128 -12.01 -0.06 2.27
C HIS A 1128 -13.42 0.14 1.74
N LEU A 1129 -14.38 -0.66 2.23
CA LEU A 1129 -15.76 -0.49 1.81
C LEU A 1129 -16.37 0.80 2.33
N ALA A 1130 -15.84 1.35 3.42
CA ALA A 1130 -16.31 2.64 3.91
C ALA A 1130 -15.82 3.76 3.00
N ASN A 1131 -14.53 3.72 2.61
CA ASN A 1131 -14.01 4.69 1.67
C ASN A 1131 -14.57 4.50 0.27
N CYS A 1132 -15.17 3.34 0.01
CA CYS A 1132 -15.94 3.16 -1.22
C CYS A 1132 -17.13 4.12 -1.29
N CYS A 1133 -17.68 4.53 -0.15
CA CYS A 1133 -18.85 5.39 -0.17
C CYS A 1133 -18.75 6.54 0.83
N THR A 1134 -17.57 7.14 1.00
CA THR A 1134 -17.53 8.28 1.91
C THR A 1134 -16.77 9.50 1.36
N GLU A 1135 -15.89 9.31 0.38
CA GLU A 1135 -15.06 10.40 -0.11
C GLU A 1135 -14.64 10.13 -1.55
N SER A 1136 -14.20 11.19 -2.23
CA SER A 1136 -13.59 11.06 -3.55
C SER A 1136 -12.65 12.24 -3.75
N SER A 1137 -11.82 12.13 -4.80
CA SER A 1137 -10.82 13.15 -5.05
C SER A 1137 -11.45 14.46 -5.54
N HIS A 1138 -12.62 14.37 -6.17
CA HIS A 1138 -13.48 15.50 -6.53
C HIS A 1138 -12.80 16.49 -7.48
N ILE A 1139 -12.35 15.97 -8.62
CA ILE A 1139 -11.86 16.81 -9.71
C ILE A 1139 -12.60 16.54 -11.01
N SER A 1140 -12.82 15.27 -11.36
CA SER A 1140 -13.49 14.94 -12.61
C SER A 1140 -14.16 13.58 -12.46
N TYR A 1141 -15.03 13.27 -13.42
CA TYR A 1141 -15.77 12.00 -13.39
C TYR A 1141 -14.83 10.82 -13.56
N PHE A 1142 -13.98 10.88 -14.58
CA PHE A 1142 -13.10 9.76 -14.93
C PHE A 1142 -12.09 9.48 -13.83
N ASP A 1143 -11.47 10.54 -13.27
CA ASP A 1143 -10.39 10.30 -12.31
C ASP A 1143 -10.96 9.88 -10.96
N ASP A 1144 -12.14 10.39 -10.60
CA ASP A 1144 -12.82 9.87 -9.41
C ASP A 1144 -13.21 8.40 -9.59
N LEU A 1145 -13.65 8.05 -10.80
CA LEU A 1145 -13.92 6.65 -11.10
C LEU A 1145 -12.65 5.81 -11.00
N MET A 1146 -11.51 6.36 -11.41
CA MET A 1146 -10.25 5.64 -11.28
C MET A 1146 -9.85 5.43 -9.83
N SER A 1147 -9.98 6.47 -9.00
CA SER A 1147 -9.62 6.36 -7.59
C SER A 1147 -10.53 5.39 -6.85
N LEU A 1148 -11.84 5.49 -7.08
CA LEU A 1148 -12.75 4.53 -6.48
C LEU A 1148 -12.57 3.14 -7.05
N SER A 1149 -12.11 3.01 -8.29
CA SER A 1149 -11.84 1.68 -8.82
C SER A 1149 -10.61 1.07 -8.16
N ILE A 1150 -9.61 1.91 -7.85
CA ILE A 1150 -8.47 1.46 -7.06
C ILE A 1150 -8.94 0.99 -5.69
N HIS A 1151 -9.90 1.70 -5.11
CA HIS A 1151 -10.50 1.26 -3.85
C HIS A 1151 -11.26 -0.07 -4.01
N VAL A 1152 -11.90 -0.29 -5.17
CA VAL A 1152 -12.54 -1.57 -5.46
C VAL A 1152 -11.51 -2.69 -5.50
N THR A 1153 -10.37 -2.44 -6.15
CA THR A 1153 -9.30 -3.43 -6.20
C THR A 1153 -8.75 -3.72 -4.80
N MET A 1154 -8.68 -2.70 -3.96
CA MET A 1154 -8.21 -2.90 -2.59
C MET A 1154 -9.19 -3.74 -1.79
N LEU A 1155 -10.50 -3.47 -1.91
CA LEU A 1155 -11.48 -4.22 -1.12
C LEU A 1155 -11.65 -5.63 -1.67
N LEU A 1156 -11.44 -5.83 -2.95
CA LEU A 1156 -11.43 -7.18 -3.50
C LEU A 1156 -10.15 -7.92 -3.14
N ARG A 1157 -9.06 -7.19 -2.96
CA ARG A 1157 -7.77 -7.79 -2.66
C ARG A 1157 -7.58 -8.11 -1.18
N LYS A 1158 -8.46 -7.58 -0.32
CA LYS A 1158 -8.35 -7.76 1.12
C LYS A 1158 -9.37 -8.75 1.69
N GLY A 1159 -9.67 -9.82 0.96
CA GLY A 1159 -10.60 -10.82 1.44
C GLY A 1159 -12.04 -10.35 1.53
N CYS A 1160 -12.66 -10.12 0.37
CA CYS A 1160 -14.00 -9.57 0.33
C CYS A 1160 -15.04 -10.60 0.76
N PRO A 1161 -16.15 -10.16 1.36
CA PRO A 1161 -17.26 -11.07 1.65
C PRO A 1161 -18.03 -11.48 0.40
N ASN A 1162 -19.15 -12.19 0.59
CA ASN A 1162 -19.76 -12.96 -0.50
C ASN A 1162 -20.52 -12.11 -1.52
N GLU A 1163 -21.59 -11.45 -1.10
CA GLU A 1163 -22.57 -10.92 -2.04
C GLU A 1163 -22.42 -9.44 -2.31
N VAL A 1164 -21.39 -8.79 -1.77
CA VAL A 1164 -21.30 -7.35 -1.82
C VAL A 1164 -20.50 -6.85 -3.01
N ILE A 1165 -19.92 -7.75 -3.81
CA ILE A 1165 -19.18 -7.32 -5.00
C ILE A 1165 -20.07 -6.60 -6.02
N PRO A 1166 -21.24 -7.12 -6.43
CA PRO A 1166 -22.02 -6.36 -7.43
C PRO A 1166 -22.61 -5.09 -6.88
N PHE A 1167 -22.98 -5.08 -5.60
CA PHE A 1167 -23.43 -3.84 -4.99
C PHE A 1167 -22.29 -2.84 -4.86
N ALA A 1168 -21.06 -3.30 -4.69
CA ALA A 1168 -19.92 -2.39 -4.65
C ALA A 1168 -19.66 -1.81 -6.03
N TYR A 1169 -19.78 -2.65 -7.07
CA TYR A 1169 -19.69 -2.19 -8.46
C TYR A 1169 -20.74 -1.12 -8.73
N GLY A 1170 -22.00 -1.42 -8.36
CA GLY A 1170 -23.06 -0.45 -8.53
C GLY A 1170 -22.90 0.78 -7.68
N ALA A 1171 -22.29 0.65 -6.49
CA ALA A 1171 -22.12 1.78 -5.60
C ALA A 1171 -21.08 2.75 -6.14
N VAL A 1172 -19.92 2.25 -6.57
CA VAL A 1172 -18.94 3.15 -7.16
C VAL A 1172 -19.47 3.71 -8.47
N GLN A 1173 -20.28 2.94 -9.21
CA GLN A 1173 -20.84 3.48 -10.43
C GLN A 1173 -21.87 4.56 -10.16
N VAL A 1174 -22.69 4.40 -9.11
CA VAL A 1174 -23.75 5.36 -8.90
C VAL A 1174 -23.17 6.61 -8.25
N GLN A 1175 -22.05 6.50 -7.56
CA GLN A 1175 -21.40 7.73 -7.09
C GLN A 1175 -20.70 8.45 -8.22
N ALA A 1176 -20.06 7.71 -9.13
CA ALA A 1176 -19.49 8.35 -10.32
C ALA A 1176 -20.56 9.00 -11.19
N LEU A 1177 -21.77 8.44 -11.18
CA LEU A 1177 -22.86 9.03 -11.95
C LEU A 1177 -23.52 10.19 -11.22
N SER A 1178 -23.76 10.07 -9.93
CA SER A 1178 -24.55 11.05 -9.23
C SER A 1178 -23.74 12.28 -8.85
N ILE A 1179 -22.43 12.14 -8.72
CA ILE A 1179 -21.65 13.29 -8.26
C ILE A 1179 -21.39 14.27 -9.41
N TYR A 1180 -20.83 13.78 -10.53
CA TYR A 1180 -20.46 14.68 -11.63
C TYR A 1180 -21.24 14.44 -12.91
N SER A 1181 -21.21 13.24 -13.49
CA SER A 1181 -21.72 12.99 -14.84
C SER A 1181 -23.01 12.19 -14.71
N MET A 1182 -24.14 12.87 -14.97
CA MET A 1182 -25.47 12.53 -14.45
C MET A 1182 -25.93 11.11 -14.76
N LEU A 1183 -26.85 10.64 -13.92
CA LEU A 1183 -27.35 9.28 -13.94
C LEU A 1183 -28.25 9.08 -15.15
N PRO A 1184 -28.28 7.87 -15.72
CA PRO A 1184 -29.04 7.65 -16.96
C PRO A 1184 -30.55 7.78 -16.78
N GLY A 1185 -31.20 8.05 -17.89
CA GLY A 1185 -32.60 8.41 -17.93
C GLY A 1185 -32.85 9.90 -18.06
N GLU A 1186 -31.81 10.72 -17.96
CA GLU A 1186 -31.93 12.16 -18.07
C GLU A 1186 -30.74 12.68 -18.88
N VAL A 1187 -30.50 13.99 -18.81
CA VAL A 1187 -29.42 14.61 -19.56
C VAL A 1187 -28.07 14.11 -19.03
N ASN A 1188 -27.04 14.24 -19.88
CA ASN A 1188 -25.67 13.79 -19.63
C ASN A 1188 -25.63 12.28 -19.41
N ASP A 1189 -26.05 11.56 -20.45
CA ASP A 1189 -26.02 10.12 -20.49
C ASP A 1189 -25.03 9.66 -21.56
N SER A 1190 -24.64 8.38 -21.49
CA SER A 1190 -23.69 7.81 -22.42
C SER A 1190 -24.33 6.81 -23.37
N ILE A 1191 -25.16 5.91 -22.85
CA ILE A 1191 -25.86 4.97 -23.71
C ILE A 1191 -26.89 5.68 -24.55
N ARG A 1192 -27.56 6.68 -23.98
CA ARG A 1192 -28.60 7.43 -24.70
C ARG A 1192 -28.02 8.22 -25.86
N ILE A 1193 -26.85 8.82 -25.68
CA ILE A 1193 -26.20 9.58 -26.75
C ILE A 1193 -25.80 8.66 -27.89
N PHE A 1194 -25.26 7.48 -27.56
CA PHE A 1194 -24.88 6.51 -28.59
C PHE A 1194 -26.10 5.97 -29.33
N LYS A 1195 -27.23 5.80 -28.63
CA LYS A 1195 -28.42 5.33 -29.32
C LYS A 1195 -29.06 6.41 -30.18
N LYS A 1196 -29.03 7.66 -29.73
CA LYS A 1196 -29.56 8.75 -30.54
C LYS A 1196 -28.66 9.11 -31.70
N LEU A 1197 -27.39 8.70 -31.66
CA LEU A 1197 -26.52 8.80 -32.81
C LEU A 1197 -26.58 7.58 -33.70
N GLY A 1198 -27.15 6.48 -33.22
CA GLY A 1198 -27.20 5.24 -33.98
C GLY A 1198 -25.85 4.59 -34.20
N VAL A 1199 -25.00 4.59 -33.19
CA VAL A 1199 -23.70 3.96 -33.30
C VAL A 1199 -23.86 2.45 -33.15
N SER A 1200 -23.12 1.70 -33.96
CA SER A 1200 -23.27 0.25 -34.05
C SER A 1200 -22.72 -0.50 -32.84
N LEU A 1201 -22.03 0.17 -31.94
CA LEU A 1201 -21.46 -0.49 -30.77
C LEU A 1201 -22.54 -0.99 -29.82
N LYS A 1202 -22.35 -2.21 -29.31
CA LYS A 1202 -23.26 -2.76 -28.32
C LYS A 1202 -22.93 -2.22 -26.93
N SER A 1203 -23.73 -2.63 -25.94
CA SER A 1203 -23.75 -1.93 -24.66
C SER A 1203 -22.51 -2.23 -23.83
N ASN A 1204 -22.09 -3.49 -23.78
CA ASN A 1204 -21.04 -3.92 -22.87
C ASN A 1204 -19.64 -3.77 -23.45
N GLU A 1205 -19.44 -2.87 -24.41
CA GLU A 1205 -18.10 -2.58 -24.89
C GLU A 1205 -17.82 -1.08 -25.04
N ILE A 1206 -18.69 -0.23 -24.48
CA ILE A 1206 -18.45 1.22 -24.51
C ILE A 1206 -17.24 1.54 -23.63
N PRO A 1207 -16.25 2.28 -24.14
CA PRO A 1207 -15.06 2.58 -23.32
C PRO A 1207 -15.37 3.48 -22.15
N THR A 1208 -14.55 3.34 -21.09
CA THR A 1208 -14.85 3.99 -19.82
C THR A 1208 -14.69 5.50 -19.87
N ASN A 1209 -13.92 6.01 -20.84
CA ASN A 1209 -13.88 7.45 -21.04
C ASN A 1209 -15.16 7.96 -21.70
N MET A 1210 -15.85 7.11 -22.45
CA MET A 1210 -17.06 7.53 -23.15
C MET A 1210 -18.29 7.45 -22.27
N GLY A 1211 -18.12 7.54 -20.95
CA GLY A 1211 -19.20 7.35 -20.01
C GLY A 1211 -19.54 5.90 -19.78
N GLY A 1212 -18.75 4.99 -20.35
CA GLY A 1212 -19.03 3.58 -20.20
C GLY A 1212 -18.84 3.13 -18.77
N TRP A 1213 -19.72 2.25 -18.33
CA TRP A 1213 -19.73 1.83 -16.94
C TRP A 1213 -18.62 0.82 -16.71
N LEU A 1214 -18.33 0.54 -15.44
CA LEU A 1214 -17.29 -0.42 -15.10
C LEU A 1214 -17.81 -1.82 -15.41
N THR A 1215 -17.70 -2.19 -16.69
CA THR A 1215 -18.25 -3.45 -17.17
C THR A 1215 -17.19 -4.56 -17.27
N SER A 1216 -15.98 -4.30 -16.79
CA SER A 1216 -14.94 -5.31 -16.82
C SER A 1216 -15.24 -6.41 -15.80
N PRO A 1217 -14.74 -7.63 -16.03
CA PRO A 1217 -14.96 -8.71 -15.05
C PRO A 1217 -14.07 -8.58 -13.83
N ILE A 1218 -14.09 -9.60 -12.97
CA ILE A 1218 -13.38 -9.52 -11.70
C ILE A 1218 -11.88 -9.62 -11.90
N GLU A 1219 -11.44 -10.61 -12.68
CA GLU A 1219 -10.00 -10.87 -12.84
C GLU A 1219 -9.21 -9.73 -13.49
N PRO A 1220 -9.60 -9.15 -14.64
CA PRO A 1220 -8.73 -8.10 -15.22
C PRO A 1220 -8.68 -6.83 -14.41
N LEU A 1221 -9.77 -6.46 -13.74
CA LEU A 1221 -9.71 -5.33 -12.83
C LEU A 1221 -8.88 -5.65 -11.60
N SER A 1222 -8.95 -6.90 -11.13
CA SER A 1222 -8.25 -7.27 -9.90
C SER A 1222 -6.74 -7.28 -10.11
N ILE A 1223 -6.27 -7.82 -11.23
CA ILE A 1223 -4.82 -7.95 -11.40
C ILE A 1223 -4.19 -6.69 -11.99
N LEU A 1224 -4.90 -5.95 -12.84
CA LEU A 1224 -4.30 -4.83 -13.53
C LEU A 1224 -4.66 -3.49 -12.88
N GLY A 1225 -5.95 -3.19 -12.80
CA GLY A 1225 -6.39 -1.92 -12.28
C GLY A 1225 -6.94 -1.01 -13.36
N PRO A 1226 -6.14 -0.02 -13.79
CA PRO A 1226 -6.67 1.01 -14.69
C PRO A 1226 -6.90 0.53 -16.13
N SER A 1227 -6.02 -0.29 -16.66
CA SER A 1227 -6.07 -0.64 -18.08
C SER A 1227 -6.73 -1.99 -18.33
N SER A 1228 -7.78 -2.31 -17.57
CA SER A 1228 -8.43 -3.61 -17.74
C SER A 1228 -9.45 -3.59 -18.85
N ASN A 1229 -10.50 -2.76 -18.71
CA ASN A 1229 -11.65 -2.82 -19.60
C ASN A 1229 -11.32 -2.34 -21.01
N ASP A 1230 -10.52 -1.27 -21.10
CA ASP A 1230 -10.10 -0.76 -22.40
C ASP A 1230 -9.23 -1.76 -23.16
N GLN A 1231 -8.33 -2.44 -22.46
CA GLN A 1231 -7.52 -3.47 -23.12
C GLN A 1231 -8.38 -4.65 -23.53
N ILE A 1232 -9.39 -5.00 -22.72
CA ILE A 1232 -10.26 -6.12 -23.05
C ILE A 1232 -11.08 -5.81 -24.31
N ILE A 1233 -11.66 -4.60 -24.38
CA ILE A 1233 -12.47 -4.27 -25.54
C ILE A 1233 -11.61 -4.08 -26.78
N TYR A 1234 -10.40 -3.54 -26.62
CA TYR A 1234 -9.51 -3.40 -27.77
C TYR A 1234 -9.04 -4.75 -28.28
N TYR A 1235 -8.71 -5.66 -27.36
CA TYR A 1235 -8.32 -7.02 -27.76
C TYR A 1235 -9.44 -7.73 -28.49
N ASN A 1236 -10.67 -7.60 -28.00
CA ASN A 1236 -11.79 -8.27 -28.63
C ASN A 1236 -12.08 -7.70 -30.01
N VAL A 1237 -11.97 -6.39 -30.19
CA VAL A 1237 -12.26 -5.87 -31.52
C VAL A 1237 -11.10 -6.11 -32.51
N ILE A 1238 -9.85 -6.16 -32.03
CA ILE A 1238 -8.76 -6.56 -32.92
C ILE A 1238 -8.89 -8.02 -33.30
N ARG A 1239 -9.34 -8.85 -32.36
CA ARG A 1239 -9.62 -10.25 -32.69
C ARG A 1239 -10.77 -10.37 -33.68
N ASP A 1240 -11.73 -9.45 -33.60
CA ASP A 1240 -12.89 -9.52 -34.50
C ASP A 1240 -12.51 -9.08 -35.91
N PHE A 1241 -11.85 -7.92 -36.05
CA PHE A 1241 -11.50 -7.41 -37.37
C PHE A 1241 -10.39 -8.22 -38.01
N LEU A 1242 -9.44 -8.69 -37.20
CA LEU A 1242 -8.33 -9.46 -37.73
C LEU A 1242 -8.75 -10.87 -38.14
N ASN A 1243 -9.96 -11.29 -37.75
CA ASN A 1243 -10.62 -12.55 -38.12
C ASN A 1243 -9.86 -13.78 -37.64
N LYS A 1244 -9.04 -13.64 -36.62
CA LYS A 1244 -8.39 -14.77 -35.98
C LYS A 1244 -9.26 -15.29 -34.85
N LYS A 1245 -8.76 -16.28 -34.11
CA LYS A 1245 -9.49 -16.83 -32.98
C LYS A 1245 -8.86 -16.50 -31.64
N SER A 1246 -7.56 -16.24 -31.59
CA SER A 1246 -6.86 -16.06 -30.33
C SER A 1246 -5.65 -15.17 -30.56
N LEU A 1247 -5.14 -14.59 -29.45
CA LEU A 1247 -4.02 -13.66 -29.54
C LEU A 1247 -2.70 -14.35 -29.86
N GLU A 1248 -2.59 -15.65 -29.58
CA GLU A 1248 -1.39 -16.37 -30.00
C GLU A 1248 -1.31 -16.47 -31.52
N GLU A 1249 -2.46 -16.51 -32.19
CA GLU A 1249 -2.48 -16.38 -33.64
C GLU A 1249 -2.09 -14.98 -34.06
N VAL A 1250 -2.56 -13.98 -33.32
CA VAL A 1250 -2.33 -12.57 -33.63
C VAL A 1250 -0.85 -12.22 -33.55
N LYS A 1251 -0.12 -12.83 -32.61
CA LYS A 1251 1.30 -12.56 -32.40
C LYS A 1251 2.13 -12.83 -33.64
N ASP A 1252 2.19 -14.09 -34.08
CA ASP A 1252 2.95 -14.41 -35.27
C ASP A 1252 2.24 -14.00 -36.56
N SER A 1253 0.97 -13.61 -36.51
CA SER A 1253 0.38 -13.06 -37.73
C SER A 1253 0.80 -11.61 -37.94
N VAL A 1254 0.87 -10.83 -36.86
CA VAL A 1254 1.21 -9.41 -36.94
C VAL A 1254 2.71 -9.21 -37.08
N SER A 1255 3.50 -10.03 -36.36
CA SER A 1255 4.96 -9.83 -36.32
C SER A 1255 5.60 -10.03 -37.69
N SER A 1256 5.00 -10.85 -38.55
CA SER A 1256 5.41 -10.90 -39.94
C SER A 1256 5.01 -9.59 -40.62
N SER A 1257 5.98 -8.97 -41.29
CA SER A 1257 5.74 -7.67 -41.90
C SER A 1257 4.85 -7.81 -43.14
N SER A 1258 4.32 -6.67 -43.58
CA SER A 1258 3.51 -6.46 -44.77
C SER A 1258 2.14 -7.11 -44.70
N TYR A 1259 1.78 -7.78 -43.60
CA TYR A 1259 0.44 -8.34 -43.51
C TYR A 1259 -0.53 -7.27 -43.05
N LEU A 1260 -0.09 -6.43 -42.11
CA LEU A 1260 -0.88 -5.28 -41.69
C LEU A 1260 -1.10 -4.31 -42.84
N GLN A 1261 -0.09 -4.19 -43.70
CA GLN A 1261 -0.22 -3.31 -44.86
C GLN A 1261 -1.26 -3.84 -45.85
N MET A 1262 -1.33 -5.16 -46.04
CA MET A 1262 -2.31 -5.68 -46.98
C MET A 1262 -3.72 -5.66 -46.37
N ARG A 1263 -3.84 -5.83 -45.05
CA ARG A 1263 -5.16 -5.64 -44.43
C ARG A 1263 -5.60 -4.19 -44.49
N PHE A 1264 -4.67 -3.24 -44.33
CA PHE A 1264 -5.05 -1.84 -44.42
C PHE A 1264 -5.40 -1.46 -45.86
N ARG A 1265 -4.72 -2.06 -46.84
CA ARG A 1265 -5.06 -1.72 -48.21
C ARG A 1265 -6.35 -2.37 -48.67
N GLU A 1266 -6.69 -3.56 -48.14
CA GLU A 1266 -8.03 -4.08 -48.43
C GLU A 1266 -9.09 -3.30 -47.66
N LEU A 1267 -8.72 -2.70 -46.52
CA LEU A 1267 -9.62 -1.76 -45.85
C LEU A 1267 -9.87 -0.53 -46.71
N LYS A 1268 -8.82 0.02 -47.33
CA LYS A 1268 -9.00 1.17 -48.21
C LYS A 1268 -9.82 0.81 -49.44
N GLY A 1269 -9.59 -0.40 -49.99
CA GLY A 1269 -10.42 -0.86 -51.09
C GLY A 1269 -11.88 -1.00 -50.72
N LYS A 1270 -12.14 -1.51 -49.51
CA LYS A 1270 -13.52 -1.63 -49.04
C LYS A 1270 -14.13 -0.25 -48.76
N TYR A 1271 -13.30 0.73 -48.36
CA TYR A 1271 -13.84 2.06 -48.08
C TYR A 1271 -14.15 2.82 -49.36
N GLU A 1272 -13.27 2.75 -50.37
CA GLU A 1272 -13.59 3.41 -51.64
C GLU A 1272 -14.73 2.71 -52.37
N LYS A 1273 -14.84 1.39 -52.23
CA LYS A 1273 -15.94 0.69 -52.88
C LYS A 1273 -17.29 1.02 -52.23
N GLY A 1274 -17.32 1.19 -50.91
CA GLY A 1274 -18.56 1.45 -50.22
C GLY A 1274 -19.29 0.23 -49.72
N THR A 1275 -18.63 -0.92 -49.63
CA THR A 1275 -19.23 -2.17 -49.18
C THR A 1275 -18.82 -2.50 -47.74
N LEU A 1276 -18.69 -1.46 -46.91
CA LEU A 1276 -18.30 -1.63 -45.52
C LEU A 1276 -19.42 -2.29 -44.72
N GLU A 1277 -19.03 -2.98 -43.65
CA GLU A 1277 -19.96 -3.65 -42.74
C GLU A 1277 -19.83 -3.03 -41.36
N GLU A 1278 -20.51 -3.64 -40.38
CA GLU A 1278 -20.55 -3.08 -39.04
C GLU A 1278 -19.23 -3.27 -38.31
N LYS A 1279 -18.48 -4.34 -38.63
CA LYS A 1279 -17.19 -4.56 -37.99
C LYS A 1279 -16.17 -3.50 -38.42
N ASP A 1280 -16.19 -3.14 -39.71
CA ASP A 1280 -15.32 -2.07 -40.20
C ASP A 1280 -15.70 -0.74 -39.57
N LYS A 1281 -16.99 -0.49 -39.37
CA LYS A 1281 -17.43 0.75 -38.75
C LYS A 1281 -16.99 0.82 -37.29
N LYS A 1282 -17.10 -0.30 -36.56
CA LYS A 1282 -16.61 -0.34 -35.19
C LYS A 1282 -15.10 -0.12 -35.14
N MET A 1283 -14.36 -0.70 -36.08
CA MET A 1283 -12.91 -0.55 -36.08
C MET A 1283 -12.49 0.86 -36.43
N ILE A 1284 -13.19 1.51 -37.38
CA ILE A 1284 -12.80 2.87 -37.73
C ILE A 1284 -13.17 3.83 -36.60
N PHE A 1285 -14.27 3.55 -35.87
CA PHE A 1285 -14.59 4.36 -34.71
C PHE A 1285 -13.56 4.18 -33.60
N LEU A 1286 -13.07 2.97 -33.40
CA LEU A 1286 -12.11 2.79 -32.32
C LEU A 1286 -10.72 3.31 -32.70
N ILE A 1287 -10.33 3.26 -33.97
CA ILE A 1287 -9.05 3.84 -34.34
C ILE A 1287 -9.13 5.38 -34.30
N ASN A 1288 -10.29 5.97 -34.64
CA ASN A 1288 -10.31 7.42 -34.56
C ASN A 1288 -10.51 7.90 -33.12
N LEU A 1289 -11.07 7.03 -32.27
CA LEU A 1289 -11.14 7.32 -30.84
C LEU A 1289 -9.74 7.29 -30.21
N PHE A 1290 -8.94 6.28 -30.55
CA PHE A 1290 -7.58 6.22 -30.02
C PHE A 1290 -6.68 7.26 -30.66
N GLU A 1291 -7.03 7.75 -31.86
CA GLU A 1291 -6.28 8.82 -32.50
C GLU A 1291 -6.34 10.10 -31.69
N LYS A 1292 -7.50 10.43 -31.17
CA LYS A 1292 -7.64 11.60 -30.30
C LYS A 1292 -7.47 11.22 -28.83
N ALA A 1293 -6.40 10.51 -28.51
CA ALA A 1293 -6.25 10.00 -27.17
C ALA A 1293 -4.78 9.78 -26.80
N THR A 1294 -4.56 9.69 -25.49
CA THR A 1294 -3.40 9.10 -24.83
C THR A 1294 -3.76 7.61 -24.70
N MET A 1295 -3.12 6.85 -23.79
CA MET A 1295 -3.62 5.54 -23.39
C MET A 1295 -5.11 5.58 -23.07
N LEU A 1296 -5.48 6.35 -22.05
CA LEU A 1296 -6.87 6.74 -21.84
C LEU A 1296 -6.89 8.14 -21.27
N THR A 1297 -7.14 9.13 -22.12
CA THR A 1297 -7.31 10.51 -21.67
C THR A 1297 -8.80 10.74 -21.37
N GLN A 1298 -9.19 11.99 -21.20
CA GLN A 1298 -10.58 12.31 -20.90
C GLN A 1298 -11.36 12.81 -22.11
N ILE A 1299 -10.66 13.25 -23.17
CA ILE A 1299 -11.21 13.86 -24.38
C ILE A 1299 -12.03 15.11 -24.04
N ILE A 1300 -13.19 14.94 -23.43
CA ILE A 1300 -13.89 16.10 -22.90
C ILE A 1300 -13.17 16.56 -21.63
N LYS A 1301 -12.54 17.72 -21.73
CA LYS A 1301 -11.77 18.30 -20.63
C LYS A 1301 -12.19 19.76 -20.48
N LEU A 1302 -13.21 19.98 -19.68
CA LEU A 1302 -13.58 21.33 -19.30
C LEU A 1302 -12.52 21.85 -18.33
N PRO A 1303 -11.93 23.01 -18.57
CA PRO A 1303 -10.91 23.54 -17.67
C PRO A 1303 -11.55 24.15 -16.43
N ASN A 1304 -10.70 24.60 -15.51
CA ASN A 1304 -11.13 25.36 -14.36
C ASN A 1304 -11.22 26.84 -14.73
N PHE A 1305 -11.28 27.71 -13.72
CA PHE A 1305 -10.94 29.12 -13.91
C PHE A 1305 -9.58 29.20 -14.58
N ILE A 1306 -9.59 29.74 -15.80
CA ILE A 1306 -8.47 29.63 -16.72
C ILE A 1306 -7.30 30.42 -16.16
N ASN A 1307 -6.09 29.85 -16.26
CA ASN A 1307 -4.88 30.43 -15.67
C ASN A 1307 -4.49 31.77 -16.26
N GLU A 1308 -5.13 32.22 -17.36
CA GLU A 1308 -4.81 33.51 -17.97
C GLU A 1308 -5.06 34.69 -17.04
N ASN A 1309 -5.96 34.56 -16.06
CA ASN A 1309 -6.08 35.58 -15.03
C ASN A 1309 -5.25 35.29 -13.81
N ALA A 1310 -4.63 34.10 -13.73
CA ALA A 1310 -3.76 33.74 -12.62
C ALA A 1310 -2.34 33.44 -13.04
N LEU A 1311 -2.01 33.59 -14.33
CA LEU A 1311 -0.63 33.46 -14.76
C LEU A 1311 0.21 34.65 -14.30
N ASN A 1312 -0.43 35.77 -13.97
CA ASN A 1312 0.30 36.90 -13.40
C ASN A 1312 0.73 36.63 -11.97
N LYS A 1313 0.17 35.59 -11.33
CA LYS A 1313 0.68 35.18 -10.02
C LYS A 1313 2.06 34.54 -10.14
N MET A 1314 2.35 33.89 -11.26
CA MET A 1314 3.66 33.29 -11.49
C MET A 1314 4.58 34.30 -12.17
N SER A 1315 5.77 34.51 -11.58
CA SER A 1315 6.74 35.45 -12.12
C SER A 1315 7.49 34.89 -13.33
N SER A 1316 7.45 33.58 -13.54
CA SER A 1316 8.06 33.00 -14.73
C SER A 1316 7.32 33.43 -15.99
N TYR A 1317 6.00 33.61 -15.88
CA TYR A 1317 5.24 34.19 -16.98
C TYR A 1317 5.60 35.65 -17.20
N LYS A 1318 5.93 36.37 -16.12
CA LYS A 1318 6.38 37.75 -16.26
C LYS A 1318 7.72 37.82 -16.98
N ASP A 1319 8.65 36.94 -16.63
CA ASP A 1319 9.94 36.90 -17.32
C ASP A 1319 9.80 36.40 -18.75
N PHE A 1320 8.79 35.57 -19.01
CA PHE A 1320 8.55 35.09 -20.36
C PHE A 1320 8.01 36.19 -21.27
N SER A 1321 7.43 37.24 -20.69
CA SER A 1321 6.81 38.31 -21.46
C SER A 1321 7.43 39.68 -21.20
N LYS A 1322 8.62 39.73 -20.59
CA LYS A 1322 9.29 40.99 -20.31
C LYS A 1322 10.27 41.38 -21.42
N LEU A 1323 11.16 40.47 -21.78
CA LEU A 1323 12.15 40.73 -22.82
C LEU A 1323 11.51 40.71 -24.21
N ILE A 1331 3.10 41.96 -36.71
CA ILE A 1331 4.42 42.23 -37.25
C ILE A 1331 5.50 41.86 -36.24
N ALA A 1332 5.46 42.54 -35.09
CA ALA A 1332 6.42 42.26 -34.03
C ALA A 1332 6.22 40.89 -33.40
N SER A 1333 4.97 40.39 -33.36
CA SER A 1333 4.71 39.07 -32.85
C SER A 1333 5.35 38.00 -33.73
N SER A 1334 5.33 38.22 -35.05
CA SER A 1334 5.94 37.27 -35.99
C SER A 1334 7.44 37.16 -35.77
N LEU A 1335 8.12 38.31 -35.68
CA LEU A 1335 9.56 38.29 -35.48
C LEU A 1335 9.93 37.77 -34.10
N GLU A 1336 9.13 38.09 -33.08
CA GLU A 1336 9.47 37.60 -31.74
C GLU A 1336 9.25 36.11 -31.60
N MET A 1337 8.20 35.54 -32.23
CA MET A 1337 8.04 34.11 -32.09
C MET A 1337 9.01 33.34 -32.97
N GLU A 1338 9.37 33.87 -34.15
CA GLU A 1338 10.38 33.18 -34.93
C GLU A 1338 11.75 33.31 -34.27
N SER A 1339 11.99 34.39 -33.54
CA SER A 1339 13.25 34.54 -32.82
C SER A 1339 13.35 33.56 -31.66
N VAL A 1340 12.28 33.43 -30.88
CA VAL A 1340 12.35 32.50 -29.74
C VAL A 1340 12.38 31.06 -30.21
N HIS A 1341 11.66 30.74 -31.29
CA HIS A 1341 11.77 29.38 -31.82
C HIS A 1341 13.13 29.14 -32.43
N ASP A 1342 13.77 30.18 -32.98
CA ASP A 1342 15.14 30.07 -33.47
C ASP A 1342 16.12 29.82 -32.32
N ILE A 1343 15.87 30.40 -31.15
CA ILE A 1343 16.77 30.11 -30.02
C ILE A 1343 16.45 28.78 -29.36
N MET A 1344 15.27 28.21 -29.57
CA MET A 1344 15.15 26.78 -29.28
C MET A 1344 15.90 25.92 -30.29
N ILE A 1345 15.85 26.27 -31.57
CA ILE A 1345 16.57 25.48 -32.59
C ILE A 1345 18.08 25.60 -32.41
N LYS A 1346 18.56 26.70 -31.81
CA LYS A 1346 19.99 26.88 -31.56
C LYS A 1346 20.54 25.81 -30.62
N ASN A 1347 19.82 25.52 -29.54
CA ASN A 1347 20.14 24.41 -28.65
C ASN A 1347 18.88 23.59 -28.45
N PRO A 1348 18.60 22.66 -29.37
CA PRO A 1348 17.37 21.84 -29.27
C PRO A 1348 17.35 20.91 -28.05
N GLU A 1349 18.50 20.58 -27.49
CA GLU A 1349 18.59 19.67 -26.35
C GLU A 1349 18.02 20.25 -25.06
N THR A 1350 17.67 21.54 -25.04
CA THR A 1350 17.14 22.15 -23.81
C THR A 1350 15.73 21.65 -23.50
N ILE A 1351 14.81 21.75 -24.46
CA ILE A 1351 13.39 21.49 -24.19
C ILE A 1351 13.10 20.00 -24.02
N LEU A 1352 14.01 19.13 -24.44
CA LEU A 1352 13.76 17.70 -24.57
C LEU A 1352 14.43 16.84 -23.50
N ILE A 1353 15.59 17.21 -23.03
CA ILE A 1353 16.14 16.49 -21.89
C ILE A 1353 15.67 17.19 -20.62
N ALA A 1354 15.58 16.45 -19.52
CA ALA A 1354 15.34 17.04 -18.23
C ALA A 1354 16.56 17.88 -17.84
N PRO A 1355 16.37 18.96 -17.04
CA PRO A 1355 17.51 19.80 -16.64
C PRO A 1355 18.65 19.08 -15.96
N LEU A 1356 19.79 19.02 -16.66
CA LEU A 1356 20.99 18.33 -16.17
C LEU A 1356 21.96 19.29 -15.50
N ASN A 1357 22.12 20.48 -16.06
CA ASN A 1357 23.04 21.47 -15.51
C ASN A 1357 22.39 22.84 -15.62
N ASP A 1358 23.16 23.87 -15.32
CA ASP A 1358 22.70 25.24 -15.53
C ASP A 1358 22.66 25.55 -17.02
N ARG A 1359 21.96 26.65 -17.36
CA ARG A 1359 21.57 27.07 -18.71
C ARG A 1359 20.68 26.05 -19.40
N ASP A 1360 20.12 25.10 -18.65
CA ASP A 1360 19.17 24.12 -19.17
C ASP A 1360 18.06 23.85 -18.17
N PHE A 1361 17.98 24.61 -17.08
CA PHE A 1361 16.95 24.46 -16.07
C PHE A 1361 16.00 25.64 -16.05
N LEU A 1362 16.53 26.86 -15.85
CA LEU A 1362 15.65 28.02 -15.79
C LEU A 1362 15.15 28.40 -17.18
N LEU A 1363 15.95 28.10 -18.21
CA LEU A 1363 15.45 28.22 -19.57
C LEU A 1363 14.38 27.19 -19.86
N SER A 1364 14.55 25.96 -19.35
CA SER A 1364 13.57 24.90 -19.58
C SER A 1364 12.26 25.18 -18.85
N GLN A 1365 12.34 25.68 -17.62
CA GLN A 1365 11.12 26.07 -16.93
C GLN A 1365 10.54 27.34 -17.50
N LEU A 1366 11.36 28.22 -18.06
CA LEU A 1366 10.85 29.45 -18.62
C LEU A 1366 10.18 29.22 -19.97
N PHE A 1367 10.59 28.18 -20.69
CA PHE A 1367 10.14 27.99 -22.06
C PHE A 1367 9.11 26.88 -22.21
N MET A 1368 8.64 26.29 -21.12
CA MET A 1368 7.65 25.22 -21.23
C MET A 1368 6.24 25.80 -21.26
N LYS A 1385 -15.33 20.66 -1.98
CA LYS A 1385 -16.46 21.56 -2.12
C LYS A 1385 -16.71 21.89 -3.58
N LEU A 1386 -15.81 21.40 -4.43
CA LEU A 1386 -15.91 21.58 -5.87
C LEU A 1386 -17.06 20.78 -6.48
N ALA A 1387 -17.49 19.70 -5.82
CA ALA A 1387 -18.64 18.93 -6.29
C ALA A 1387 -19.93 19.75 -6.21
N LEU A 1388 -20.09 20.51 -5.12
CA LEU A 1388 -21.23 21.42 -5.00
C LEU A 1388 -21.19 22.53 -6.04
N ASP A 1389 -20.00 22.89 -6.52
CA ASP A 1389 -19.90 23.86 -7.60
C ASP A 1389 -20.38 23.25 -8.91
N ARG A 1390 -19.80 22.13 -9.33
CA ARG A 1390 -20.17 21.66 -10.66
C ARG A 1390 -21.37 20.73 -10.68
N VAL A 1391 -22.11 20.55 -9.57
CA VAL A 1391 -23.46 20.03 -9.77
C VAL A 1391 -24.36 21.13 -10.31
N LEU A 1392 -23.98 22.40 -10.12
CA LEU A 1392 -24.65 23.51 -10.78
C LEU A 1392 -23.98 23.90 -12.07
N ARG A 1393 -22.65 23.75 -12.17
CA ARG A 1393 -21.96 24.16 -13.38
C ARG A 1393 -22.08 23.14 -14.52
N SER A 1394 -22.46 21.89 -14.23
CA SER A 1394 -22.49 20.86 -15.27
C SER A 1394 -23.62 21.12 -16.25
N LYS A 1395 -24.85 21.13 -15.76
CA LYS A 1395 -26.00 21.39 -16.61
C LYS A 1395 -26.09 22.87 -16.98
N ALA A 1396 -25.16 23.34 -17.82
CA ALA A 1396 -25.13 24.73 -18.23
C ALA A 1396 -24.36 24.83 -19.54
N ARG A 1397 -24.58 25.94 -20.23
CA ARG A 1397 -23.96 26.24 -21.54
C ARG A 1397 -22.82 27.23 -21.35
N THR A 1398 -22.03 27.02 -20.28
CA THR A 1398 -21.01 27.99 -19.88
C THR A 1398 -19.88 28.08 -20.90
N LYS A 1399 -19.27 26.94 -21.24
CA LYS A 1399 -18.28 26.91 -22.32
C LYS A 1399 -18.95 26.56 -23.65
N MET A 1400 -20.04 27.30 -23.95
CA MET A 1400 -20.76 27.37 -25.22
C MET A 1400 -21.21 26.03 -25.81
N THR A 1401 -21.11 24.95 -25.03
CA THR A 1401 -21.53 23.61 -25.42
C THR A 1401 -21.57 22.75 -24.17
N TYR A 1402 -22.51 21.81 -24.16
CA TYR A 1402 -22.65 20.81 -23.10
C TYR A 1402 -23.48 19.67 -23.66
N GLU A 1403 -22.94 18.45 -23.57
CA GLU A 1403 -23.46 17.16 -24.03
C GLU A 1403 -23.76 17.11 -25.54
N GLU A 1404 -23.48 18.20 -26.25
CA GLU A 1404 -23.38 18.18 -27.71
C GLU A 1404 -21.93 18.05 -28.15
N ASN A 1405 -21.00 18.54 -27.33
CA ASN A 1405 -19.59 18.22 -27.53
C ASN A 1405 -19.31 16.73 -27.34
N MET A 1406 -20.09 16.07 -26.48
CA MET A 1406 -19.96 14.62 -26.30
C MET A 1406 -20.33 13.84 -27.55
N GLU A 1407 -21.37 14.27 -28.26
CA GLU A 1407 -21.78 13.58 -29.48
C GLU A 1407 -21.06 14.08 -30.73
N LYS A 1408 -20.56 15.32 -30.73
CA LYS A 1408 -19.87 15.81 -31.93
C LYS A 1408 -18.48 15.19 -32.07
N LYS A 1409 -17.93 14.63 -30.99
CA LYS A 1409 -16.72 13.82 -31.13
C LYS A 1409 -17.04 12.45 -31.72
N ILE A 1410 -18.22 11.91 -31.42
CA ILE A 1410 -18.63 10.64 -32.00
C ILE A 1410 -19.01 10.83 -33.46
N LEU A 1411 -19.41 12.05 -33.85
CA LEU A 1411 -19.83 12.33 -35.22
C LEU A 1411 -18.66 12.18 -36.20
N GLU A 1412 -17.45 12.53 -35.77
CA GLU A 1412 -16.27 12.19 -36.55
C GLU A 1412 -15.34 11.32 -35.73
N TYR A 1521 -2.86 4.13 -40.29
CA TYR A 1521 -2.49 2.76 -39.93
C TYR A 1521 -1.47 2.83 -38.81
N CYS A 1522 -0.87 4.02 -38.67
CA CYS A 1522 0.09 4.26 -37.60
C CYS A 1522 -0.57 4.08 -36.24
N SER A 1523 -1.75 4.67 -36.07
CA SER A 1523 -2.58 4.39 -34.91
C SER A 1523 -2.97 2.92 -34.83
N PHE A 1524 -3.24 2.29 -35.98
CA PHE A 1524 -3.61 0.87 -35.99
C PHE A 1524 -2.46 -0.01 -35.54
N LYS A 1525 -1.28 0.18 -36.13
CA LYS A 1525 -0.18 -0.69 -35.75
C LYS A 1525 0.36 -0.38 -34.37
N THR A 1526 0.30 0.87 -33.94
CA THR A 1526 0.73 1.17 -32.57
C THR A 1526 -0.25 0.63 -31.55
N CYS A 1527 -1.55 0.64 -31.85
CA CYS A 1527 -2.51 0.13 -30.88
C CYS A 1527 -2.47 -1.39 -30.82
N VAL A 1528 -2.31 -2.07 -31.97
CA VAL A 1528 -2.19 -3.53 -31.91
C VAL A 1528 -0.85 -3.91 -31.29
N ASN A 1529 0.17 -3.06 -31.45
CA ASN A 1529 1.45 -3.32 -30.82
C ASN A 1529 1.36 -3.19 -29.30
N LEU A 1530 0.70 -2.14 -28.81
CA LEU A 1530 0.55 -1.98 -27.36
C LEU A 1530 -0.42 -3.00 -26.79
N VAL A 1531 -1.31 -3.54 -27.62
CA VAL A 1531 -2.03 -4.74 -27.22
C VAL A 1531 -1.07 -5.93 -27.07
N ILE A 1532 -0.18 -6.14 -28.05
CA ILE A 1532 0.66 -7.34 -28.01
C ILE A 1532 1.98 -7.15 -27.27
N LYS A 1533 2.47 -5.92 -27.13
CA LYS A 1533 3.70 -5.76 -26.35
C LYS A 1533 3.44 -5.67 -24.86
N ASP A 1534 2.18 -5.63 -24.43
CA ASP A 1534 1.87 -5.79 -23.03
C ASP A 1534 2.17 -7.22 -22.61
N VAL A 1535 2.76 -7.35 -21.43
CA VAL A 1535 3.34 -8.61 -20.97
C VAL A 1535 2.36 -9.37 -20.08
N ASN A 1536 1.86 -8.73 -19.03
CA ASN A 1536 1.02 -9.44 -18.06
C ASN A 1536 -0.39 -9.68 -18.58
N PHE A 1537 -0.88 -8.86 -19.50
CA PHE A 1537 -2.17 -9.14 -20.14
C PHE A 1537 -2.06 -10.34 -21.06
N SER A 1538 -0.91 -10.47 -21.72
CA SER A 1538 -0.65 -11.54 -22.67
C SER A 1538 -0.57 -12.90 -21.97
N MET A 1539 -0.07 -12.95 -20.75
CA MET A 1539 -0.23 -14.17 -19.96
C MET A 1539 -1.50 -14.17 -19.13
N LEU A 1540 -2.24 -13.07 -19.09
CA LEU A 1540 -3.47 -13.05 -18.31
C LEU A 1540 -4.59 -13.78 -19.04
N ILE A 1541 -4.74 -13.53 -20.35
CA ILE A 1541 -5.86 -14.16 -21.09
C ILE A 1541 -5.83 -15.69 -21.20
N PRO A 1542 -4.69 -16.38 -21.46
CA PRO A 1542 -4.82 -17.81 -21.73
C PRO A 1542 -5.11 -18.65 -20.50
N ILE A 1543 -4.76 -18.16 -19.31
CA ILE A 1543 -5.15 -18.87 -18.11
C ILE A 1543 -6.62 -18.65 -17.80
N LEU A 1544 -7.23 -17.57 -18.31
CA LEU A 1544 -8.68 -17.47 -18.21
C LEU A 1544 -9.36 -18.48 -19.11
N ASP A 1545 -8.98 -18.51 -20.39
CA ASP A 1545 -9.88 -19.20 -21.32
C ASP A 1545 -9.77 -20.72 -21.27
N SER A 1546 -8.89 -21.30 -20.46
CA SER A 1546 -8.77 -22.75 -20.35
C SER A 1546 -8.66 -23.18 -18.90
N ALA A 1547 -9.52 -22.65 -18.04
CA ALA A 1547 -9.37 -22.80 -16.60
C ALA A 1547 -10.34 -23.83 -16.04
N TYR A 1548 -9.83 -24.68 -15.14
CA TYR A 1548 -10.64 -25.70 -14.49
C TYR A 1548 -11.50 -25.08 -13.40
N PRO A 1549 -12.66 -25.67 -13.10
CA PRO A 1549 -13.51 -25.10 -12.05
C PRO A 1549 -13.00 -25.31 -10.63
N CYS A 1550 -12.55 -26.52 -10.29
CA CYS A 1550 -12.34 -26.84 -8.87
C CYS A 1550 -11.25 -27.90 -8.71
N GLU A 1551 -10.94 -28.18 -7.44
CA GLU A 1551 -10.03 -29.23 -6.96
C GLU A 1551 -8.58 -29.02 -7.37
N SER A 1552 -7.70 -29.89 -6.87
CA SER A 1552 -6.25 -29.68 -6.80
C SER A 1552 -5.93 -28.36 -6.08
N ARG A 1553 -6.33 -28.35 -4.79
CA ARG A 1553 -6.21 -27.19 -3.89
C ARG A 1553 -6.88 -25.94 -4.48
N LYS A 1554 -8.04 -26.13 -5.10
CA LYS A 1554 -8.86 -25.03 -5.56
C LYS A 1554 -10.09 -24.82 -4.69
N ARG A 1555 -10.92 -25.84 -4.51
CA ARG A 1555 -12.14 -25.72 -3.72
C ARG A 1555 -12.11 -26.76 -2.59
N ASP A 1556 -11.60 -26.34 -1.42
CA ASP A 1556 -11.75 -27.14 -0.22
C ASP A 1556 -12.92 -26.69 0.66
N ASN A 1557 -13.31 -25.42 0.58
CA ASN A 1557 -14.45 -24.87 1.29
C ASN A 1557 -15.29 -24.04 0.34
N TYR A 1558 -16.33 -23.40 0.87
CA TYR A 1558 -17.19 -22.55 0.05
C TYR A 1558 -17.56 -21.21 0.68
N ASN A 1559 -17.37 -21.02 1.98
CA ASN A 1559 -17.69 -19.75 2.65
C ASN A 1559 -16.70 -18.69 2.20
N PHE A 1560 -17.14 -17.84 1.26
CA PHE A 1560 -16.36 -16.86 0.48
C PHE A 1560 -15.00 -17.38 0.04
N ARG A 1561 -14.93 -18.66 -0.32
CA ARG A 1561 -13.65 -19.32 -0.55
C ARG A 1561 -13.25 -19.28 -2.01
N TRP A 1562 -14.21 -19.26 -2.93
CA TRP A 1562 -13.87 -19.08 -4.34
C TRP A 1562 -13.39 -17.66 -4.61
N PHE A 1563 -13.72 -16.72 -3.73
CA PHE A 1563 -13.34 -15.32 -3.85
C PHE A 1563 -11.89 -15.04 -3.48
N GLN A 1564 -11.06 -16.07 -3.31
CA GLN A 1564 -9.65 -15.83 -3.06
C GLN A 1564 -8.80 -16.72 -3.96
N THR A 1565 -9.27 -17.93 -4.23
CA THR A 1565 -8.44 -18.93 -4.89
C THR A 1565 -8.37 -18.72 -6.40
N GLU A 1566 -9.52 -18.53 -7.06
CA GLU A 1566 -9.48 -18.30 -8.50
C GLU A 1566 -9.15 -16.87 -8.84
N LYS A 1567 -9.12 -15.99 -7.83
CA LYS A 1567 -8.66 -14.63 -8.07
C LYS A 1567 -7.17 -14.61 -8.39
N TRP A 1568 -6.39 -15.49 -7.75
CA TRP A 1568 -4.94 -15.36 -7.90
C TRP A 1568 -4.15 -16.65 -8.10
N ILE A 1569 -4.65 -17.84 -7.74
CA ILE A 1569 -3.89 -19.07 -7.97
C ILE A 1569 -3.60 -19.35 -9.44
N PRO A 1570 -4.52 -19.16 -10.40
CA PRO A 1570 -4.09 -19.15 -11.80
C PRO A 1570 -3.09 -18.04 -12.14
N VAL A 1571 -3.10 -16.92 -11.42
CA VAL A 1571 -2.23 -15.81 -11.74
C VAL A 1571 -0.90 -15.93 -11.02
N VAL A 1572 -0.93 -16.01 -9.69
CA VAL A 1572 0.30 -15.94 -8.90
C VAL A 1572 1.14 -17.20 -9.07
N GLU A 1573 0.51 -18.37 -9.08
CA GLU A 1573 1.25 -19.61 -9.31
C GLU A 1573 1.69 -19.78 -10.76
N GLY A 1574 1.20 -18.95 -11.68
CA GLY A 1574 1.79 -18.88 -13.00
C GLY A 1574 3.21 -18.37 -12.98
N SER A 1575 3.57 -17.63 -11.94
CA SER A 1575 4.88 -17.21 -11.47
C SER A 1575 5.32 -18.09 -10.31
N PRO A 1576 6.61 -18.10 -9.96
CA PRO A 1576 7.03 -18.95 -8.82
C PRO A 1576 6.94 -18.24 -7.48
N GLY A 1577 7.43 -18.91 -6.44
CA GLY A 1577 7.66 -18.30 -5.15
C GLY A 1577 6.57 -18.48 -4.12
N LEU A 1578 5.54 -19.28 -4.41
CA LEU A 1578 4.42 -19.41 -3.49
C LEU A 1578 3.74 -20.76 -3.74
N VAL A 1579 3.17 -21.32 -2.67
CA VAL A 1579 2.53 -22.63 -2.76
C VAL A 1579 1.16 -22.56 -2.09
N VAL A 1580 0.88 -21.45 -1.40
CA VAL A 1580 -0.29 -21.37 -0.53
C VAL A 1580 -1.55 -21.15 -1.37
N MET A 1581 -2.71 -21.44 -0.77
CA MET A 1581 -4.01 -21.27 -1.40
C MET A 1581 -4.73 -20.01 -0.98
N HIS A 1582 -4.79 -19.70 0.32
CA HIS A 1582 -5.71 -18.71 0.85
C HIS A 1582 -4.91 -17.67 1.64
N ALA A 1583 -4.66 -16.52 1.02
CA ALA A 1583 -3.84 -15.48 1.65
C ALA A 1583 -4.15 -14.13 1.02
N VAL A 1584 -4.31 -13.11 1.85
CA VAL A 1584 -4.51 -11.76 1.35
C VAL A 1584 -3.19 -11.25 0.78
N TYR A 1585 -3.22 -10.78 -0.46
CA TYR A 1585 -2.02 -10.41 -1.19
C TYR A 1585 -1.87 -8.89 -1.26
N GLY A 1586 -0.62 -8.43 -1.32
CA GLY A 1586 -0.34 -7.04 -1.58
C GLY A 1586 0.67 -6.88 -2.69
N SER A 1587 0.24 -6.33 -3.82
CA SER A 1587 1.04 -6.35 -5.03
C SER A 1587 1.93 -5.11 -5.13
N ASN A 1588 2.85 -5.17 -6.10
CA ASN A 1588 3.68 -4.02 -6.43
C ASN A 1588 2.99 -3.18 -7.50
N TYR A 1589 3.73 -2.20 -8.04
CA TYR A 1589 3.31 -1.50 -9.25
C TYR A 1589 3.84 -2.27 -10.47
N ILE A 1590 3.35 -3.50 -10.59
CA ILE A 1590 3.89 -4.43 -11.57
C ILE A 1590 3.49 -4.03 -12.98
N GLU A 1591 2.23 -3.65 -13.17
CA GLU A 1591 1.75 -3.25 -14.48
C GLU A 1591 2.25 -1.84 -14.77
N ASN A 1592 3.20 -1.74 -15.71
CA ASN A 1592 3.75 -0.45 -16.13
C ASN A 1592 3.39 -0.27 -17.59
N LEU A 1593 2.21 0.25 -17.86
CA LEU A 1593 1.86 0.69 -19.19
C LEU A 1593 2.33 2.12 -19.44
N GLY A 1594 2.88 2.77 -18.41
CA GLY A 1594 3.42 4.10 -18.54
C GLY A 1594 4.90 4.13 -18.86
N LEU A 1595 5.34 3.26 -19.77
CA LEU A 1595 6.67 3.34 -20.33
C LEU A 1595 6.65 3.41 -21.85
N LYS A 1596 5.49 3.15 -22.47
CA LYS A 1596 5.31 3.43 -23.88
C LYS A 1596 4.90 4.87 -24.13
N ASN A 1597 4.27 5.51 -23.13
CA ASN A 1597 3.70 6.83 -23.37
C ASN A 1597 4.76 7.93 -23.33
N ILE A 1598 5.78 7.80 -22.50
CA ILE A 1598 6.77 8.86 -22.40
C ILE A 1598 7.68 8.99 -23.62
N PRO A 1599 8.08 7.93 -24.38
CA PRO A 1599 8.75 8.25 -25.65
C PRO A 1599 7.84 8.94 -26.63
N LEU A 1600 6.56 8.58 -26.64
CA LEU A 1600 5.59 9.21 -27.54
C LEU A 1600 5.42 10.68 -27.21
N THR A 1601 5.42 11.03 -25.92
CA THR A 1601 5.33 12.44 -25.57
C THR A 1601 6.60 13.18 -25.94
N ASP A 1602 7.77 12.55 -25.78
CA ASP A 1602 9.02 13.19 -26.20
C ASP A 1602 9.00 13.47 -27.70
N ASP A 1603 8.50 12.51 -28.48
CA ASP A 1603 8.30 12.74 -29.90
C ASP A 1603 7.27 13.84 -30.14
N SER A 1604 6.27 13.97 -29.26
CA SER A 1604 5.26 15.00 -29.45
C SER A 1604 5.84 16.40 -29.28
N ILE A 1605 6.71 16.61 -28.28
CA ILE A 1605 7.40 17.90 -28.19
C ILE A 1605 8.31 18.14 -29.40
N ASN A 1606 9.04 17.12 -29.87
CA ASN A 1606 9.93 17.42 -31.00
C ASN A 1606 9.10 17.65 -32.28
N VAL A 1607 7.99 16.94 -32.47
CA VAL A 1607 7.12 17.18 -33.62
C VAL A 1607 6.53 18.58 -33.54
N LEU A 1608 6.13 19.02 -32.34
CA LEU A 1608 5.62 20.38 -32.17
C LEU A 1608 6.68 21.44 -32.48
N THR A 1609 7.89 21.22 -31.99
CA THR A 1609 8.98 22.18 -32.20
C THR A 1609 9.38 22.23 -33.66
N SER A 1610 9.50 21.06 -34.29
CA SER A 1610 9.85 20.97 -35.69
C SER A 1610 8.77 21.57 -36.57
N THR A 1611 7.49 21.31 -36.25
CA THR A 1611 6.38 21.85 -37.03
C THR A 1611 6.35 23.37 -36.93
N PHE A 1612 6.57 23.91 -35.73
CA PHE A 1612 6.63 25.36 -35.56
C PHE A 1612 7.80 25.97 -36.34
N GLY A 1613 8.96 25.31 -36.29
CA GLY A 1613 10.13 25.84 -36.98
C GLY A 1613 9.99 25.86 -38.49
N THR A 1614 9.57 24.72 -39.08
CA THR A 1614 9.39 24.69 -40.52
C THR A 1614 8.19 25.52 -40.97
N GLY A 1615 7.13 25.60 -40.18
CA GLY A 1615 6.01 26.45 -40.55
C GLY A 1615 6.29 27.93 -40.41
N LEU A 1616 7.25 28.30 -39.57
CA LEU A 1616 7.63 29.70 -39.43
C LEU A 1616 8.87 30.08 -40.24
N ILE A 1617 9.49 29.14 -40.95
CA ILE A 1617 10.49 29.57 -41.92
C ILE A 1617 9.93 29.62 -43.35
N MET A 1618 9.00 28.74 -43.71
CA MET A 1618 8.22 28.94 -44.93
C MET A 1618 6.84 28.33 -44.75
N GLU A 1619 5.94 28.68 -45.66
CA GLU A 1619 4.54 28.28 -45.57
C GLU A 1619 4.33 26.95 -46.29
N ASP A 1620 3.15 26.36 -46.06
CA ASP A 1620 2.55 25.15 -46.66
C ASP A 1620 3.58 24.04 -46.95
N VAL A 1621 4.27 23.64 -45.89
CA VAL A 1621 5.40 22.73 -45.99
C VAL A 1621 4.90 21.30 -46.11
N LYS A 1622 5.23 20.65 -47.22
CA LYS A 1622 5.18 19.21 -47.32
C LYS A 1622 6.57 18.60 -47.40
N SER A 1623 7.52 19.34 -47.98
CA SER A 1623 8.93 18.99 -47.96
C SER A 1623 9.73 20.28 -47.89
N LEU A 1624 10.95 20.17 -47.38
CA LEU A 1624 11.80 21.35 -47.22
C LEU A 1624 12.41 21.77 -48.55
N VAL A 1625 13.10 22.91 -48.53
CA VAL A 1625 13.73 23.46 -49.73
C VAL A 1625 15.23 23.23 -49.65
N LYS A 1626 15.63 22.18 -48.93
CA LYS A 1626 17.02 21.76 -48.73
C LYS A 1626 17.83 22.86 -48.03
N GLY A 1627 17.43 23.12 -46.79
CA GLY A 1627 18.19 24.02 -45.92
C GLY A 1627 19.32 23.29 -45.23
N LYS A 1628 19.37 23.35 -43.90
CA LYS A 1628 20.39 22.65 -43.15
C LYS A 1628 20.00 21.20 -42.92
N ASP A 1629 20.95 20.43 -42.39
CA ASP A 1629 20.75 18.99 -42.21
C ASP A 1629 19.78 18.68 -41.08
N SER A 1630 19.63 19.58 -40.11
CA SER A 1630 18.61 19.38 -39.08
C SER A 1630 17.21 19.45 -39.68
N PHE A 1631 16.95 20.47 -40.52
CA PHE A 1631 15.68 20.58 -41.21
C PHE A 1631 15.45 19.41 -42.15
N GLU A 1632 16.52 18.95 -42.81
CA GLU A 1632 16.42 17.85 -43.76
C GLU A 1632 16.11 16.53 -43.06
N THR A 1633 16.79 16.27 -41.94
CA THR A 1633 16.54 15.03 -41.21
C THR A 1633 15.21 15.06 -40.48
N GLU A 1634 14.75 16.23 -40.03
CA GLU A 1634 13.40 16.26 -39.48
C GLU A 1634 12.35 16.25 -40.58
N ALA A 1635 12.70 16.59 -41.81
CA ALA A 1635 11.81 16.33 -42.95
C ALA A 1635 11.67 14.84 -43.19
N PHE A 1636 12.78 14.10 -43.07
CA PHE A 1636 12.66 12.63 -43.01
C PHE A 1636 11.85 12.16 -41.80
N SER A 1637 11.92 12.89 -40.69
CA SER A 1637 11.14 12.49 -39.52
C SER A 1637 9.65 12.64 -39.74
N ASN A 1638 9.19 13.80 -40.23
CA ASN A 1638 7.77 14.09 -40.26
C ASN A 1638 7.12 13.81 -41.61
N SER A 1639 7.83 13.16 -42.53
CA SER A 1639 7.25 12.83 -43.83
C SER A 1639 6.09 11.85 -43.69
N ASN A 1640 6.33 10.75 -43.02
CA ASN A 1640 5.26 9.88 -42.54
C ASN A 1640 4.96 10.25 -41.08
N GLU A 1641 4.25 9.38 -40.37
CA GLU A 1641 4.03 9.58 -38.94
C GLU A 1641 5.35 9.46 -38.19
N CYS A 1642 5.74 10.52 -37.48
CA CYS A 1642 7.09 10.62 -36.93
C CYS A 1642 7.29 9.70 -35.74
N GLN A 1643 6.26 9.56 -34.90
CA GLN A 1643 6.31 8.64 -33.76
C GLN A 1643 6.53 7.21 -34.24
N ARG A 1644 5.79 6.81 -35.29
CA ARG A 1644 5.90 5.47 -35.84
C ARG A 1644 7.27 5.21 -36.42
N LEU A 1645 7.83 6.16 -37.15
CA LEU A 1645 9.14 5.92 -37.77
C LEU A 1645 10.25 5.93 -36.73
N VAL A 1646 10.16 6.80 -35.72
CA VAL A 1646 11.23 6.79 -34.73
C VAL A 1646 11.17 5.54 -33.85
N LYS A 1647 9.96 5.02 -33.56
CA LYS A 1647 9.92 3.79 -32.79
C LYS A 1647 10.32 2.60 -33.65
N ALA A 1648 9.99 2.64 -34.95
CA ALA A 1648 10.32 1.53 -35.83
C ALA A 1648 11.82 1.45 -36.08
N CYS A 1649 12.48 2.60 -36.29
CA CYS A 1649 13.93 2.60 -36.45
C CYS A 1649 14.62 2.39 -35.12
N ASN A 1650 13.91 2.62 -34.01
CA ASN A 1650 14.48 2.38 -32.69
C ASN A 1650 14.72 0.90 -32.39
N TYR A 1651 14.10 -0.02 -33.13
CA TYR A 1651 14.32 -1.44 -32.84
C TYR A 1651 15.65 -1.96 -33.35
N MET A 1652 16.36 -1.21 -34.20
CA MET A 1652 17.69 -1.64 -34.64
C MET A 1652 18.76 -0.56 -34.56
N ILE A 1653 18.45 0.64 -34.08
CA ILE A 1653 19.49 1.62 -33.75
C ILE A 1653 19.68 1.62 -32.24
N ALA A 1654 20.92 1.77 -31.81
CA ALA A 1654 21.32 1.61 -30.42
C ALA A 1654 22.33 2.67 -30.02
N ALA A 1655 22.01 3.95 -30.23
CA ALA A 1655 22.96 5.03 -29.94
C ALA A 1655 23.34 5.14 -28.46
N GLN A 1656 22.38 5.51 -27.60
CA GLN A 1656 22.59 5.83 -26.17
C GLN A 1656 23.77 6.77 -25.95
N ASN A 1657 23.65 8.00 -26.46
CA ASN A 1657 24.78 8.92 -26.34
C ASN A 1657 24.96 9.37 -24.88
N ARG A 1658 26.18 9.77 -24.56
CA ARG A 1658 26.72 9.57 -23.22
C ARG A 1658 26.46 10.75 -22.28
N LEU A 1659 25.58 11.67 -22.67
CA LEU A 1659 25.13 12.81 -21.85
C LEU A 1659 26.31 13.69 -21.43
N LEU A 1660 27.04 14.18 -22.43
CA LEU A 1660 28.13 15.13 -22.19
C LEU A 1660 27.84 16.51 -22.75
N ALA A 1661 26.76 16.67 -23.53
CA ALA A 1661 26.29 17.90 -24.13
C ALA A 1661 27.29 18.54 -25.09
N ILE A 1662 28.34 17.81 -25.50
CA ILE A 1662 29.27 18.27 -26.50
C ILE A 1662 29.38 17.27 -27.66
N ASN A 1663 29.49 15.98 -27.35
CA ASN A 1663 29.41 14.94 -28.37
C ASN A 1663 27.99 14.58 -28.75
N THR A 1664 27.00 15.05 -27.98
CA THR A 1664 25.60 14.82 -28.31
C THR A 1664 25.19 15.59 -29.55
N CYS A 1665 25.57 16.87 -29.63
CA CYS A 1665 25.29 17.65 -30.82
C CYS A 1665 26.23 17.29 -31.97
N PHE A 1666 27.37 16.66 -31.66
CA PHE A 1666 28.34 16.34 -32.69
C PHE A 1666 28.00 15.06 -33.43
N THR A 1667 27.39 14.09 -32.73
CA THR A 1667 27.18 12.76 -33.31
C THR A 1667 26.08 12.78 -34.36
N ARG A 1668 24.85 13.10 -33.96
CA ARG A 1668 23.73 13.14 -34.88
C ARG A 1668 22.66 14.05 -34.27
N LYS A 1669 22.35 15.14 -34.96
CA LYS A 1669 21.57 16.23 -34.37
C LYS A 1669 20.07 15.98 -34.39
N SER A 1670 19.59 14.89 -34.99
CA SER A 1670 18.15 14.67 -35.06
C SER A 1670 17.69 13.43 -34.31
N PHE A 1671 18.17 12.23 -34.67
CA PHE A 1671 17.50 11.01 -34.17
C PHE A 1671 17.82 10.69 -32.72
N PRO A 1672 19.09 10.70 -32.25
CA PRO A 1672 19.29 10.47 -30.81
C PRO A 1672 18.83 11.64 -29.93
N PHE A 1673 18.54 12.80 -30.52
CA PHE A 1673 17.94 13.90 -29.75
C PHE A 1673 16.57 13.52 -29.19
N TYR A 1674 15.66 13.02 -30.03
CA TYR A 1674 14.33 12.66 -29.57
C TYR A 1674 14.09 11.16 -29.56
N SER A 1675 15.15 10.38 -29.63
CA SER A 1675 15.02 8.94 -29.43
C SER A 1675 15.78 8.44 -28.23
N LYS A 1676 16.90 9.09 -27.86
CA LYS A 1676 17.73 8.62 -26.77
C LYS A 1676 17.90 9.61 -25.62
N PHE A 1677 17.23 10.76 -25.66
CA PHE A 1677 17.20 11.70 -24.53
C PHE A 1677 15.90 11.63 -23.76
N ASN A 1678 15.34 10.44 -23.59
CA ASN A 1678 14.28 10.25 -22.63
C ASN A 1678 14.60 9.13 -21.66
N LEU A 1679 15.80 8.54 -21.77
CA LEU A 1679 16.26 7.41 -20.97
C LEU A 1679 15.31 6.22 -21.05
N GLY A 1680 14.67 6.08 -22.22
CA GLY A 1680 13.68 5.05 -22.42
C GLY A 1680 13.41 4.85 -23.89
N ARG A 1681 13.05 3.63 -24.25
CA ARG A 1681 12.83 3.23 -25.64
C ARG A 1681 11.86 2.07 -25.62
N GLY A 1682 11.73 1.38 -26.76
CA GLY A 1682 10.82 0.24 -26.81
C GLY A 1682 11.37 -0.99 -26.12
N PHE A 1683 10.87 -1.28 -24.92
CA PHE A 1683 11.36 -2.45 -24.21
C PHE A 1683 10.23 -3.25 -23.58
N ILE A 1684 10.59 -4.23 -22.77
CA ILE A 1684 9.67 -5.22 -22.24
C ILE A 1684 9.52 -5.01 -20.75
N SER A 1685 8.28 -5.02 -20.27
CA SER A 1685 7.97 -4.80 -18.86
C SER A 1685 8.27 -6.06 -18.04
N ASN A 1686 7.86 -6.06 -16.78
CA ASN A 1686 8.14 -7.15 -15.86
C ASN A 1686 6.86 -7.66 -15.21
N THR A 1687 6.88 -8.94 -14.85
CA THR A 1687 5.84 -9.55 -14.04
C THR A 1687 6.47 -10.06 -12.74
N LEU A 1688 5.91 -9.65 -11.61
CA LEU A 1688 6.47 -9.97 -10.30
C LEU A 1688 5.81 -11.23 -9.73
N ALA A 1689 6.17 -11.56 -8.50
CA ALA A 1689 5.59 -12.68 -7.78
C ALA A 1689 4.42 -12.25 -6.90
N LEU A 1690 3.98 -11.00 -7.04
CA LEU A 1690 2.78 -10.38 -6.45
C LEU A 1690 2.89 -10.13 -4.95
N LEU A 1691 3.97 -10.61 -4.32
CA LEU A 1691 4.35 -10.30 -2.94
C LEU A 1691 3.23 -10.60 -1.94
N SER A 1692 2.98 -11.91 -1.76
CA SER A 1692 2.01 -12.39 -0.79
C SER A 1692 2.34 -11.90 0.61
N THR A 1693 1.50 -11.01 1.14
CA THR A 1693 1.87 -10.28 2.36
C THR A 1693 1.67 -11.14 3.59
N ILE A 1694 0.49 -11.74 3.75
CA ILE A 1694 0.20 -12.51 4.95
C ILE A 1694 -0.81 -13.58 4.58
N TYR A 1695 -0.72 -14.72 5.27
CA TYR A 1695 -1.68 -15.80 5.13
C TYR A 1695 -2.88 -15.51 6.01
N SER A 1696 -4.07 -15.70 5.46
CA SER A 1696 -5.30 -15.42 6.20
C SER A 1696 -5.64 -16.61 7.09
N LYS A 1697 -6.86 -16.62 7.62
CA LYS A 1697 -7.34 -17.77 8.39
C LYS A 1697 -7.60 -18.92 7.43
N GLU A 1698 -6.70 -19.89 7.43
CA GLU A 1698 -6.80 -21.04 6.54
C GLU A 1698 -7.85 -22.03 7.02
N LYS A 1713 5.39 -13.80 -29.92
CA LYS A 1713 6.71 -14.32 -30.22
C LYS A 1713 7.69 -14.02 -29.09
N THR A 1714 7.48 -12.89 -28.42
CA THR A 1714 8.31 -12.53 -27.28
C THR A 1714 7.88 -13.24 -25.99
N ILE A 1715 6.66 -13.79 -25.96
CA ILE A 1715 6.23 -14.58 -24.82
C ILE A 1715 6.99 -15.90 -24.78
N ARG A 1716 7.07 -16.56 -25.95
CA ARG A 1716 7.52 -17.95 -26.01
C ARG A 1716 9.01 -18.06 -25.68
N THR A 1717 9.79 -17.05 -26.04
CA THR A 1717 11.22 -17.09 -25.78
C THR A 1717 11.51 -16.94 -24.29
N VAL A 1718 10.85 -15.97 -23.65
CA VAL A 1718 11.09 -15.76 -22.22
C VAL A 1718 10.52 -16.91 -21.41
N VAL A 1719 9.42 -17.53 -21.86
CA VAL A 1719 8.86 -18.67 -21.14
C VAL A 1719 9.76 -19.89 -21.28
N SER A 1720 10.32 -20.12 -22.48
CA SER A 1720 11.30 -21.17 -22.64
C SER A 1720 12.56 -20.91 -21.82
N ALA A 1721 12.89 -19.63 -21.60
CA ALA A 1721 14.00 -19.32 -20.71
C ALA A 1721 13.64 -19.59 -19.25
N GLN A 1722 12.35 -19.42 -18.89
CA GLN A 1722 11.88 -19.81 -17.56
C GLN A 1722 12.09 -21.30 -17.34
N GLN A 1723 11.70 -22.12 -18.32
CA GLN A 1723 11.97 -23.56 -18.19
C GLN A 1723 13.47 -23.86 -18.26
N ASP A 1724 14.23 -23.03 -18.97
CA ASP A 1724 15.67 -23.26 -19.10
C ASP A 1724 16.34 -23.09 -17.74
N MET A 1725 16.03 -22.00 -17.04
CA MET A 1725 16.60 -21.82 -15.71
C MET A 1725 15.94 -22.69 -14.66
N ASN A 1726 14.71 -23.16 -14.90
CA ASN A 1726 14.03 -24.04 -13.97
C ASN A 1726 14.33 -25.51 -14.25
N LEU A 1727 15.12 -25.79 -15.28
CA LEU A 1727 15.40 -27.16 -15.68
C LEU A 1727 16.18 -27.90 -14.60
N GLU A 1728 17.19 -27.26 -14.02
CA GLU A 1728 17.95 -27.90 -12.96
C GLU A 1728 17.11 -28.11 -11.70
N LYS A 1729 16.12 -27.26 -11.45
CA LYS A 1729 15.22 -27.48 -10.33
C LYS A 1729 14.23 -28.60 -10.60
N ILE A 1730 13.65 -28.65 -11.79
CA ILE A 1730 12.68 -29.71 -12.08
C ILE A 1730 13.38 -31.03 -12.33
N LEU A 1731 14.68 -31.02 -12.61
CA LEU A 1731 15.44 -32.26 -12.64
C LEU A 1731 15.62 -32.84 -11.24
N ASP A 1732 15.53 -32.02 -10.21
CA ASP A 1732 15.49 -32.49 -8.83
C ASP A 1732 14.08 -32.67 -8.30
N THR A 1733 13.08 -32.12 -8.99
CA THR A 1733 11.69 -32.19 -8.56
C THR A 1733 10.90 -33.32 -9.23
N ALA A 1734 10.94 -33.41 -10.55
CA ALA A 1734 10.17 -34.41 -11.28
C ALA A 1734 10.71 -35.81 -11.03
N VAL A 1735 12.02 -35.95 -10.97
CA VAL A 1735 12.63 -37.24 -10.64
C VAL A 1735 12.25 -37.64 -9.22
N TYR A 1736 12.23 -36.66 -8.31
CA TYR A 1736 11.82 -36.89 -6.92
C TYR A 1736 10.38 -37.40 -6.85
N ILE A 1737 9.45 -36.69 -7.49
CA ILE A 1737 8.05 -37.08 -7.38
C ILE A 1737 7.76 -38.35 -8.15
N SER A 1738 8.50 -38.60 -9.24
CA SER A 1738 8.32 -39.86 -9.96
C SER A 1738 8.79 -41.04 -9.13
N ASP A 1739 9.94 -40.89 -8.47
CA ASP A 1739 10.44 -41.95 -7.60
C ASP A 1739 9.51 -42.16 -6.41
N LYS A 1740 8.94 -41.09 -5.86
CA LYS A 1740 8.11 -41.24 -4.68
C LYS A 1740 6.71 -41.77 -5.02
N LEU A 1741 6.15 -41.41 -6.17
CA LEU A 1741 4.90 -42.05 -6.60
C LEU A 1741 5.12 -43.50 -7.00
N GLN A 1742 6.28 -43.84 -7.56
CA GLN A 1742 6.62 -45.25 -7.77
C GLN A 1742 6.81 -45.97 -6.44
N SER A 1743 7.25 -45.25 -5.42
CA SER A 1743 7.37 -45.84 -4.09
C SER A 1743 6.02 -46.10 -3.47
N LEU A 1744 5.09 -45.14 -3.57
CA LEU A 1744 3.82 -45.31 -2.86
C LEU A 1744 2.75 -46.01 -3.70
N PHE A 1745 3.02 -46.28 -4.98
CA PHE A 1745 2.28 -47.27 -5.74
C PHE A 1745 3.24 -48.19 -6.47
N PRO A 1746 3.31 -49.47 -6.10
CA PRO A 1746 4.15 -50.42 -6.84
C PRO A 1746 3.44 -51.20 -7.94
N THR A 1747 2.13 -51.05 -8.08
CA THR A 1747 1.38 -51.66 -9.18
C THR A 1747 1.16 -50.70 -10.33
N ILE A 1748 1.88 -49.58 -10.36
CA ILE A 1748 1.64 -48.54 -11.34
C ILE A 1748 2.36 -48.90 -12.65
N THR A 1749 1.83 -48.41 -13.76
CA THR A 1749 2.36 -48.71 -15.09
C THR A 1749 2.92 -47.45 -15.73
N ARG A 1750 3.69 -47.65 -16.81
CA ARG A 1750 4.37 -46.56 -17.49
C ARG A 1750 3.39 -45.60 -18.15
N GLU A 1751 2.28 -46.12 -18.67
CA GLU A 1751 1.21 -45.26 -19.17
C GLU A 1751 0.63 -44.40 -18.06
N ASP A 1752 0.51 -44.95 -16.85
CA ASP A 1752 0.04 -44.15 -15.73
C ASP A 1752 1.07 -43.11 -15.29
N ILE A 1753 2.36 -43.43 -15.40
CA ILE A 1753 3.41 -42.45 -15.15
C ILE A 1753 3.31 -41.30 -16.14
N VAL A 1754 3.08 -41.61 -17.41
CA VAL A 1754 2.90 -40.60 -18.44
C VAL A 1754 1.66 -39.76 -18.14
N LEU A 1755 0.58 -40.41 -17.70
CA LEU A 1755 -0.68 -39.72 -17.44
C LEU A 1755 -0.56 -38.75 -16.26
N ILE A 1756 0.03 -39.19 -15.15
CA ILE A 1756 0.11 -38.30 -13.99
C ILE A 1756 1.18 -37.24 -14.21
N LEU A 1757 2.22 -37.55 -14.99
CA LEU A 1757 3.21 -36.56 -15.32
C LEU A 1757 2.68 -35.59 -16.36
N GLN A 1758 1.66 -35.98 -17.11
CA GLN A 1758 0.94 -35.04 -17.96
C GLN A 1758 -0.01 -34.14 -17.19
N ASN A 1759 -0.35 -34.50 -15.95
CA ASN A 1759 -1.38 -33.78 -15.20
C ASN A 1759 -0.88 -33.01 -13.99
N VAL A 1760 0.20 -33.45 -13.34
CA VAL A 1760 0.78 -32.72 -12.22
C VAL A 1760 1.65 -31.60 -12.77
N CYS A 1761 1.34 -30.36 -12.38
CA CYS A 1761 1.99 -29.18 -12.95
C CYS A 1761 2.71 -28.39 -11.87
N LEU A 1762 3.74 -27.68 -12.28
CA LEU A 1762 4.50 -26.77 -11.42
C LEU A 1762 4.72 -25.47 -12.16
N ASP A 1763 4.50 -24.34 -11.45
CA ASP A 1763 4.58 -22.99 -11.99
C ASP A 1763 3.68 -22.82 -13.22
N SER A 1764 2.49 -23.40 -13.15
CA SER A 1764 1.50 -23.47 -14.22
C SER A 1764 2.06 -24.08 -15.51
N LYS A 1765 3.01 -25.00 -15.38
CA LYS A 1765 3.59 -25.69 -16.51
C LYS A 1765 3.49 -27.18 -16.28
N PRO A 1766 2.81 -27.93 -17.16
CA PRO A 1766 2.88 -29.39 -17.09
C PRO A 1766 4.30 -29.86 -17.34
N ILE A 1767 4.70 -30.91 -16.61
CA ILE A 1767 6.10 -31.29 -16.56
C ILE A 1767 6.53 -31.97 -17.86
N TRP A 1768 5.71 -32.90 -18.38
CA TRP A 1768 6.15 -33.75 -19.46
C TRP A 1768 6.28 -32.99 -20.78
N GLN A 1769 5.31 -32.13 -21.10
CA GLN A 1769 5.41 -31.35 -22.32
C GLN A 1769 6.52 -30.31 -22.23
N SER A 1770 6.79 -29.79 -21.03
CA SER A 1770 7.88 -28.83 -20.85
C SER A 1770 9.23 -29.50 -21.04
N LEU A 1771 9.38 -30.74 -20.59
CA LEU A 1771 10.59 -31.49 -20.89
C LEU A 1771 10.65 -31.86 -22.37
N GLU A 1772 9.48 -32.16 -22.97
CA GLU A 1772 9.44 -32.70 -24.32
C GLU A 1772 9.84 -31.67 -25.36
N ASP A 1773 9.38 -30.41 -25.19
CA ASP A 1773 9.74 -29.37 -26.16
C ASP A 1773 11.23 -29.07 -26.13
N LYS A 1774 11.87 -29.25 -24.97
CA LYS A 1774 13.31 -29.08 -24.91
C LYS A 1774 14.06 -30.28 -25.48
N MET A 1775 13.59 -31.51 -25.22
CA MET A 1775 14.39 -32.66 -25.59
C MET A 1775 14.15 -33.14 -27.02
N LYS A 1776 13.07 -32.69 -27.67
CA LYS A 1776 12.85 -33.05 -29.07
C LYS A 1776 13.94 -32.47 -29.96
N LYS A 1777 14.35 -31.23 -29.69
CA LYS A 1777 15.39 -30.61 -30.51
C LYS A 1777 16.76 -31.25 -30.24
N ILE A 1778 17.02 -31.75 -29.04
CA ILE A 1778 18.35 -32.33 -28.82
C ILE A 1778 18.39 -33.73 -29.40
N ASN A 1779 17.26 -34.45 -29.40
CA ASN A 1779 17.23 -35.74 -30.09
C ASN A 1779 17.34 -35.55 -31.59
N ASN A 1780 16.73 -34.48 -32.13
CA ASN A 1780 16.83 -34.21 -33.56
C ASN A 1780 18.24 -33.76 -33.94
N SER A 1781 18.92 -33.03 -33.06
CA SER A 1781 20.30 -32.64 -33.33
C SER A 1781 21.26 -33.82 -33.20
N THR A 1782 21.00 -34.74 -32.26
CA THR A 1782 21.87 -35.90 -32.12
C THR A 1782 21.67 -36.90 -33.25
N ALA A 1783 20.42 -37.18 -33.62
CA ALA A 1783 20.14 -38.15 -34.66
C ALA A 1783 20.56 -37.68 -36.04
N SER A 1784 20.86 -36.40 -36.22
CA SER A 1784 21.36 -35.91 -37.49
C SER A 1784 22.83 -36.28 -37.67
N GLY A 1785 23.39 -35.88 -38.81
CA GLY A 1785 24.74 -36.21 -39.21
C GLY A 1785 25.82 -35.29 -38.70
N PHE A 1786 25.52 -34.46 -37.70
CA PHE A 1786 26.51 -33.55 -37.14
C PHE A 1786 27.59 -34.31 -36.38
N THR A 1787 28.78 -33.72 -36.32
CA THR A 1787 29.92 -34.33 -35.63
C THR A 1787 29.89 -33.96 -34.15
N VAL A 1788 31.00 -34.25 -33.46
CA VAL A 1788 31.08 -34.07 -32.01
C VAL A 1788 31.00 -32.59 -31.64
N SER A 1789 31.78 -31.77 -32.35
CA SER A 1789 31.85 -30.34 -32.03
C SER A 1789 30.55 -29.63 -32.33
N ASN A 1790 29.74 -30.16 -33.24
CA ASN A 1790 28.47 -29.53 -33.56
C ASN A 1790 27.37 -29.93 -32.59
N VAL A 1791 27.64 -30.91 -31.72
CA VAL A 1791 26.63 -31.37 -30.77
C VAL A 1791 26.98 -30.94 -29.34
N ILE A 1792 28.27 -30.94 -28.99
CA ILE A 1792 28.68 -30.46 -27.66
C ILE A 1792 28.39 -28.97 -27.49
N LEU A 1793 28.52 -28.18 -28.56
CA LEU A 1793 28.33 -26.74 -28.43
C LEU A 1793 26.87 -26.35 -28.65
N SER A 1794 26.05 -27.26 -29.15
CA SER A 1794 24.64 -26.95 -29.36
C SER A 1794 23.88 -26.93 -28.05
N HIS A 1795 24.10 -27.93 -27.20
CA HIS A 1795 23.26 -28.16 -26.04
C HIS A 1795 24.10 -28.43 -24.81
N ASN A 1796 25.09 -27.55 -24.58
CA ASN A 1796 26.03 -27.74 -23.47
C ASN A 1796 25.35 -27.61 -22.12
N SER A 1797 24.46 -26.62 -21.97
CA SER A 1797 23.72 -26.46 -20.72
C SER A 1797 22.80 -27.64 -20.47
N GLU A 1798 22.14 -28.13 -21.54
CA GLU A 1798 21.25 -29.27 -21.41
C GLU A 1798 21.99 -30.52 -20.98
N LEU A 1799 23.12 -30.82 -21.63
CA LEU A 1799 23.87 -32.03 -21.29
C LEU A 1799 24.52 -31.92 -19.91
N ASN A 1800 24.95 -30.72 -19.54
CA ASN A 1800 25.48 -30.54 -18.19
C ASN A 1800 24.39 -30.70 -17.13
N THR A 1801 23.15 -30.34 -17.46
CA THR A 1801 22.08 -30.55 -16.50
C THR A 1801 21.65 -32.01 -16.43
N ILE A 1802 21.70 -32.75 -17.53
CA ILE A 1802 21.14 -34.10 -17.55
C ILE A 1802 22.19 -35.15 -17.22
N GLN A 1803 23.32 -34.74 -16.60
CA GLN A 1803 24.36 -35.70 -16.24
C GLN A 1803 23.89 -36.73 -15.22
N LYS A 1804 22.98 -36.34 -14.33
CA LYS A 1804 22.60 -37.26 -13.26
C LYS A 1804 21.48 -38.19 -13.68
N GLN A 1805 20.52 -37.71 -14.49
CA GLN A 1805 19.30 -38.45 -14.76
C GLN A 1805 19.13 -38.77 -16.24
N ILE A 1806 20.22 -39.06 -16.94
CA ILE A 1806 20.10 -39.45 -18.36
C ILE A 1806 19.45 -40.83 -18.47
N VAL A 1807 19.76 -41.73 -17.54
CA VAL A 1807 19.15 -43.05 -17.53
C VAL A 1807 17.66 -42.95 -17.24
N TRP A 1808 17.27 -42.01 -16.36
CA TRP A 1808 15.87 -41.78 -16.06
C TRP A 1808 15.11 -41.28 -17.28
N MET A 1809 15.75 -40.46 -18.12
CA MET A 1809 15.13 -40.04 -19.38
C MET A 1809 15.06 -41.20 -20.36
N TRP A 1810 16.02 -42.13 -20.32
CA TRP A 1810 15.95 -43.29 -21.19
C TRP A 1810 14.93 -44.33 -20.70
N ASN A 1811 14.53 -44.26 -19.43
CA ASN A 1811 13.69 -45.31 -18.85
C ASN A 1811 12.29 -45.33 -19.46
N MET A 1812 11.67 -44.16 -19.60
CA MET A 1812 10.32 -44.08 -20.16
C MET A 1812 10.31 -43.97 -21.68
N GLY A 1813 11.40 -44.37 -22.34
CA GLY A 1813 11.44 -44.34 -23.78
C GLY A 1813 11.53 -42.96 -24.39
N LEU A 1814 11.91 -41.96 -23.61
CA LEU A 1814 11.99 -40.59 -24.09
C LEU A 1814 13.29 -40.35 -24.86
N CYS A 1815 14.43 -40.55 -24.20
CA CYS A 1815 15.73 -40.29 -24.82
C CYS A 1815 16.09 -41.40 -25.80
N SER A 1816 16.63 -41.00 -26.95
CA SER A 1816 17.08 -41.97 -27.95
C SER A 1816 18.38 -42.64 -27.51
N HIS A 1817 18.62 -43.83 -28.07
CA HIS A 1817 19.79 -44.60 -27.67
C HIS A 1817 21.08 -44.01 -28.23
N ARG A 1818 20.99 -43.32 -29.38
CA ARG A 1818 22.14 -42.59 -29.90
C ARG A 1818 22.54 -41.45 -28.96
N THR A 1819 21.55 -40.72 -28.45
CA THR A 1819 21.82 -39.64 -27.52
C THR A 1819 22.38 -40.16 -26.20
N LEU A 1820 21.84 -41.30 -25.73
CA LEU A 1820 22.36 -41.93 -24.52
C LEU A 1820 23.80 -42.39 -24.70
N ASP A 1821 24.11 -42.97 -25.87
CA ASP A 1821 25.48 -43.38 -26.15
C ASP A 1821 26.43 -42.19 -26.22
N PHE A 1822 25.98 -41.09 -26.84
CA PHE A 1822 26.78 -39.88 -26.90
C PHE A 1822 27.06 -39.33 -25.51
N VAL A 1823 26.05 -39.33 -24.64
CA VAL A 1823 26.20 -38.80 -23.30
C VAL A 1823 27.15 -39.66 -22.49
N ILE A 1824 26.99 -40.99 -22.55
CA ILE A 1824 27.85 -41.85 -21.73
C ILE A 1824 29.26 -41.92 -22.29
N ARG A 1825 29.46 -41.62 -23.58
CA ARG A 1825 30.80 -41.71 -24.12
C ARG A 1825 31.56 -40.40 -23.98
N TYR A 1826 30.92 -39.25 -24.21
CA TYR A 1826 31.66 -38.00 -24.29
C TYR A 1826 31.49 -37.09 -23.08
N ILE A 1827 30.51 -37.35 -22.22
CA ILE A 1827 30.19 -36.46 -21.12
C ILE A 1827 30.51 -37.08 -19.76
N ARG A 1828 30.17 -38.36 -19.58
CA ARG A 1828 30.29 -39.03 -18.29
C ARG A 1828 31.67 -39.61 -18.03
N ARG A 1829 32.66 -39.24 -18.82
CA ARG A 1829 34.03 -39.71 -18.62
C ARG A 1829 34.65 -39.10 -17.37
N ILE A 1854 60.79 -14.17 -41.84
CA ILE A 1854 60.29 -14.74 -40.59
C ILE A 1854 59.07 -13.95 -40.14
N GLY A 1855 58.55 -14.27 -38.95
CA GLY A 1855 57.40 -13.57 -38.46
C GLY A 1855 57.04 -13.97 -37.05
N ILE A 1856 56.21 -13.14 -36.42
CA ILE A 1856 55.64 -13.39 -35.11
C ILE A 1856 54.13 -13.28 -35.23
N MET A 1857 53.42 -14.35 -34.85
CA MET A 1857 51.97 -14.36 -34.84
C MET A 1857 51.47 -14.21 -33.42
N THR A 1858 50.64 -13.20 -33.19
CA THR A 1858 50.08 -12.87 -31.87
C THR A 1858 48.55 -12.95 -31.93
N ARG A 1859 47.93 -12.69 -30.79
CA ARG A 1859 46.47 -12.67 -30.72
C ARG A 1859 45.88 -11.44 -31.39
N SER A 1860 46.66 -10.39 -31.60
CA SER A 1860 46.16 -9.14 -32.14
C SER A 1860 46.86 -8.68 -33.41
N CYS A 1861 48.11 -9.08 -33.65
CA CYS A 1861 48.85 -8.62 -34.81
C CYS A 1861 49.69 -9.76 -35.38
N TYR A 1862 49.89 -9.71 -36.69
CA TYR A 1862 50.70 -10.69 -37.43
C TYR A 1862 51.86 -9.91 -38.03
N VAL A 1863 53.04 -10.01 -37.42
CA VAL A 1863 54.20 -9.25 -37.85
C VAL A 1863 55.03 -10.14 -38.75
N GLU A 1864 55.43 -9.63 -39.91
CA GLU A 1864 56.21 -10.38 -40.87
C GLU A 1864 57.45 -9.57 -41.24
N LEU A 1865 58.53 -10.27 -41.56
CA LEU A 1865 59.78 -9.63 -41.96
C LEU A 1865 60.31 -10.36 -43.18
N ILE A 1866 60.45 -9.62 -44.28
CA ILE A 1866 61.02 -10.15 -45.53
C ILE A 1866 62.39 -9.54 -45.70
N ALA A 1867 63.43 -10.37 -45.60
CA ALA A 1867 64.81 -9.91 -45.67
C ALA A 1867 65.45 -10.43 -46.95
N SER A 1868 65.91 -9.50 -47.79
CA SER A 1868 66.69 -9.83 -48.98
C SER A 1868 68.14 -9.44 -48.74
N ASP A 1869 68.95 -9.60 -49.78
CA ASP A 1869 70.36 -9.26 -49.66
C ASP A 1869 70.61 -7.76 -49.68
N GLN A 1870 69.65 -6.97 -50.18
CA GLN A 1870 69.80 -5.53 -50.27
C GLN A 1870 68.77 -4.76 -49.46
N ASP A 1871 67.52 -5.19 -49.43
CA ASP A 1871 66.45 -4.47 -48.76
C ASP A 1871 65.72 -5.39 -47.80
N VAL A 1872 65.42 -4.86 -46.61
CA VAL A 1872 64.69 -5.57 -45.58
C VAL A 1872 63.40 -4.81 -45.29
N ALA A 1873 62.28 -5.52 -45.23
CA ALA A 1873 60.98 -4.92 -44.99
C ALA A 1873 60.29 -5.59 -43.82
N VAL A 1874 59.59 -4.79 -43.02
CA VAL A 1874 58.77 -5.27 -41.91
C VAL A 1874 57.33 -4.85 -42.18
N SER A 1875 56.41 -5.80 -42.08
CA SER A 1875 54.99 -5.55 -42.24
C SER A 1875 54.25 -6.01 -41.00
N LEU A 1876 53.06 -5.44 -40.80
CA LEU A 1876 52.24 -5.78 -39.63
C LEU A 1876 50.78 -5.77 -40.07
N ARG A 1877 50.17 -6.96 -40.10
CA ARG A 1877 48.77 -7.10 -40.47
C ARG A 1877 47.92 -7.21 -39.21
N THR A 1878 46.97 -6.31 -39.05
CA THR A 1878 46.01 -6.35 -37.96
C THR A 1878 44.64 -5.96 -38.51
N PRO A 1879 43.57 -6.53 -37.96
CA PRO A 1879 42.23 -6.17 -38.45
C PRO A 1879 41.62 -4.96 -37.75
N PHE A 1880 42.44 -4.12 -37.12
CA PHE A 1880 41.95 -3.03 -36.27
C PHE A 1880 42.53 -1.69 -36.72
N GLU A 1881 42.25 -0.66 -35.92
CA GLU A 1881 43.07 0.54 -35.95
C GLU A 1881 44.48 0.16 -35.50
N ILE A 1882 45.45 0.45 -36.36
CA ILE A 1882 46.74 -0.25 -36.28
C ILE A 1882 47.59 0.29 -35.14
N LEU A 1883 47.99 1.55 -35.22
CA LEU A 1883 48.88 2.15 -34.22
C LEU A 1883 48.01 2.76 -33.14
N ASN A 1884 47.51 1.88 -32.25
CA ASN A 1884 46.50 2.18 -31.25
C ASN A 1884 45.27 2.82 -31.88
N GLU A 1885 45.19 4.14 -31.84
CA GLU A 1885 44.03 4.84 -32.38
C GLU A 1885 44.41 5.70 -33.59
N ARG A 1886 45.31 6.67 -33.42
CA ARG A 1886 46.08 7.27 -34.53
C ARG A 1886 47.47 7.57 -34.01
N GLU A 1887 48.47 6.82 -34.51
CA GLU A 1887 49.89 7.04 -34.26
C GLU A 1887 50.20 6.99 -32.76
N TYR A 1888 50.00 5.81 -32.18
CA TYR A 1888 50.48 5.50 -30.84
C TYR A 1888 50.95 4.05 -30.87
N LEU A 1889 51.17 3.47 -29.70
CA LEU A 1889 51.78 2.15 -29.68
C LEU A 1889 51.33 1.36 -28.46
N PHE A 1890 51.26 0.05 -28.63
CA PHE A 1890 51.23 -0.91 -27.54
C PHE A 1890 52.63 -1.43 -27.32
N ASP A 1891 52.92 -1.83 -26.08
CA ASP A 1891 54.29 -2.21 -25.73
C ASP A 1891 54.69 -3.54 -26.35
N THR A 1892 53.75 -4.50 -26.42
CA THR A 1892 54.06 -5.84 -26.88
C THR A 1892 54.52 -5.87 -28.33
N TYR A 1893 53.89 -5.03 -29.18
CA TYR A 1893 54.28 -4.96 -30.58
C TYR A 1893 55.69 -4.39 -30.73
N ARG A 1894 56.02 -3.37 -29.93
CA ARG A 1894 57.36 -2.78 -29.98
C ARG A 1894 58.41 -3.77 -29.51
N GLU A 1895 58.11 -4.54 -28.46
CA GLU A 1895 59.06 -5.55 -27.99
C GLU A 1895 59.22 -6.67 -29.00
N SER A 1896 58.14 -7.07 -29.68
CA SER A 1896 58.24 -8.12 -30.68
C SER A 1896 59.07 -7.67 -31.90
N ILE A 1897 58.85 -6.44 -32.36
CA ILE A 1897 59.62 -5.92 -33.49
C ILE A 1897 61.09 -5.72 -33.09
N GLU A 1898 61.32 -5.30 -31.84
CA GLU A 1898 62.69 -5.18 -31.34
C GLU A 1898 63.39 -6.53 -31.27
N LYS A 1899 62.68 -7.57 -30.83
CA LYS A 1899 63.25 -8.92 -30.80
C LYS A 1899 63.56 -9.40 -32.21
N LEU A 1900 62.65 -9.16 -33.16
CA LEU A 1900 62.85 -9.63 -34.53
C LEU A 1900 64.04 -8.94 -35.19
N LEU A 1901 64.13 -7.62 -35.05
CA LEU A 1901 65.25 -6.91 -35.64
C LEU A 1901 66.53 -7.09 -34.84
N ALA A 1902 66.45 -7.61 -33.61
CA ALA A 1902 67.66 -8.04 -32.91
C ALA A 1902 68.15 -9.39 -33.42
N GLU A 1903 67.23 -10.31 -33.72
CA GLU A 1903 67.65 -11.62 -34.22
C GLU A 1903 68.15 -11.56 -35.65
N ILE A 1904 67.55 -10.71 -36.49
CA ILE A 1904 68.03 -10.65 -37.87
C ILE A 1904 69.38 -9.94 -37.95
N MET A 1905 69.77 -9.17 -36.93
CA MET A 1905 71.12 -8.62 -36.90
C MET A 1905 72.15 -9.73 -36.70
N PHE A 1906 71.86 -10.67 -35.79
CA PHE A 1906 72.80 -11.76 -35.53
C PHE A 1906 72.77 -12.80 -36.63
N ASP A 1907 71.62 -13.00 -37.28
CA ASP A 1907 71.51 -14.03 -38.31
C ASP A 1907 71.91 -13.56 -39.69
N LYS A 1908 71.83 -12.25 -39.95
CA LYS A 1908 72.10 -11.67 -41.26
C LYS A 1908 73.11 -10.54 -41.13
N VAL A 1909 74.26 -10.88 -40.52
CA VAL A 1909 75.29 -9.90 -40.20
C VAL A 1909 75.81 -9.21 -41.45
N ASN A 1910 76.09 -9.98 -42.51
CA ASN A 1910 76.71 -9.43 -43.71
C ASN A 1910 75.77 -8.51 -44.48
N ILE A 1911 74.46 -8.73 -44.38
CA ILE A 1911 73.49 -7.83 -45.00
C ILE A 1911 73.49 -6.48 -44.30
N ILE A 1912 73.66 -6.49 -42.97
CA ILE A 1912 73.54 -5.28 -42.17
C ILE A 1912 74.90 -4.59 -41.97
N ASN A 1913 76.00 -5.20 -42.42
CA ASN A 1913 77.31 -4.54 -42.38
C ASN A 1913 77.34 -3.43 -43.44
N GLN A 1914 76.83 -2.27 -43.04
CA GLN A 1914 76.82 -1.08 -43.87
C GLN A 1914 77.53 0.05 -43.13
N THR A 1915 77.66 1.19 -43.81
CA THR A 1915 78.28 2.35 -43.18
C THR A 1915 77.34 2.98 -42.16
N THR A 1916 77.88 3.32 -40.99
CA THR A 1916 77.09 3.96 -39.95
C THR A 1916 76.77 5.39 -40.34
N THR A 1917 75.49 5.73 -40.34
CA THR A 1917 75.02 7.04 -40.78
C THR A 1917 74.12 7.64 -39.71
N ASP A 1918 73.90 8.94 -39.80
CA ASP A 1918 73.01 9.67 -38.93
C ASP A 1918 71.80 10.10 -39.75
N CYS A 1919 70.60 9.75 -39.29
CA CYS A 1919 69.39 10.07 -40.02
C CYS A 1919 68.24 10.21 -39.04
N PHE A 1920 67.19 10.89 -39.49
CA PHE A 1920 65.99 11.10 -38.69
C PHE A 1920 65.00 9.97 -38.98
N LEU A 1921 64.74 9.13 -37.99
CA LEU A 1921 63.75 8.06 -38.11
C LEU A 1921 62.37 8.70 -38.18
N ARG A 1922 61.67 8.47 -39.29
CA ARG A 1922 60.44 9.16 -39.62
C ARG A 1922 59.26 8.33 -39.06
N THR A 1923 58.04 8.81 -39.30
CA THR A 1923 56.81 8.08 -39.03
C THR A 1923 56.80 6.72 -39.71
N ARG A 1924 56.39 5.69 -38.94
CA ARG A 1924 56.27 4.29 -39.38
C ARG A 1924 57.61 3.72 -39.84
N ARG A 1925 58.64 3.85 -38.99
CA ARG A 1925 59.97 3.40 -39.32
C ARG A 1925 60.66 2.78 -38.10
N SER A 1926 61.69 1.98 -38.38
CA SER A 1926 62.56 1.43 -37.36
C SER A 1926 64.00 1.46 -37.89
N CYS A 1927 64.95 1.37 -36.96
CA CYS A 1927 66.36 1.37 -37.34
C CYS A 1927 67.14 0.46 -36.41
N ILE A 1928 68.26 -0.05 -36.92
CA ILE A 1928 69.20 -0.84 -36.14
C ILE A 1928 70.44 0.01 -35.90
N ARG A 1929 70.75 0.27 -34.64
CA ARG A 1929 71.80 1.23 -34.29
C ARG A 1929 72.84 0.57 -33.39
N MET A 1930 74.01 1.20 -33.33
CA MET A 1930 75.12 0.75 -32.52
C MET A 1930 75.16 1.60 -31.25
N THR A 1931 75.35 0.95 -30.10
CA THR A 1931 75.50 1.67 -28.85
C THR A 1931 76.96 2.06 -28.66
N THR A 1932 77.28 2.65 -27.49
CA THR A 1932 78.64 3.10 -27.23
C THR A 1932 79.57 1.93 -26.91
N ASP A 1933 79.01 0.80 -26.46
CA ASP A 1933 79.80 -0.38 -26.13
C ASP A 1933 79.82 -1.41 -27.25
N ASN A 1934 79.63 -0.95 -28.50
CA ASN A 1934 79.61 -1.78 -29.71
C ASN A 1934 78.55 -2.88 -29.66
N LYS A 1935 77.45 -2.61 -28.97
CA LYS A 1935 76.33 -3.54 -28.87
C LYS A 1935 75.19 -3.00 -29.71
N MET A 1936 74.62 -3.87 -30.54
CA MET A 1936 73.62 -3.45 -31.51
C MET A 1936 72.24 -3.52 -30.87
N ILE A 1937 71.53 -2.40 -30.86
CA ILE A 1937 70.15 -2.37 -30.34
C ILE A 1937 69.22 -1.84 -31.42
N VAL A 1938 67.92 -1.95 -31.13
CA VAL A 1938 66.85 -1.61 -32.05
C VAL A 1938 65.87 -0.68 -31.35
N LYS A 1939 65.56 0.45 -31.99
CA LYS A 1939 64.49 1.34 -31.55
C LYS A 1939 63.54 1.59 -32.71
N VAL A 1940 62.24 1.46 -32.45
CA VAL A 1940 61.21 1.65 -33.46
C VAL A 1940 60.50 2.96 -33.16
N ASN A 1941 60.42 3.84 -34.16
CA ASN A 1941 59.81 5.16 -33.99
C ASN A 1941 58.30 5.02 -34.16
N ALA A 1942 57.66 4.43 -33.15
CA ALA A 1942 56.21 4.43 -33.05
C ALA A 1942 55.68 5.67 -32.38
N THR A 1943 56.58 6.58 -31.98
CA THR A 1943 56.18 7.88 -31.48
C THR A 1943 55.66 8.75 -32.62
N SER A 1944 54.97 9.83 -32.25
CA SER A 1944 54.39 10.72 -33.25
C SER A 1944 55.47 11.51 -33.99
N ARG A 1945 56.48 11.98 -33.29
CA ARG A 1945 57.52 12.81 -33.87
C ARG A 1945 58.68 11.96 -34.36
N GLN A 1946 59.44 12.52 -35.30
CA GLN A 1946 60.64 11.86 -35.80
C GLN A 1946 61.71 11.83 -34.70
N ILE A 1947 62.48 10.74 -34.67
CA ILE A 1947 63.48 10.54 -33.62
C ILE A 1947 64.86 10.58 -34.26
N ARG A 1948 65.74 11.42 -33.73
CA ARG A 1948 67.11 11.50 -34.23
C ARG A 1948 67.99 10.49 -33.48
N LEU A 1949 68.59 9.57 -34.23
CA LEU A 1949 69.46 8.54 -33.66
C LEU A 1949 70.75 8.46 -34.48
N GLU A 1950 71.83 8.09 -33.81
CA GLU A 1950 73.15 7.99 -34.42
C GLU A 1950 73.56 6.53 -34.54
N ASN A 1951 74.66 6.33 -35.28
CA ASN A 1951 75.26 5.00 -35.54
C ASN A 1951 74.26 4.03 -36.18
N VAL A 1952 73.43 4.56 -37.07
CA VAL A 1952 72.36 3.77 -37.67
C VAL A 1952 72.94 2.91 -38.80
N LYS A 1953 72.70 1.60 -38.72
CA LYS A 1953 73.15 0.70 -39.77
C LYS A 1953 72.09 0.48 -40.85
N LEU A 1954 70.83 0.30 -40.46
CA LEU A 1954 69.78 0.05 -41.44
C LEU A 1954 68.48 0.69 -40.96
N VAL A 1955 67.78 1.33 -41.91
CA VAL A 1955 66.45 1.89 -41.69
C VAL A 1955 65.45 1.04 -42.47
N VAL A 1956 64.41 0.56 -41.79
CA VAL A 1956 63.37 -0.25 -42.40
C VAL A 1956 62.03 0.42 -42.13
N LYS A 1957 61.29 0.72 -43.20
CA LYS A 1957 59.92 1.19 -43.06
C LYS A 1957 59.00 0.00 -42.84
N ILE A 1958 58.01 0.17 -41.97
CA ILE A 1958 57.08 -0.89 -41.63
C ILE A 1958 55.76 -0.59 -42.31
N LYS A 1959 55.33 -1.51 -43.16
CA LYS A 1959 54.05 -1.41 -43.86
C LYS A 1959 52.97 -2.01 -42.97
N TYR A 1960 52.01 -1.18 -42.57
CA TYR A 1960 50.92 -1.62 -41.72
C TYR A 1960 49.66 -1.83 -42.56
N GLU A 1961 48.96 -2.93 -42.32
CA GLU A 1961 47.85 -3.35 -43.15
C GLU A 1961 46.53 -3.18 -42.41
N ASN A 1962 45.49 -2.86 -43.19
CA ASN A 1962 44.11 -2.64 -42.73
C ASN A 1962 44.02 -1.59 -41.64
N THR A 1975 36.86 -13.03 -50.46
CA THR A 1975 35.45 -12.84 -50.16
C THR A 1975 35.18 -12.99 -48.67
N ILE A 1976 36.25 -13.22 -47.90
CA ILE A 1976 36.11 -13.32 -46.46
C ILE A 1976 35.77 -11.96 -45.85
N LYS A 1977 36.37 -10.89 -46.37
CA LYS A 1977 36.07 -9.55 -45.89
C LYS A 1977 34.65 -9.12 -46.24
N THR A 1978 34.12 -9.60 -47.37
CA THR A 1978 32.75 -9.26 -47.76
C THR A 1978 31.72 -9.87 -46.81
N ILE A 1979 32.07 -10.98 -46.14
CA ILE A 1979 31.17 -11.57 -45.17
C ILE A 1979 31.44 -11.00 -43.77
N LYS A 1980 32.71 -10.67 -43.48
CA LYS A 1980 33.06 -10.06 -42.21
C LYS A 1980 32.51 -8.63 -42.08
N ASN A 1981 32.26 -7.95 -43.20
CA ASN A 1981 31.66 -6.62 -43.15
C ASN A 1981 30.24 -6.64 -42.60
N ARG A 1982 29.52 -7.75 -42.83
CA ARG A 1982 28.13 -7.84 -42.41
C ARG A 1982 27.96 -8.61 -41.11
N LEU A 1983 28.75 -9.67 -40.89
CA LEU A 1983 28.55 -10.50 -39.70
C LEU A 1983 28.93 -9.80 -38.40
N MET A 1984 29.79 -8.78 -38.45
CA MET A 1984 30.04 -7.97 -37.27
C MET A 1984 28.80 -7.15 -36.90
N THR A 1985 28.12 -6.60 -37.91
CA THR A 1985 26.88 -5.89 -37.69
C THR A 1985 25.71 -6.82 -37.39
N SER A 1986 25.88 -8.12 -37.60
CA SER A 1986 24.85 -9.08 -37.20
C SER A 1986 24.70 -9.18 -35.69
N LEU A 1987 25.73 -8.81 -34.93
CA LEU A 1987 25.70 -8.88 -33.47
C LEU A 1987 25.76 -7.47 -32.90
N THR A 1988 24.57 -6.90 -32.67
CA THR A 1988 24.44 -5.51 -32.26
C THR A 1988 24.32 -5.34 -30.76
N PHE A 1989 24.98 -6.20 -29.99
CA PHE A 1989 24.72 -6.26 -28.55
C PHE A 1989 25.83 -5.63 -27.72
N ILE A 1990 26.83 -5.03 -28.36
CA ILE A 1990 27.83 -4.24 -27.64
C ILE A 1990 27.17 -3.03 -26.99
N GLU A 1991 26.32 -2.33 -27.74
CA GLU A 1991 25.65 -1.14 -27.20
C GLU A 1991 24.53 -1.52 -26.23
N ALA A 1992 23.89 -2.67 -26.44
CA ALA A 1992 22.92 -3.18 -25.48
C ALA A 1992 23.57 -3.52 -24.15
N PHE A 1993 24.69 -4.23 -24.17
CA PHE A 1993 25.38 -4.53 -22.92
C PHE A 1993 26.05 -3.30 -22.33
N GLY A 1994 26.36 -2.29 -23.15
CA GLY A 1994 26.82 -1.02 -22.59
C GLY A 1994 25.72 -0.30 -21.83
N ASN A 1995 24.49 -0.33 -22.36
CA ASN A 1995 23.34 0.18 -21.60
C ASN A 1995 23.12 -0.62 -20.33
N LEU A 1996 23.28 -1.94 -20.39
CA LEU A 1996 23.13 -2.77 -19.18
C LEU A 1996 24.22 -2.47 -18.15
N SER A 1997 25.45 -2.22 -18.61
CA SER A 1997 26.54 -1.88 -17.71
C SER A 1997 26.31 -0.53 -17.05
N GLN A 1998 25.76 0.43 -17.79
CA GLN A 1998 25.33 1.67 -17.17
C GLN A 1998 24.14 1.48 -16.24
N GLN A 1999 23.32 0.46 -16.51
CA GLN A 1999 22.10 0.25 -15.75
C GLN A 1999 22.37 -0.37 -14.38
N ILE A 2000 23.31 -1.33 -14.31
CA ILE A 2000 23.52 -2.09 -13.07
C ILE A 2000 24.08 -1.21 -11.95
N LYS A 2001 24.85 -0.17 -12.29
CA LYS A 2001 25.61 0.64 -11.35
C LYS A 2001 24.76 1.40 -10.30
N GLU A 2002 23.44 1.35 -10.44
CA GLU A 2002 22.53 1.87 -9.43
C GLU A 2002 22.31 0.93 -8.25
N ILE A 2003 22.69 -0.35 -8.38
CA ILE A 2003 22.51 -1.30 -7.29
C ILE A 2003 23.57 -1.04 -6.21
N VAL A 2004 23.26 -1.47 -4.98
CA VAL A 2004 24.07 -1.08 -3.83
C VAL A 2004 24.42 -2.26 -2.91
N ASP A 2005 23.78 -3.42 -3.01
CA ASP A 2005 23.83 -4.43 -1.95
C ASP A 2005 25.15 -5.22 -1.90
N ASP A 2006 26.27 -4.51 -1.71
CA ASP A 2006 27.56 -5.04 -1.28
C ASP A 2006 28.09 -6.24 -2.06
N ASP A 2007 27.98 -7.43 -1.46
CA ASP A 2007 28.60 -8.61 -2.03
C ASP A 2007 27.89 -9.07 -3.29
N ILE A 2008 26.55 -9.06 -3.28
CA ILE A 2008 25.81 -9.45 -4.48
C ILE A 2008 25.92 -8.38 -5.55
N ARG A 2009 26.05 -7.11 -5.15
CA ARG A 2009 26.30 -6.02 -6.08
C ARG A 2009 27.62 -6.24 -6.81
N GLU A 2010 28.68 -6.57 -6.06
CA GLU A 2010 29.98 -6.86 -6.67
C GLU A 2010 29.93 -8.12 -7.51
N THR A 2011 29.15 -9.11 -7.08
CA THR A 2011 29.07 -10.39 -7.78
C THR A 2011 28.42 -10.23 -9.16
N MET A 2012 27.26 -9.58 -9.21
CA MET A 2012 26.61 -9.39 -10.49
C MET A 2012 27.08 -8.16 -11.24
N ASP A 2013 27.98 -7.37 -10.67
CA ASP A 2013 28.81 -6.50 -11.48
C ASP A 2013 29.89 -7.32 -12.19
N GLU A 2014 30.54 -8.22 -11.44
CA GLU A 2014 31.64 -9.02 -11.96
C GLU A 2014 31.18 -9.95 -13.07
N PHE A 2015 29.98 -10.52 -12.92
CA PHE A 2015 29.45 -11.45 -13.91
C PHE A 2015 29.24 -10.77 -15.26
N LEU A 2016 28.60 -9.60 -15.27
CA LEU A 2016 28.36 -8.98 -16.56
C LEU A 2016 29.56 -8.21 -17.11
N MET A 2017 30.51 -7.77 -16.26
CA MET A 2017 31.73 -7.25 -16.87
C MET A 2017 32.55 -8.37 -17.50
N ASN A 2018 32.52 -9.58 -16.89
CA ASN A 2018 33.12 -10.74 -17.51
C ASN A 2018 32.42 -11.08 -18.82
N ILE A 2019 31.08 -10.99 -18.84
CA ILE A 2019 30.30 -11.24 -20.05
C ILE A 2019 30.70 -10.28 -21.16
N ARG A 2020 30.73 -8.97 -20.84
CA ARG A 2020 30.99 -7.96 -21.86
C ARG A 2020 32.43 -8.03 -22.36
N ASP A 2021 33.39 -8.25 -21.46
CA ASP A 2021 34.79 -8.34 -21.87
C ASP A 2021 35.06 -9.60 -22.69
N THR A 2022 34.49 -10.75 -22.28
CA THR A 2022 34.67 -11.98 -23.04
C THR A 2022 33.97 -11.92 -24.39
N CYS A 2023 32.84 -11.21 -24.45
CA CYS A 2023 32.13 -11.09 -25.72
C CYS A 2023 32.83 -10.13 -26.66
N LEU A 2024 33.42 -9.07 -26.13
CA LEU A 2024 34.18 -8.18 -27.01
C LEU A 2024 35.49 -8.82 -27.43
N GLU A 2025 36.07 -9.69 -26.59
CA GLU A 2025 37.30 -10.37 -26.97
C GLU A 2025 37.04 -11.49 -27.96
N GLY A 2026 35.87 -12.14 -27.87
CA GLY A 2026 35.50 -13.11 -28.88
C GLY A 2026 35.21 -12.46 -30.22
N LEU A 2027 34.57 -11.29 -30.19
CA LEU A 2027 34.33 -10.48 -31.37
C LEU A 2027 35.46 -9.51 -31.68
N GLU A 2028 36.60 -9.66 -31.00
CA GLU A 2028 37.72 -8.78 -31.26
C GLU A 2028 38.32 -9.09 -32.63
N ASN A 2029 38.92 -10.28 -32.76
CA ASN A 2029 39.52 -10.69 -34.03
C ASN A 2029 39.16 -12.14 -34.30
N CYS A 2030 38.99 -12.48 -35.58
CA CYS A 2030 38.69 -13.86 -35.97
C CYS A 2030 39.16 -14.09 -37.40
N LYS A 2031 40.33 -14.69 -37.55
CA LYS A 2031 40.82 -15.20 -38.83
C LYS A 2031 40.92 -16.72 -38.84
N SER A 2032 41.20 -17.32 -37.69
CA SER A 2032 41.40 -18.76 -37.55
C SER A 2032 40.08 -19.51 -37.55
N VAL A 2033 40.12 -20.75 -37.07
CA VAL A 2033 38.97 -21.65 -37.13
C VAL A 2033 38.37 -21.75 -35.73
N GLU A 2034 37.30 -22.53 -35.59
CA GLU A 2034 36.22 -22.29 -34.63
C GLU A 2034 36.60 -22.64 -33.16
N GLU A 2035 37.89 -22.75 -32.81
CA GLU A 2035 38.22 -22.85 -31.39
C GLU A 2035 37.90 -21.56 -30.64
N TYR A 2036 37.87 -20.42 -31.34
CA TYR A 2036 37.46 -19.16 -30.73
C TYR A 2036 36.00 -19.22 -30.28
N ASP A 2037 35.11 -19.64 -31.17
CA ASP A 2037 33.71 -19.75 -30.79
C ASP A 2037 33.47 -20.91 -29.83
N SER A 2038 34.28 -21.97 -29.94
CA SER A 2038 34.17 -23.07 -28.99
C SER A 2038 34.57 -22.64 -27.58
N TYR A 2039 35.49 -21.70 -27.47
CA TYR A 2039 35.81 -21.11 -26.17
C TYR A 2039 34.73 -20.12 -25.74
N LEU A 2040 34.16 -19.39 -26.70
CA LEU A 2040 33.17 -18.37 -26.39
C LEU A 2040 31.85 -18.95 -25.91
N ASP A 2041 31.52 -20.18 -26.36
CA ASP A 2041 30.17 -20.70 -26.20
C ASP A 2041 29.81 -20.96 -24.74
N GLU A 2042 30.69 -21.65 -23.99
CA GLU A 2042 30.30 -22.13 -22.67
C GLU A 2042 30.26 -20.99 -21.65
N ASN A 2043 31.06 -19.94 -21.84
CA ASN A 2043 31.03 -18.80 -20.94
C ASN A 2043 30.26 -17.62 -21.53
N GLY A 2044 29.64 -17.77 -22.69
CA GLY A 2044 28.73 -16.76 -23.16
C GLY A 2044 27.29 -17.20 -23.05
N PHE A 2045 27.06 -18.50 -23.06
CA PHE A 2045 25.71 -19.04 -23.09
C PHE A 2045 25.30 -19.73 -21.79
N ASN A 2046 26.17 -20.56 -21.24
CA ASN A 2046 25.77 -21.43 -20.14
C ASN A 2046 26.03 -20.81 -18.77
N ASP A 2047 27.28 -20.41 -18.51
CA ASP A 2047 27.73 -20.18 -17.14
C ASP A 2047 27.15 -18.91 -16.51
N THR A 2048 26.65 -17.97 -17.31
CA THR A 2048 26.32 -16.67 -16.76
C THR A 2048 24.89 -16.23 -17.06
N VAL A 2049 24.30 -16.72 -18.14
CA VAL A 2049 22.96 -16.31 -18.52
C VAL A 2049 21.93 -16.83 -17.52
N GLU A 2050 22.01 -18.12 -17.20
CA GLU A 2050 21.08 -18.71 -16.23
C GLU A 2050 21.31 -18.16 -14.83
N LEU A 2051 22.51 -17.64 -14.54
CA LEU A 2051 22.74 -16.96 -13.26
C LEU A 2051 21.95 -15.66 -13.19
N PHE A 2052 21.90 -14.90 -14.27
CA PHE A 2052 21.08 -13.68 -14.26
C PHE A 2052 19.59 -14.00 -14.25
N GLU A 2053 19.20 -15.09 -14.91
CA GLU A 2053 17.81 -15.56 -14.84
C GLU A 2053 17.46 -15.97 -13.41
N ASN A 2054 18.41 -16.58 -12.70
CA ASN A 2054 18.22 -16.95 -11.30
C ASN A 2054 18.13 -15.71 -10.42
N LEU A 2055 19.00 -14.72 -10.67
CA LEU A 2055 19.06 -13.53 -9.84
C LEU A 2055 17.85 -12.63 -10.06
N LEU A 2056 17.19 -12.74 -11.21
CA LEU A 2056 15.93 -12.04 -11.41
C LEU A 2056 14.85 -12.59 -10.48
N ARG A 2057 14.71 -13.92 -10.43
CA ARG A 2057 13.59 -14.54 -9.75
C ARG A 2057 13.85 -14.85 -8.29
N THR A 2058 15.08 -14.68 -7.80
CA THR A 2058 15.35 -14.88 -6.40
C THR A 2058 15.70 -13.60 -5.64
N HIS A 2059 15.74 -12.46 -6.30
CA HIS A 2059 15.89 -11.20 -5.57
C HIS A 2059 14.56 -10.81 -4.95
N ASP A 2060 14.57 -10.53 -3.65
CA ASP A 2060 13.35 -10.29 -2.89
C ASP A 2060 13.24 -8.84 -2.42
N ASN A 2061 14.33 -8.23 -1.99
CA ASN A 2061 14.29 -6.87 -1.48
C ASN A 2061 14.42 -5.84 -2.60
N PHE A 2062 14.63 -6.32 -3.83
CA PHE A 2062 14.68 -5.46 -5.00
C PHE A 2062 13.46 -5.60 -5.90
N GLU A 2063 12.38 -6.20 -5.41
CA GLU A 2063 11.17 -6.40 -6.22
C GLU A 2063 10.34 -5.13 -6.35
N ASN A 2064 10.65 -4.08 -5.59
CA ASN A 2064 9.88 -2.84 -5.65
C ASN A 2064 10.78 -1.65 -6.00
N GLU A 2065 12.08 -1.89 -6.16
CA GLU A 2065 13.02 -0.80 -6.39
C GLU A 2065 13.89 -1.05 -7.62
N TYR A 2066 14.23 -2.31 -7.89
CA TYR A 2066 15.15 -2.66 -8.97
C TYR A 2066 14.64 -3.77 -9.88
N SER A 2067 13.40 -4.21 -9.70
CA SER A 2067 12.85 -5.26 -10.56
C SER A 2067 12.68 -4.85 -12.03
N PRO A 2068 12.12 -3.67 -12.39
CA PRO A 2068 12.12 -3.31 -13.83
C PRO A 2068 13.50 -3.10 -14.41
N LEU A 2069 14.49 -2.75 -13.57
CA LEU A 2069 15.87 -2.72 -14.01
C LEU A 2069 16.36 -4.11 -14.37
N PHE A 2070 16.12 -5.08 -13.48
CA PHE A 2070 16.61 -6.43 -13.65
C PHE A 2070 15.92 -7.13 -14.80
N SER A 2071 14.65 -6.82 -15.04
CA SER A 2071 13.95 -7.36 -16.20
C SER A 2071 14.58 -6.88 -17.50
N GLU A 2072 14.93 -5.59 -17.56
CA GLU A 2072 15.56 -5.06 -18.76
C GLU A 2072 16.98 -5.58 -18.92
N ILE A 2073 17.62 -6.00 -17.84
CA ILE A 2073 18.91 -6.67 -17.97
C ILE A 2073 18.74 -8.07 -18.55
N VAL A 2074 17.90 -8.90 -17.91
CA VAL A 2074 17.86 -10.31 -18.26
C VAL A 2074 17.07 -10.58 -19.55
N ASP A 2075 16.14 -9.71 -19.94
CA ASP A 2075 15.47 -9.90 -21.23
C ASP A 2075 16.44 -9.67 -22.39
N LYS A 2076 17.26 -8.64 -22.30
CA LYS A 2076 18.34 -8.45 -23.26
C LYS A 2076 19.35 -9.58 -23.20
N ALA A 2077 19.56 -10.18 -22.01
CA ALA A 2077 20.39 -11.38 -21.93
C ALA A 2077 19.76 -12.55 -22.68
N LYS A 2078 18.43 -12.69 -22.64
CA LYS A 2078 17.75 -13.74 -23.39
C LYS A 2078 17.90 -13.55 -24.89
N GLN A 2079 17.73 -12.30 -25.35
CA GLN A 2079 17.95 -12.00 -26.76
C GLN A 2079 19.39 -12.25 -27.17
N TYR A 2080 20.34 -11.92 -26.28
CA TYR A 2080 21.74 -12.18 -26.52
C TYR A 2080 22.03 -13.67 -26.64
N THR A 2081 21.39 -14.49 -25.81
CA THR A 2081 21.54 -15.95 -25.90
C THR A 2081 21.00 -16.50 -27.22
N ARG A 2082 19.81 -16.05 -27.63
CA ARG A 2082 19.23 -16.52 -28.89
C ARG A 2082 20.07 -16.14 -30.10
N ASP A 2083 20.57 -14.90 -30.14
CA ASP A 2083 21.38 -14.50 -31.28
C ASP A 2083 22.76 -15.13 -31.22
N LEU A 2084 23.25 -15.48 -30.02
CA LEU A 2084 24.46 -16.29 -29.89
C LEU A 2084 24.28 -17.64 -30.55
N GLU A 2085 23.13 -18.29 -30.29
CA GLU A 2085 22.85 -19.57 -30.93
C GLU A 2085 22.79 -19.46 -32.44
N GLY A 2086 22.13 -18.41 -32.95
CA GLY A 2086 22.03 -18.25 -34.40
C GLY A 2086 23.38 -17.99 -35.06
N PHE A 2087 24.18 -17.09 -34.49
CA PHE A 2087 25.49 -16.80 -35.04
C PHE A 2087 26.43 -17.98 -34.92
N LYS A 2088 26.30 -18.77 -33.86
CA LYS A 2088 27.11 -19.97 -33.72
C LYS A 2088 26.75 -21.02 -34.77
N GLU A 2089 25.46 -21.17 -35.08
CA GLU A 2089 25.06 -22.08 -36.15
C GLU A 2089 25.60 -21.61 -37.50
N ILE A 2090 25.61 -20.31 -37.74
CA ILE A 2090 26.21 -19.77 -38.96
C ILE A 2090 27.70 -20.10 -39.03
N LEU A 2091 28.40 -19.94 -37.90
CA LEU A 2091 29.82 -20.28 -37.82
C LEU A 2091 30.07 -21.76 -38.04
N LEU A 2092 29.22 -22.64 -37.49
CA LEU A 2092 29.35 -24.08 -37.73
C LEU A 2092 29.14 -24.41 -39.20
N MET A 2093 28.13 -23.80 -39.83
CA MET A 2093 27.83 -24.07 -41.22
C MET A 2093 28.98 -23.64 -42.13
N LEU A 2094 29.65 -22.54 -41.80
CA LEU A 2094 30.88 -22.22 -42.50
C LEU A 2094 32.00 -23.20 -42.17
N LYS A 2095 32.10 -23.64 -40.92
CA LYS A 2095 33.26 -24.42 -40.46
C LYS A 2095 33.32 -25.79 -41.11
N TYR A 2096 32.23 -26.56 -41.03
CA TYR A 2096 32.33 -27.92 -41.58
C TYR A 2096 32.27 -27.93 -43.11
N SER A 2097 31.70 -26.89 -43.72
CA SER A 2097 31.77 -26.78 -45.17
C SER A 2097 33.19 -26.47 -45.63
N LEU A 2098 33.89 -25.58 -44.91
CA LEU A 2098 35.27 -25.30 -45.27
C LEU A 2098 36.22 -26.43 -44.88
N ILE A 2099 35.80 -27.31 -43.99
CA ILE A 2099 36.60 -28.48 -43.64
C ILE A 2099 36.01 -29.71 -44.31
N MET A 2111 3.59 -21.51 -27.62
CA MET A 2111 2.49 -20.59 -27.35
C MET A 2111 1.41 -21.27 -26.53
N HIS A 2112 0.85 -22.34 -27.09
CA HIS A 2112 -0.17 -23.13 -26.42
C HIS A 2112 0.43 -24.15 -25.47
N ALA A 2113 1.75 -24.14 -25.28
CA ALA A 2113 2.40 -25.03 -24.34
C ALA A 2113 1.98 -24.74 -22.91
N VAL A 2114 1.66 -23.48 -22.60
CA VAL A 2114 1.12 -23.13 -21.29
C VAL A 2114 -0.31 -23.65 -21.15
N GLU A 2115 -1.06 -23.72 -22.25
CA GLU A 2115 -2.47 -24.09 -22.21
C GLU A 2115 -2.65 -25.60 -22.36
N LEU A 2116 -1.91 -26.34 -21.54
CA LEU A 2116 -2.08 -27.78 -21.42
C LEU A 2116 -2.41 -28.16 -19.98
N MET A 2117 -3.01 -27.23 -19.25
CA MET A 2117 -3.29 -27.39 -17.83
C MET A 2117 -4.75 -27.90 -17.74
N ALA A 2118 -5.32 -27.96 -16.53
CA ALA A 2118 -6.65 -28.46 -16.19
C ALA A 2118 -6.78 -29.96 -16.45
N LYS A 2119 -7.99 -30.48 -16.27
CA LYS A 2119 -8.26 -31.92 -16.12
C LYS A 2119 -7.32 -32.49 -15.05
N LYS A 2120 -7.42 -31.93 -13.84
CA LYS A 2120 -6.46 -32.20 -12.78
C LYS A 2120 -7.04 -33.02 -11.63
N HIS A 2121 -8.20 -33.64 -11.80
CA HIS A 2121 -8.79 -34.45 -10.73
C HIS A 2121 -8.48 -35.91 -11.01
N ILE A 2122 -7.37 -36.39 -10.47
CA ILE A 2122 -6.93 -37.76 -10.65
C ILE A 2122 -7.21 -38.53 -9.37
N GLU A 2123 -8.02 -39.58 -9.47
CA GLU A 2123 -8.36 -40.44 -8.35
C GLU A 2123 -7.95 -41.86 -8.66
N ILE A 2124 -7.32 -42.52 -7.69
CA ILE A 2124 -6.93 -43.92 -7.82
C ILE A 2124 -7.72 -44.70 -6.76
N GLY A 2125 -8.71 -45.46 -7.20
CA GLY A 2125 -9.56 -46.19 -6.27
C GLY A 2125 -10.42 -45.24 -5.45
N GLU A 2126 -10.37 -45.43 -4.13
CA GLU A 2126 -11.11 -44.56 -3.22
C GLU A 2126 -10.29 -43.36 -2.77
N PHE A 2127 -8.99 -43.35 -3.03
CA PHE A 2127 -8.11 -42.30 -2.55
C PHE A 2127 -7.79 -41.33 -3.68
N ASN A 2128 -7.83 -40.04 -3.38
CA ASN A 2128 -7.48 -39.02 -4.37
C ASN A 2128 -5.98 -38.95 -4.55
N LEU A 2129 -5.52 -38.89 -5.80
CA LEU A 2129 -4.11 -38.64 -6.09
C LEU A 2129 -3.84 -37.15 -6.26
N LEU A 2130 -4.30 -36.37 -5.28
CA LEU A 2130 -3.99 -34.96 -5.19
C LEU A 2130 -3.50 -34.66 -3.79
N GLY A 2131 -4.17 -35.28 -2.81
CA GLY A 2131 -3.77 -35.15 -1.42
C GLY A 2131 -2.79 -36.20 -0.95
N MET A 2132 -2.57 -37.25 -1.75
CA MET A 2132 -1.52 -38.22 -1.42
C MET A 2132 -0.14 -37.58 -1.48
N ILE A 2133 0.13 -36.80 -2.53
CA ILE A 2133 1.43 -36.16 -2.70
C ILE A 2133 1.67 -35.15 -1.58
N GLN A 2134 0.64 -34.36 -1.25
CA GLN A 2134 0.75 -33.36 -0.19
C GLN A 2134 0.89 -34.01 1.18
N LEU A 2135 0.12 -35.06 1.44
CA LEU A 2135 0.21 -35.77 2.71
C LEU A 2135 1.57 -36.46 2.86
N ILE A 2136 2.10 -37.00 1.76
CA ILE A 2136 3.35 -37.75 1.87
C ILE A 2136 4.55 -36.81 1.94
N LYS A 2137 4.49 -35.63 1.29
CA LYS A 2137 5.55 -34.65 1.51
C LYS A 2137 5.48 -34.06 2.91
N ALA A 2138 4.27 -33.95 3.48
CA ALA A 2138 4.17 -33.61 4.89
C ALA A 2138 4.71 -34.72 5.79
N CYS A 2139 4.52 -35.98 5.39
CA CYS A 2139 5.06 -37.12 6.12
C CYS A 2139 6.58 -37.09 6.15
N GLU A 2140 7.20 -36.81 5.00
CA GLU A 2140 8.64 -36.69 4.92
C GLU A 2140 9.14 -35.50 5.73
N THR A 2141 8.40 -34.38 5.70
CA THR A 2141 8.77 -33.23 6.51
C THR A 2141 8.69 -33.53 8.00
N CYS A 2142 7.65 -34.26 8.41
CA CYS A 2142 7.49 -34.61 9.82
C CYS A 2142 8.55 -35.59 10.28
N HIS A 2143 8.96 -36.52 9.41
CA HIS A 2143 10.03 -37.45 9.79
C HIS A 2143 11.39 -36.76 9.75
N ASN A 2144 11.55 -35.71 8.93
CA ASN A 2144 12.83 -35.03 8.83
C ASN A 2144 13.14 -34.22 10.09
N ASN A 2145 12.15 -33.49 10.60
CA ASN A 2145 12.33 -32.73 11.83
C ASN A 2145 11.96 -33.51 13.08
N ASP A 2146 11.60 -34.80 12.90
CA ASP A 2146 11.21 -35.71 13.98
C ASP A 2146 10.01 -35.17 14.76
N SER A 2147 8.88 -35.04 14.06
CA SER A 2147 7.66 -34.53 14.64
C SER A 2147 6.50 -35.44 14.27
N ILE A 2148 5.39 -35.28 14.99
CA ILE A 2148 4.20 -36.10 14.80
C ILE A 2148 3.38 -35.52 13.65
N LEU A 2149 2.78 -36.42 12.86
CA LEU A 2149 1.92 -36.00 11.76
C LEU A 2149 0.66 -35.34 12.29
N ASN A 2150 0.18 -34.33 11.56
CA ASN A 2150 -1.04 -33.63 11.94
C ASN A 2150 -2.26 -34.37 11.42
N LEU A 2151 -3.39 -34.20 12.11
CA LEU A 2151 -4.63 -34.82 11.68
C LEU A 2151 -5.16 -34.20 10.39
N ALA A 2152 -4.93 -32.89 10.20
CA ALA A 2152 -5.50 -32.18 9.06
C ALA A 2152 -4.92 -32.65 7.74
N SER A 2153 -3.68 -33.13 7.74
CA SER A 2153 -3.09 -33.73 6.55
C SER A 2153 -3.79 -35.03 6.15
N LEU A 2154 -4.49 -35.67 7.07
CA LEU A 2154 -5.33 -36.83 6.76
C LEU A 2154 -6.73 -36.44 6.31
N ARG A 2155 -7.02 -35.13 6.23
CA ARG A 2155 -8.37 -34.70 5.86
C ARG A 2155 -8.64 -34.91 4.38
N ASN A 2156 -7.66 -34.62 3.52
CA ASN A 2156 -7.85 -34.65 2.07
C ASN A 2156 -7.66 -36.05 1.47
N VAL A 2157 -7.80 -37.10 2.28
CA VAL A 2157 -7.60 -38.46 1.77
C VAL A 2157 -8.88 -38.98 1.12
N LEU A 2158 -10.02 -38.81 1.80
CA LEU A 2158 -11.28 -39.35 1.33
C LEU A 2158 -11.81 -38.59 0.12
N SER A 2159 -12.32 -39.34 -0.86
CA SER A 2159 -12.87 -38.76 -2.07
C SER A 2159 -14.27 -38.20 -1.88
N ARG A 2160 -14.98 -38.62 -0.82
CA ARG A 2160 -16.39 -38.24 -0.67
C ARG A 2160 -16.55 -36.76 -0.35
N THR A 2161 -15.57 -36.15 0.30
CA THR A 2161 -15.61 -34.71 0.53
C THR A 2161 -15.47 -33.94 -0.79
N TYR A 2162 -14.67 -34.47 -1.71
CA TYR A 2162 -14.42 -33.82 -2.98
C TYR A 2162 -15.33 -34.34 -4.08
N ALA A 2163 -16.28 -35.22 -3.77
CA ALA A 2163 -17.16 -35.80 -4.77
C ALA A 2163 -18.43 -34.98 -5.00
N THR A 2164 -18.69 -33.97 -4.17
CA THR A 2164 -19.89 -33.17 -4.31
C THR A 2164 -19.82 -32.18 -5.47
N PHE A 2165 -18.62 -31.85 -5.94
CA PHE A 2165 -18.45 -30.89 -7.03
C PHE A 2165 -17.27 -31.28 -7.88
N GLY A 2166 -17.46 -31.30 -9.19
CA GLY A 2166 -16.39 -31.56 -10.13
C GLY A 2166 -16.52 -32.94 -10.77
N ARG A 2167 -15.95 -33.05 -11.98
CA ARG A 2167 -15.97 -34.30 -12.70
C ARG A 2167 -15.01 -35.31 -12.07
N ARG A 2168 -15.43 -36.56 -12.03
CA ARG A 2168 -14.70 -37.62 -11.35
C ARG A 2168 -14.05 -38.54 -12.37
N ILE A 2169 -12.77 -38.81 -12.19
CA ILE A 2169 -12.03 -39.77 -12.99
C ILE A 2169 -11.75 -40.98 -12.11
N ARG A 2170 -12.37 -42.11 -12.45
CA ARG A 2170 -12.30 -43.33 -11.65
C ARG A 2170 -11.34 -44.29 -12.32
N LEU A 2171 -10.15 -44.44 -11.74
CA LEU A 2171 -9.13 -45.36 -12.23
C LEU A 2171 -9.08 -46.56 -11.29
N ASP A 2172 -9.40 -47.74 -11.82
CA ASP A 2172 -9.60 -48.94 -11.00
C ASP A 2172 -8.24 -49.58 -10.70
N HIS A 2173 -7.62 -49.16 -9.61
CA HIS A 2173 -6.42 -49.79 -9.09
C HIS A 2173 -6.61 -50.00 -7.59
N ASP A 2174 -6.53 -51.26 -7.16
CA ASP A 2174 -6.65 -51.57 -5.75
C ASP A 2174 -5.41 -51.10 -5.00
N LEU A 2175 -5.60 -50.76 -3.73
CA LEU A 2175 -4.51 -50.25 -2.90
C LEU A 2175 -3.64 -51.43 -2.50
N ASP A 2176 -2.70 -51.77 -3.37
CA ASP A 2176 -1.72 -52.82 -3.13
C ASP A 2176 -0.41 -52.18 -2.74
N LEU A 2177 0.13 -52.59 -1.58
CA LEU A 2177 1.37 -52.02 -1.08
C LEU A 2177 2.45 -53.06 -0.79
N GLN A 2178 2.25 -54.32 -1.19
CA GLN A 2178 3.22 -55.40 -0.92
C GLN A 2178 3.50 -56.17 -2.21
N ASN A 2179 4.46 -55.67 -3.00
CA ASN A 2179 5.05 -56.41 -4.11
C ASN A 2179 6.42 -55.80 -4.40
N ASN A 2180 7.00 -56.17 -5.56
CA ASN A 2180 8.43 -55.99 -5.79
C ASN A 2180 8.83 -54.54 -6.05
N LEU A 2181 7.99 -53.77 -6.75
CA LEU A 2181 8.40 -52.48 -7.29
C LEU A 2181 8.60 -51.40 -6.23
N MET A 2182 8.21 -51.64 -4.97
CA MET A 2182 8.56 -50.73 -3.90
C MET A 2182 10.03 -50.82 -3.51
N GLU A 2183 10.71 -51.92 -3.85
CA GLU A 2183 12.07 -52.16 -3.37
C GLU A 2183 13.12 -51.30 -4.06
N LYS A 2184 12.79 -50.64 -5.17
CA LYS A 2184 13.75 -49.86 -5.92
C LYS A 2184 13.61 -48.36 -5.69
N SER A 2185 13.21 -47.95 -4.48
CA SER A 2185 13.05 -46.53 -4.17
C SER A 2185 14.23 -45.96 -3.42
N TYR A 2186 14.74 -46.70 -2.42
CA TYR A 2186 15.87 -46.31 -1.55
C TYR A 2186 15.61 -44.96 -0.86
N ASP A 2187 14.51 -44.92 -0.09
CA ASP A 2187 14.08 -43.68 0.56
C ASP A 2187 13.85 -43.95 2.05
N PHE A 2188 14.93 -43.89 2.83
CA PHE A 2188 14.91 -43.83 4.30
C PHE A 2188 14.19 -45.04 4.91
N LYS A 2189 14.84 -46.19 4.75
CA LYS A 2189 14.30 -47.46 5.26
C LYS A 2189 14.29 -47.53 6.78
N THR A 2190 15.02 -46.65 7.46
CA THR A 2190 15.12 -46.71 8.92
C THR A 2190 13.80 -46.29 9.56
N LEU A 2191 13.32 -47.11 10.50
CA LEU A 2191 12.14 -46.79 11.29
C LEU A 2191 12.59 -46.05 12.54
N VAL A 2192 12.25 -44.77 12.65
CA VAL A 2192 12.70 -43.92 13.74
C VAL A 2192 11.48 -43.55 14.58
N LEU A 2193 11.41 -44.12 15.78
CA LEU A 2193 10.36 -43.80 16.76
C LEU A 2193 11.00 -43.55 18.12
N PRO A 2194 11.78 -42.46 18.28
CA PRO A 2194 12.53 -42.29 19.52
C PRO A 2194 11.75 -41.59 20.64
N GLU A 2195 10.47 -41.93 20.77
CA GLU A 2195 9.68 -41.55 21.94
C GLU A 2195 8.71 -42.65 22.34
N ILE A 2196 8.87 -43.86 21.78
CA ILE A 2196 7.81 -44.86 21.76
C ILE A 2196 8.36 -46.15 22.38
N LYS A 2197 7.62 -46.69 23.34
CA LYS A 2197 7.92 -47.98 23.93
C LYS A 2197 7.03 -49.03 23.28
N LEU A 2198 7.65 -50.03 22.65
CA LEU A 2198 6.93 -51.07 21.94
C LEU A 2198 6.67 -52.28 22.84
N SER A 2199 5.55 -52.95 22.58
CA SER A 2199 5.21 -54.14 23.34
C SER A 2199 6.08 -55.32 22.91
N GLU A 2200 6.04 -56.39 23.72
CA GLU A 2200 6.84 -57.57 23.43
C GLU A 2200 6.34 -58.30 22.18
N LEU A 2201 5.02 -58.34 21.99
CA LEU A 2201 4.47 -58.97 20.80
C LEU A 2201 4.81 -58.17 19.54
N SER A 2202 4.75 -56.84 19.63
CA SER A 2202 5.13 -55.99 18.51
C SER A 2202 6.61 -56.12 18.18
N ARG A 2203 7.45 -56.22 19.21
CA ARG A 2203 8.88 -56.43 18.99
C ARG A 2203 9.15 -57.80 18.37
N GLU A 2204 8.40 -58.83 18.78
CA GLU A 2204 8.53 -60.15 18.18
C GLU A 2204 8.09 -60.16 16.72
N ILE A 2205 7.02 -59.42 16.40
CA ILE A 2205 6.56 -59.30 15.03
C ILE A 2205 7.59 -58.57 14.18
N LEU A 2206 8.18 -57.50 14.71
CA LEU A 2206 9.20 -56.75 13.98
C LEU A 2206 10.47 -57.57 13.79
N LYS A 2207 10.84 -58.36 14.80
CA LYS A 2207 12.03 -59.21 14.67
C LYS A 2207 11.80 -60.37 13.71
N GLU A 2208 10.56 -60.88 13.64
CA GLU A 2208 10.23 -61.88 12.64
C GLU A 2208 10.20 -61.30 11.22
N ASN A 2209 10.01 -59.99 11.09
CA ASN A 2209 10.02 -59.31 9.81
C ASN A 2209 11.41 -58.88 9.37
N GLY A 2210 12.43 -59.11 10.20
CA GLY A 2210 13.80 -58.78 9.85
C GLY A 2210 14.33 -57.49 10.42
N PHE A 2211 13.60 -56.85 11.34
CA PHE A 2211 14.01 -55.57 11.92
C PHE A 2211 14.69 -55.79 13.25
N VAL A 2212 15.79 -55.07 13.47
CA VAL A 2212 16.53 -55.06 14.72
C VAL A 2212 16.49 -53.65 15.29
N ILE A 2213 16.14 -53.53 16.57
CA ILE A 2213 15.97 -52.23 17.21
C ILE A 2213 17.28 -51.88 17.89
N SER A 2214 18.04 -50.97 17.29
CA SER A 2214 19.24 -50.42 17.92
C SER A 2214 18.83 -49.34 18.91
N GLY A 2215 19.45 -49.36 20.09
CA GLY A 2215 19.04 -48.52 21.19
C GLY A 2215 18.90 -49.37 22.44
N GLU A 2216 18.72 -50.67 22.23
CA GLU A 2216 18.72 -51.68 23.28
C GLU A 2216 19.84 -52.68 23.04
N ASN A 2217 21.02 -52.18 22.67
CA ASN A 2217 22.16 -53.04 22.33
C ASN A 2217 22.93 -53.44 23.59
N LEU A 2218 22.23 -54.12 24.49
CA LEU A 2218 22.83 -54.59 25.74
C LEU A 2218 23.16 -56.07 25.58
N LYS A 2219 24.24 -56.33 24.84
CA LYS A 2219 24.82 -57.67 24.79
C LYS A 2219 25.44 -57.97 26.15
N MET A 2220 24.92 -58.98 26.85
CA MET A 2220 25.18 -59.12 28.28
C MET A 2220 26.40 -60.03 28.48
N ASP A 2221 27.46 -59.69 27.74
CA ASP A 2221 28.86 -60.09 27.97
C ASP A 2221 29.04 -61.60 28.12
N ARG A 2222 28.66 -62.35 27.08
CA ARG A 2222 28.72 -63.82 27.17
C ARG A 2222 29.50 -64.45 26.03
N SER A 2223 30.84 -64.41 26.13
CA SER A 2223 31.65 -65.62 26.05
C SER A 2223 33.00 -65.38 26.73
N ASP A 2224 32.99 -65.39 28.08
CA ASP A 2224 34.08 -65.72 29.00
C ASP A 2224 35.52 -65.37 28.61
N GLU A 2225 35.75 -64.35 27.76
CA GLU A 2225 37.08 -64.17 27.16
C GLU A 2225 37.27 -62.72 26.74
N GLU A 2226 38.07 -61.98 27.53
CA GLU A 2226 39.02 -60.94 27.08
C GLU A 2226 38.41 -59.93 26.11
N PHE A 2227 37.45 -59.15 26.62
CA PHE A 2227 36.87 -58.05 25.84
C PHE A 2227 37.71 -56.80 26.14
N VAL A 2228 38.70 -56.56 25.29
CA VAL A 2228 39.67 -55.48 25.48
C VAL A 2228 39.55 -54.50 24.32
N GLY A 2229 39.50 -53.21 24.65
CA GLY A 2229 39.40 -52.18 23.63
C GLY A 2229 38.30 -51.16 23.88
N LEU A 2230 37.81 -51.10 25.12
CA LEU A 2230 36.79 -50.12 25.48
C LEU A 2230 37.07 -49.48 26.84
N ALA A 2231 38.29 -49.57 27.35
CA ALA A 2231 38.65 -49.01 28.65
C ALA A 2231 39.24 -47.60 28.49
N SER A 2232 38.44 -46.72 27.90
CA SER A 2232 38.85 -45.34 27.71
C SER A 2232 37.74 -44.33 27.99
N PHE A 2233 36.64 -44.75 28.62
CA PHE A 2233 35.52 -43.88 28.91
C PHE A 2233 35.34 -43.76 30.42
N ASN A 2234 35.18 -42.53 30.91
CA ASN A 2234 34.99 -42.27 32.33
C ASN A 2234 33.51 -42.37 32.66
N VAL A 2235 33.06 -43.61 32.87
CA VAL A 2235 31.65 -43.86 33.16
C VAL A 2235 31.34 -43.54 34.63
N LEU A 2236 32.37 -43.56 35.49
CA LEU A 2236 32.15 -43.42 36.93
C LEU A 2236 31.75 -42.00 37.34
N ARG A 2237 31.96 -41.02 36.48
CA ARG A 2237 31.58 -39.63 36.76
C ARG A 2237 30.40 -39.19 35.91
N LEU A 2238 29.47 -40.10 35.66
CA LEU A 2238 28.26 -39.81 34.90
C LEU A 2238 27.05 -40.29 35.68
N ASP A 2239 25.97 -39.51 35.62
CA ASP A 2239 24.73 -39.84 36.33
C ASP A 2239 23.99 -40.93 35.59
N GLU A 2240 23.38 -41.86 36.34
CA GLU A 2240 22.62 -42.94 35.73
C GLU A 2240 21.31 -42.43 35.12
N GLU A 2241 20.72 -41.39 35.72
CA GLU A 2241 19.48 -40.83 35.19
C GLU A 2241 19.72 -40.14 33.84
N GLU A 2242 20.88 -39.50 33.68
CA GLU A 2242 21.22 -38.86 32.41
C GLU A 2242 21.40 -39.90 31.31
N MET A 2243 22.06 -41.02 31.62
CA MET A 2243 22.23 -42.08 30.63
C MET A 2243 20.89 -42.75 30.30
N TYR A 2244 20.02 -42.90 31.31
CA TYR A 2244 18.70 -43.48 31.07
C TYR A 2244 17.85 -42.55 30.20
N GLU A 2245 17.97 -41.24 30.39
CA GLU A 2245 17.25 -40.29 29.54
C GLU A 2245 17.83 -40.25 28.14
N GLY A 2246 19.15 -40.43 28.00
CA GLY A 2246 19.76 -40.38 26.69
C GLY A 2246 19.60 -41.64 25.87
N LEU A 2247 19.43 -42.79 26.53
CA LEU A 2247 19.30 -44.05 25.81
C LEU A 2247 17.94 -44.21 25.14
N ILE A 2248 16.88 -43.66 25.76
CA ILE A 2248 15.54 -43.76 25.18
C ILE A 2248 15.43 -42.90 23.93
N LYS A 2249 16.06 -41.73 23.93
CA LYS A 2249 15.92 -40.75 22.86
C LYS A 2249 16.63 -41.15 21.57
N GLU A 2250 17.40 -42.23 21.56
CA GLU A 2250 18.06 -42.68 20.33
C GLU A 2250 17.64 -44.10 19.97
N MET A 2251 16.35 -44.38 20.04
CA MET A 2251 15.80 -45.69 19.71
C MET A 2251 15.45 -45.70 18.23
N LYS A 2252 16.22 -46.46 17.44
CA LYS A 2252 16.02 -46.51 15.99
C LYS A 2252 15.95 -47.97 15.53
N ILE A 2253 14.99 -48.28 14.67
CA ILE A 2253 14.79 -49.64 14.18
C ILE A 2253 15.37 -49.71 12.77
N LYS A 2254 16.37 -50.57 12.59
CA LYS A 2254 17.05 -50.73 11.30
C LYS A 2254 16.90 -52.16 10.81
N ARG A 2255 16.94 -52.34 9.49
CA ARG A 2255 16.81 -53.66 8.90
C ARG A 2255 18.17 -54.23 8.53
N LYS A 2256 18.25 -55.56 8.56
CA LYS A 2256 19.48 -56.28 8.28
C LYS A 2256 19.42 -57.16 7.04
N LYS A 2257 18.23 -57.44 6.51
CA LYS A 2257 18.07 -58.33 5.36
C LYS A 2257 17.16 -57.68 4.33
N LYS A 2258 17.33 -58.11 3.08
CA LYS A 2258 16.53 -57.60 1.96
C LYS A 2258 15.27 -58.44 1.81
N GLY A 2259 14.38 -58.30 2.79
CA GLY A 2259 13.11 -59.00 2.80
C GLY A 2259 12.04 -58.23 2.07
N PHE A 2260 10.79 -58.66 2.30
CA PHE A 2260 9.63 -58.05 1.65
C PHE A 2260 8.99 -56.98 2.54
N LEU A 2261 9.80 -56.01 2.94
CA LEU A 2261 9.32 -54.79 3.55
C LEU A 2261 10.04 -53.61 2.93
N PHE A 2262 9.36 -52.47 2.88
CA PHE A 2262 9.65 -51.46 1.89
C PHE A 2262 9.83 -50.08 2.52
N PRO A 2263 10.62 -49.20 1.87
CA PRO A 2263 10.81 -47.85 2.43
C PRO A 2263 9.55 -47.02 2.55
N ALA A 2264 8.62 -47.14 1.60
CA ALA A 2264 7.41 -46.31 1.62
C ALA A 2264 6.47 -46.73 2.74
N ASN A 2265 6.29 -48.04 2.92
CA ASN A 2265 5.41 -48.53 3.98
C ASN A 2265 5.98 -48.22 5.36
N THR A 2266 7.29 -48.33 5.54
CA THR A 2266 7.90 -47.97 6.82
C THR A 2266 7.83 -46.46 7.05
N LEU A 2267 8.04 -45.67 6.00
CA LEU A 2267 7.98 -44.21 6.11
C LEU A 2267 6.57 -43.74 6.47
N LEU A 2268 5.55 -44.38 5.91
CA LEU A 2268 4.18 -44.09 6.33
C LEU A 2268 3.91 -44.58 7.74
N LEU A 2269 4.36 -45.81 8.05
CA LEU A 2269 3.98 -46.48 9.29
C LEU A 2269 4.60 -45.82 10.51
N SER A 2270 5.78 -45.21 10.36
CA SER A 2270 6.38 -44.49 11.47
C SER A 2270 5.51 -43.32 11.92
N GLU A 2271 5.02 -42.54 10.96
CA GLU A 2271 4.15 -41.43 11.31
C GLU A 2271 2.76 -41.89 11.72
N LEU A 2272 2.29 -43.03 11.17
CA LEU A 2272 1.00 -43.58 11.61
C LEU A 2272 1.06 -44.04 13.07
N ILE A 2273 2.16 -44.70 13.47
CA ILE A 2273 2.32 -45.13 14.85
C ILE A 2273 2.51 -43.93 15.77
N LYS A 2274 3.26 -42.92 15.31
CA LYS A 2274 3.46 -41.70 16.10
C LYS A 2274 2.14 -40.95 16.30
N PHE A 2275 1.31 -40.87 15.26
CA PHE A 2275 0.01 -40.23 15.41
C PHE A 2275 -0.96 -41.10 16.22
N LEU A 2276 -0.76 -42.42 16.20
CA LEU A 2276 -1.61 -43.31 16.98
C LEU A 2276 -1.32 -43.17 18.48
N ILE A 2277 -0.05 -43.00 18.85
CA ILE A 2277 0.31 -42.93 20.25
C ILE A 2277 0.24 -41.50 20.78
N GLY A 2278 0.79 -40.54 20.04
CA GLY A 2278 0.82 -39.17 20.51
C GLY A 2278 -0.42 -38.37 20.13
N GLY A 2279 -0.87 -38.51 18.89
CA GLY A 2279 -2.01 -37.73 18.43
C GLY A 2279 -3.33 -38.13 19.07
N ILE A 2280 -3.52 -39.43 19.30
CA ILE A 2280 -4.73 -39.95 19.92
C ILE A 2280 -4.34 -40.90 21.05
N LYS A 2281 -5.35 -41.35 21.80
CA LYS A 2281 -5.12 -42.23 22.94
C LYS A 2281 -5.14 -43.69 22.48
N GLY A 2282 -4.10 -44.06 21.72
CA GLY A 2282 -3.98 -45.41 21.25
C GLY A 2282 -3.41 -46.36 22.29
N THR A 2283 -3.70 -47.64 22.12
CA THR A 2283 -3.20 -48.69 23.00
C THR A 2283 -2.25 -49.61 22.24
N SER A 2284 -1.59 -50.50 23.00
CA SER A 2284 -0.63 -51.42 22.40
C SER A 2284 -1.33 -52.48 21.55
N PHE A 2285 -2.57 -52.83 21.88
CA PHE A 2285 -3.33 -53.77 21.05
C PHE A 2285 -3.66 -53.15 19.70
N ASP A 2286 -3.90 -51.84 19.66
CA ASP A 2286 -4.10 -51.15 18.39
C ASP A 2286 -2.82 -51.14 17.57
N ILE A 2287 -1.66 -51.01 18.24
CA ILE A 2287 -0.37 -51.09 17.56
C ILE A 2287 -0.17 -52.48 16.98
N GLU A 2288 -0.51 -53.52 17.73
CA GLU A 2288 -0.40 -54.89 17.24
C GLU A 2288 -1.33 -55.15 16.07
N THR A 2289 -2.56 -54.59 16.14
CA THR A 2289 -3.50 -54.72 15.03
C THR A 2289 -3.00 -54.02 13.77
N LEU A 2290 -2.42 -52.82 13.94
CA LEU A 2290 -1.87 -52.10 12.78
C LEU A 2290 -0.67 -52.83 12.18
N LEU A 2291 0.19 -53.38 13.03
CA LEU A 2291 1.34 -54.14 12.52
C LEU A 2291 0.90 -55.42 11.83
N ARG A 2292 -0.13 -56.09 12.35
CA ARG A 2292 -0.65 -57.29 11.71
C ARG A 2292 -1.31 -56.97 10.37
N ASN A 2293 -2.04 -55.85 10.30
CA ASN A 2293 -2.64 -55.44 9.04
C ASN A 2293 -1.60 -54.93 8.04
N SER A 2294 -0.44 -54.46 8.52
CA SER A 2294 0.60 -53.99 7.63
C SER A 2294 1.55 -55.08 7.16
N PHE A 2295 1.74 -56.13 7.96
CA PHE A 2295 2.73 -57.17 7.63
C PHE A 2295 2.11 -58.50 7.25
N ARG A 2296 1.02 -58.93 7.91
CA ARG A 2296 0.47 -60.27 7.74
C ARG A 2296 -0.96 -60.17 7.20
N PRO A 2297 -1.14 -60.22 5.88
CA PRO A 2297 -2.49 -60.16 5.31
C PRO A 2297 -3.28 -61.46 5.45
N ASP A 2298 -2.64 -62.58 5.77
CA ASP A 2298 -3.33 -63.85 5.91
C ASP A 2298 -4.06 -63.99 7.24
N ILE A 2299 -3.73 -63.15 8.22
CA ILE A 2299 -4.37 -63.19 9.54
C ILE A 2299 -5.47 -62.13 9.56
N PHE A 2300 -6.69 -62.55 9.84
CA PHE A 2300 -7.86 -61.67 9.81
C PHE A 2300 -8.04 -61.06 11.21
N SER A 2301 -7.40 -59.92 11.43
CA SER A 2301 -7.60 -59.14 12.65
C SER A 2301 -8.78 -58.19 12.40
N THR A 2302 -9.98 -58.70 12.63
CA THR A 2302 -11.20 -58.01 12.23
C THR A 2302 -11.56 -56.93 13.25
N ASP A 2303 -11.14 -55.70 12.94
CA ASP A 2303 -11.57 -54.47 13.63
C ASP A 2303 -11.22 -54.50 15.12
N ARG A 2304 -9.92 -54.53 15.41
CA ARG A 2304 -9.42 -54.53 16.78
C ARG A 2304 -8.65 -53.24 17.08
N LEU A 2305 -9.14 -52.11 16.58
CA LEU A 2305 -8.50 -50.83 16.86
C LEU A 2305 -9.16 -50.09 18.02
N GLY A 2306 -10.28 -50.58 18.53
CA GLY A 2306 -10.81 -50.11 19.80
C GLY A 2306 -11.52 -48.78 19.79
N ARG A 2307 -10.89 -47.77 20.39
CA ARG A 2307 -11.59 -46.55 20.76
C ARG A 2307 -11.86 -45.65 19.55
N LEU A 2308 -10.99 -45.69 18.54
CA LEU A 2308 -11.13 -44.78 17.40
C LEU A 2308 -12.30 -45.20 16.50
N SER A 2309 -12.43 -46.51 16.24
CA SER A 2309 -13.54 -47.01 15.43
C SER A 2309 -14.87 -46.77 16.12
N SER A 2310 -14.92 -46.93 17.45
CA SER A 2310 -16.10 -46.58 18.21
C SER A 2310 -16.33 -45.07 18.22
N SER A 2311 -15.26 -44.29 18.12
CA SER A 2311 -15.35 -42.84 18.09
C SER A 2311 -15.72 -42.28 16.72
N VAL A 2312 -15.70 -43.13 15.68
CA VAL A 2312 -16.10 -42.67 14.34
C VAL A 2312 -17.54 -42.16 14.31
N PRO A 2313 -18.56 -42.89 14.79
CA PRO A 2313 -19.92 -42.30 14.72
C PRO A 2313 -20.20 -41.30 15.82
N ALA A 2314 -19.48 -41.38 16.95
CA ALA A 2314 -19.82 -40.58 18.12
C ALA A 2314 -19.59 -39.10 17.87
N LEU A 2315 -18.47 -38.74 17.22
CA LEU A 2315 -18.21 -37.34 16.91
C LEU A 2315 -19.15 -36.83 15.82
N LYS A 2316 -19.60 -37.72 14.93
CA LYS A 2316 -20.61 -37.32 13.95
C LYS A 2316 -21.94 -37.01 14.62
N VAL A 2317 -22.32 -37.81 15.62
CA VAL A 2317 -23.54 -37.52 16.37
C VAL A 2317 -23.40 -36.23 17.18
N TYR A 2318 -22.19 -36.01 17.74
CA TYR A 2318 -21.89 -34.76 18.45
C TYR A 2318 -22.03 -33.55 17.52
N ALA A 2319 -21.50 -33.68 16.30
CA ALA A 2319 -21.62 -32.62 15.31
C ALA A 2319 -23.06 -32.43 14.86
N THR A 2320 -23.83 -33.51 14.78
CA THR A 2320 -25.24 -33.41 14.45
C THR A 2320 -25.98 -32.60 15.52
N VAL A 2321 -25.68 -32.87 16.79
CA VAL A 2321 -26.32 -32.13 17.88
C VAL A 2321 -25.88 -30.68 17.86
N TYR A 2322 -24.61 -30.42 17.54
CA TYR A 2322 -24.12 -29.04 17.52
C TYR A 2322 -24.73 -28.24 16.38
N MET A 2323 -24.91 -28.86 15.20
CA MET A 2323 -25.64 -28.19 14.12
C MET A 2323 -27.10 -27.98 14.49
N GLU A 2324 -27.73 -28.97 15.14
CA GLU A 2324 -29.13 -28.84 15.48
C GLU A 2324 -29.41 -27.84 16.60
N TYR A 2325 -28.40 -27.52 17.41
CA TYR A 2325 -28.59 -26.57 18.50
C TYR A 2325 -27.86 -25.25 18.30
N LYS A 2326 -27.05 -25.10 17.25
CA LYS A 2326 -26.30 -23.87 17.07
C LYS A 2326 -26.46 -23.28 15.67
N ASN A 2327 -26.66 -24.14 14.67
CA ASN A 2327 -26.67 -23.82 13.24
C ASN A 2327 -25.37 -23.15 12.78
N VAL A 2328 -24.26 -23.43 13.46
CA VAL A 2328 -22.95 -22.89 13.11
C VAL A 2328 -22.04 -24.06 12.79
N ASN A 2329 -21.27 -23.93 11.69
CA ASN A 2329 -20.39 -25.00 11.25
C ASN A 2329 -19.28 -25.25 12.25
N CYS A 2330 -19.06 -26.53 12.58
CA CYS A 2330 -18.03 -26.94 13.52
C CYS A 2330 -17.29 -28.12 12.90
N PRO A 2331 -15.96 -28.20 13.05
CA PRO A 2331 -15.20 -29.26 12.37
C PRO A 2331 -15.19 -30.60 13.09
N LEU A 2332 -16.13 -30.83 14.02
CA LEU A 2332 -16.22 -32.11 14.71
C LEU A 2332 -16.53 -33.24 13.74
N ASN A 2333 -17.47 -33.01 12.82
CA ASN A 2333 -17.70 -33.95 11.73
C ASN A 2333 -16.48 -34.09 10.84
N GLU A 2334 -15.76 -32.98 10.61
CA GLU A 2334 -14.55 -33.03 9.80
C GLU A 2334 -13.43 -33.77 10.51
N ILE A 2335 -13.32 -33.63 11.84
CA ILE A 2335 -12.34 -34.40 12.61
C ILE A 2335 -12.66 -35.89 12.57
N ALA A 2336 -13.95 -36.23 12.72
CA ALA A 2336 -14.37 -37.62 12.63
C ALA A 2336 -14.12 -38.20 11.25
N ASP A 2337 -14.37 -37.41 10.20
CA ASP A 2337 -14.12 -37.87 8.84
C ASP A 2337 -12.63 -38.01 8.56
N SER A 2338 -11.80 -37.14 9.15
CA SER A 2338 -10.36 -37.24 8.95
C SER A 2338 -9.81 -38.48 9.64
N LEU A 2339 -10.28 -38.79 10.85
CA LEU A 2339 -9.81 -40.01 11.50
C LEU A 2339 -10.41 -41.25 10.84
N GLU A 2340 -11.58 -41.13 10.24
CA GLU A 2340 -12.12 -42.22 9.44
C GLU A 2340 -11.28 -42.47 8.19
N GLY A 2341 -10.81 -41.39 7.55
CA GLY A 2341 -9.88 -41.55 6.44
C GLY A 2341 -8.54 -42.11 6.88
N TYR A 2342 -8.13 -41.79 8.10
CA TYR A 2342 -6.96 -42.43 8.69
C TYR A 2342 -7.16 -43.93 8.85
N LEU A 2343 -8.37 -44.35 9.25
CA LEU A 2343 -8.67 -45.78 9.31
C LEU A 2343 -8.72 -46.40 7.92
N LYS A 2344 -9.20 -45.64 6.93
CA LYS A 2344 -9.16 -46.10 5.55
C LYS A 2344 -7.74 -46.24 5.03
N LEU A 2345 -6.80 -45.46 5.57
CA LEU A 2345 -5.39 -45.70 5.26
C LEU A 2345 -4.92 -47.04 5.83
N THR A 2346 -5.47 -47.44 6.98
CA THR A 2346 -5.07 -48.68 7.63
C THR A 2346 -5.86 -49.89 7.16
N LYS A 2347 -6.74 -49.71 6.16
CA LYS A 2347 -7.59 -50.77 5.59
C LYS A 2347 -8.48 -51.42 6.65
N SER A 2348 -9.03 -50.60 7.55
CA SER A 2348 -9.91 -51.07 8.60
C SER A 2348 -11.28 -50.40 8.47
N ARG A 2349 -12.31 -51.13 8.84
CA ARG A 2349 -13.69 -50.66 8.73
C ARG A 2349 -14.22 -50.22 10.08
N SER A 2350 -14.98 -49.12 10.07
CA SER A 2350 -15.57 -48.59 11.29
C SER A 2350 -16.99 -49.10 11.46
N LYS A 2351 -17.38 -49.29 12.73
CA LYS A 2351 -18.69 -49.82 13.05
C LYS A 2351 -19.77 -48.76 12.88
N GLU A 2352 -20.97 -49.21 12.51
CA GLU A 2352 -22.22 -48.44 12.51
C GLU A 2352 -22.13 -47.20 11.61
N HIS A 2353 -22.01 -47.49 10.31
CA HIS A 2353 -21.86 -46.44 9.30
C HIS A 2353 -23.14 -45.64 9.06
N PHE A 2354 -24.29 -46.09 9.56
CA PHE A 2354 -25.56 -45.47 9.21
C PHE A 2354 -26.26 -44.84 10.40
N LEU A 2355 -25.51 -44.10 11.23
CA LEU A 2355 -26.08 -43.46 12.41
C LEU A 2355 -26.32 -41.96 12.27
N SER A 2356 -25.52 -41.27 11.46
CA SER A 2356 -25.58 -39.80 11.42
C SER A 2356 -26.87 -39.31 10.77
N GLY A 2357 -27.27 -39.93 9.66
CA GLY A 2357 -28.52 -39.53 9.01
C GLY A 2357 -29.75 -39.85 9.85
N ARG A 2358 -29.73 -41.00 10.54
CA ARG A 2358 -30.83 -41.36 11.42
C ARG A 2358 -30.95 -40.40 12.61
N VAL A 2359 -29.81 -40.00 13.18
CA VAL A 2359 -29.81 -39.05 14.28
C VAL A 2359 -30.28 -37.67 13.81
N LYS A 2360 -29.85 -37.26 12.61
CA LYS A 2360 -30.29 -35.98 12.06
C LYS A 2360 -31.79 -35.98 11.79
N LYS A 2361 -32.31 -37.07 11.22
CA LYS A 2361 -33.75 -37.17 10.97
C LYS A 2361 -34.53 -37.22 12.28
N ALA A 2362 -33.99 -37.91 13.30
CA ALA A 2362 -34.64 -37.96 14.60
C ALA A 2362 -34.69 -36.59 15.25
N LEU A 2363 -33.61 -35.80 15.13
CA LEU A 2363 -33.61 -34.47 15.73
C LEU A 2363 -34.51 -33.50 14.96
N ILE A 2364 -34.59 -33.67 13.63
CA ILE A 2364 -35.52 -32.87 12.83
C ILE A 2364 -36.96 -33.21 13.21
N GLN A 2365 -37.26 -34.50 13.43
CA GLN A 2365 -38.57 -34.89 13.91
C GLN A 2365 -38.82 -34.40 15.34
N LEU A 2366 -37.78 -34.33 16.16
CA LEU A 2366 -37.93 -33.81 17.52
C LEU A 2366 -38.18 -32.31 17.53
N ARG A 2367 -37.75 -31.60 16.48
CA ARG A 2367 -38.11 -30.19 16.34
C ARG A 2367 -39.61 -30.02 16.16
N ASP A 2368 -40.26 -30.97 15.48
CA ASP A 2368 -41.70 -30.94 15.27
C ASP A 2368 -42.45 -31.90 16.17
N GLU A 2369 -41.79 -32.54 17.12
CA GLU A 2369 -42.43 -33.49 18.01
C GLU A 2369 -43.15 -32.76 19.13
N GLN A 2370 -44.43 -33.06 19.32
CA GLN A 2370 -45.20 -32.53 20.45
C GLN A 2370 -45.23 -33.47 21.64
N SER A 2371 -44.60 -34.65 21.52
CA SER A 2371 -44.64 -35.64 22.59
C SER A 2371 -43.60 -35.33 23.65
N ARG A 2372 -44.02 -35.35 24.91
CA ARG A 2372 -43.10 -35.12 26.01
C ARG A 2372 -42.20 -36.33 26.25
N THR A 2373 -42.77 -37.54 26.23
CA THR A 2373 -42.03 -38.74 26.60
C THR A 2373 -41.06 -39.20 25.51
N LYS A 2374 -41.41 -38.99 24.24
CA LYS A 2374 -40.54 -39.40 23.15
C LYS A 2374 -39.24 -38.60 23.12
N LYS A 2375 -39.31 -37.31 23.47
CA LYS A 2375 -38.11 -36.49 23.58
C LYS A 2375 -37.18 -37.02 24.67
N LEU A 2376 -37.74 -37.40 25.81
CA LEU A 2376 -36.94 -37.97 26.89
C LEU A 2376 -36.33 -39.31 26.48
N GLU A 2377 -37.09 -40.14 25.76
CA GLU A 2377 -36.57 -41.43 25.31
C GLU A 2377 -35.43 -41.26 24.31
N VAL A 2378 -35.58 -40.34 23.36
CA VAL A 2378 -34.52 -40.12 22.37
C VAL A 2378 -33.29 -39.50 23.02
N TYR A 2379 -33.49 -38.57 23.97
CA TYR A 2379 -32.35 -37.96 24.65
C TYR A 2379 -31.65 -38.96 25.57
N LYS A 2380 -32.39 -39.88 26.18
CA LYS A 2380 -31.77 -40.93 26.98
C LYS A 2380 -30.99 -41.90 26.09
N ASP A 2381 -31.52 -42.19 24.89
CA ASP A 2381 -30.79 -43.01 23.94
C ASP A 2381 -29.50 -42.34 23.48
N ILE A 2382 -29.56 -41.02 23.24
CA ILE A 2382 -28.38 -40.26 22.86
C ILE A 2382 -27.35 -40.25 23.99
N ALA A 2383 -27.82 -40.06 25.23
CA ALA A 2383 -26.93 -40.09 26.39
C ALA A 2383 -26.28 -41.44 26.58
N ASN A 2384 -27.03 -42.53 26.39
CA ASN A 2384 -26.46 -43.87 26.50
C ASN A 2384 -25.46 -44.15 25.39
N PHE A 2385 -25.73 -43.68 24.17
CA PHE A 2385 -24.78 -43.87 23.07
C PHE A 2385 -23.50 -43.07 23.30
N LEU A 2386 -23.62 -41.84 23.82
CA LEU A 2386 -22.43 -41.03 24.06
C LEU A 2386 -21.65 -41.52 25.28
N ALA A 2387 -22.32 -42.18 26.23
CA ALA A 2387 -21.60 -42.79 27.34
C ALA A 2387 -20.91 -44.09 26.92
N ARG A 2388 -21.53 -44.86 26.02
CA ARG A 2388 -20.96 -46.13 25.60
C ARG A 2388 -19.78 -45.96 24.65
N HIS A 2389 -19.70 -44.83 23.96
CA HIS A 2389 -18.61 -44.60 23.00
C HIS A 2389 -17.67 -43.54 23.54
N PRO A 2390 -16.48 -43.91 24.02
CA PRO A 2390 -15.57 -42.92 24.58
C PRO A 2390 -14.84 -42.14 23.50
N LEU A 2391 -14.25 -41.02 23.93
CA LEU A 2391 -13.47 -40.16 23.05
C LEU A 2391 -11.99 -40.31 23.40
N CYS A 2392 -11.17 -40.57 22.37
CA CYS A 2392 -9.75 -40.87 22.56
C CYS A 2392 -8.84 -39.78 22.00
N LEU A 2393 -9.31 -38.53 21.95
CA LEU A 2393 -8.47 -37.44 21.51
C LEU A 2393 -7.44 -37.11 22.59
N SER A 2394 -6.19 -36.96 22.19
CA SER A 2394 -5.09 -36.77 23.13
C SER A 2394 -4.83 -35.30 23.39
N GLU A 2395 -4.01 -35.03 24.39
CA GLU A 2395 -3.67 -33.67 24.76
C GLU A 2395 -2.72 -33.01 23.76
N LYS A 2396 -2.00 -33.82 22.97
CA LYS A 2396 -1.10 -33.30 21.96
C LYS A 2396 -1.78 -33.10 20.61
N THR A 2397 -3.09 -33.32 20.54
CA THR A 2397 -3.81 -33.21 19.27
C THR A 2397 -3.94 -31.74 18.88
N LEU A 2398 -3.51 -31.43 17.66
CA LEU A 2398 -3.68 -30.11 17.08
C LEU A 2398 -4.30 -30.28 15.70
N TYR A 2399 -5.47 -29.68 15.49
CA TYR A 2399 -6.15 -29.73 14.20
C TYR A 2399 -6.12 -28.33 13.61
N GLY A 2400 -5.25 -28.13 12.63
CA GLY A 2400 -5.11 -26.84 11.99
C GLY A 2400 -4.62 -25.77 12.94
N ARG A 2401 -5.51 -24.87 13.32
CA ARG A 2401 -5.27 -23.90 14.37
C ARG A 2401 -6.07 -24.18 15.63
N TYR A 2402 -6.89 -25.23 15.63
CA TYR A 2402 -7.65 -25.62 16.81
C TYR A 2402 -6.86 -26.63 17.63
N THR A 2403 -6.65 -26.32 18.90
CA THR A 2403 -5.93 -27.19 19.80
C THR A 2403 -6.88 -28.26 20.34
N TYR A 2404 -6.35 -29.10 21.23
CA TYR A 2404 -7.21 -30.07 21.91
C TYR A 2404 -8.19 -29.39 22.84
N SER A 2405 -7.81 -28.24 23.41
CA SER A 2405 -8.69 -27.51 24.32
C SER A 2405 -9.92 -26.97 23.62
N ASP A 2406 -9.79 -26.55 22.36
CA ASP A 2406 -10.95 -26.05 21.62
C ASP A 2406 -11.95 -27.17 21.30
N ILE A 2407 -11.44 -28.34 20.90
CA ILE A 2407 -12.31 -29.48 20.63
C ILE A 2407 -12.95 -29.97 21.93
N ASN A 2408 -12.20 -29.92 23.03
CA ASN A 2408 -12.77 -30.26 24.33
C ASN A 2408 -13.83 -29.26 24.76
N ASP A 2409 -13.65 -27.99 24.40
CA ASP A 2409 -14.68 -26.98 24.66
C ASP A 2409 -15.95 -27.26 23.86
N TYR A 2410 -15.78 -27.70 22.61
CA TYR A 2410 -16.94 -28.08 21.81
C TYR A 2410 -17.65 -29.30 22.40
N ILE A 2411 -16.89 -30.30 22.86
CA ILE A 2411 -17.46 -31.49 23.48
C ILE A 2411 -18.20 -31.12 24.77
N MET A 2412 -17.59 -30.24 25.58
CA MET A 2412 -18.20 -29.80 26.82
C MET A 2412 -19.48 -29.00 26.57
N GLN A 2413 -19.48 -28.16 25.53
CA GLN A 2413 -20.68 -27.42 25.15
C GLN A 2413 -21.80 -28.35 24.70
N THR A 2414 -21.46 -29.37 23.91
CA THR A 2414 -22.47 -30.32 23.44
C THR A 2414 -23.05 -31.13 24.58
N ARG A 2415 -22.19 -31.58 25.50
CA ARG A 2415 -22.66 -32.33 26.65
C ARG A 2415 -23.47 -31.46 27.60
N GLU A 2416 -23.09 -30.18 27.75
CA GLU A 2416 -23.85 -29.25 28.56
C GLU A 2416 -25.23 -28.99 27.97
N ILE A 2417 -25.32 -28.84 26.65
CA ILE A 2417 -26.60 -28.62 25.99
C ILE A 2417 -27.50 -29.84 26.14
N ILE A 2418 -26.94 -31.04 25.93
CA ILE A 2418 -27.73 -32.28 26.04
C ILE A 2418 -28.19 -32.51 27.49
N LEU A 2419 -27.30 -32.29 28.46
CA LEU A 2419 -27.67 -32.45 29.87
C LEU A 2419 -28.66 -31.38 30.32
N SER A 2420 -28.56 -30.16 29.78
CA SER A 2420 -29.52 -29.12 30.10
C SER A 2420 -30.90 -29.45 29.55
N LYS A 2421 -30.96 -30.00 28.33
CA LYS A 2421 -32.24 -30.44 27.78
C LYS A 2421 -32.83 -31.59 28.58
N ILE A 2422 -31.98 -32.52 29.02
CA ILE A 2422 -32.43 -33.65 29.84
C ILE A 2422 -32.97 -33.16 31.19
N SER A 2423 -32.26 -32.22 31.83
CA SER A 2423 -32.68 -31.70 33.12
C SER A 2423 -33.93 -30.83 32.99
N GLU A 2424 -34.09 -30.15 31.86
CA GLU A 2424 -35.31 -29.38 31.62
C GLU A 2424 -36.51 -30.28 31.39
N LEU A 2425 -36.30 -31.40 30.68
CA LEU A 2425 -37.41 -32.30 30.42
C LEU A 2425 -37.72 -33.21 31.60
N ASP A 2426 -36.71 -33.83 32.20
CA ASP A 2426 -36.90 -34.75 33.31
C ASP A 2426 -36.98 -33.96 34.60
N GLU A 2427 -38.12 -34.04 35.28
CA GLU A 2427 -38.35 -33.34 36.53
C GLU A 2427 -38.44 -34.37 37.66
N VAL A 2428 -37.29 -34.74 38.20
CA VAL A 2428 -37.19 -35.53 39.42
C VAL A 2428 -36.59 -34.60 40.46
N VAL A 2429 -37.28 -34.43 41.59
CA VAL A 2429 -37.05 -33.29 42.46
C VAL A 2429 -35.81 -33.50 43.33
N GLU A 2430 -34.67 -33.03 42.83
CA GLU A 2430 -33.43 -32.78 43.60
C GLU A 2430 -32.92 -34.03 44.31
N THR A 2431 -32.68 -35.08 43.53
CA THR A 2431 -32.22 -36.34 44.11
C THR A 2431 -30.70 -36.48 44.12
N ASP A 2432 -30.03 -35.43 44.60
CA ASP A 2432 -28.59 -35.39 44.90
C ASP A 2432 -27.72 -35.82 43.72
N GLU A 2433 -27.78 -35.02 42.65
CA GLU A 2433 -27.06 -35.32 41.43
C GLU A 2433 -25.61 -34.82 41.46
N ASP A 2434 -25.19 -34.16 42.53
CA ASP A 2434 -23.83 -33.65 42.65
C ASP A 2434 -22.85 -34.68 43.22
N ASN A 2435 -23.34 -35.87 43.60
CA ASN A 2435 -22.48 -36.89 44.18
C ASN A 2435 -22.30 -38.11 43.29
N PHE A 2436 -23.05 -38.23 42.21
CA PHE A 2436 -22.94 -39.38 41.32
C PHE A 2436 -21.99 -39.13 40.15
N LEU A 2437 -21.97 -37.90 39.62
CA LEU A 2437 -21.10 -37.60 38.50
C LEU A 2437 -19.65 -37.50 38.92
N LEU A 2438 -19.39 -37.07 40.16
CA LEU A 2438 -18.02 -36.98 40.66
C LEU A 2438 -17.43 -38.38 40.87
N SER A 2439 -18.24 -39.32 41.37
CA SER A 2439 -17.77 -40.68 41.56
C SER A 2439 -17.60 -41.41 40.23
N TYR A 2440 -18.44 -41.09 39.24
CA TYR A 2440 -18.32 -41.74 37.93
C TYR A 2440 -17.09 -41.24 37.18
N LEU A 2441 -16.77 -39.96 37.30
CA LEU A 2441 -15.61 -39.40 36.61
C LEU A 2441 -14.32 -39.77 37.33
#